data_9S6B
#
_entry.id   9S6B
#
_cell.length_a   71.042
_cell.length_b   98.283
_cell.length_c   98.902
_cell.angle_alpha   105.510
_cell.angle_beta   103.190
_cell.angle_gamma   100.390
#
_symmetry.space_group_name_H-M   'P 1'
#
loop_
_entity.id
_entity.type
_entity.pdbx_description
1 polymer 'Acylamino-acid-releasing enzyme'
2 non-polymer "(2R,2'R)-3,3'-oxydipropane-1,2-diol"
3 water water
#
_entity_poly.entity_id   1
_entity_poly.type   'polypeptide(L)'
_entity_poly.pdbx_seq_one_letter_code
;MRIIMPVEFSRIVRDVERLIAVEKYSLQGVVDGDKLLVVGFSEGSVNAYLYDGGETVKLNREPINSVLDPHYGVGRVILV
RDVSKGAEQHALFKVNTSRPGEEQRLEAVKPMRILSGVDTGEAVVFTGATEDRVALYALDGGGLRELARLPGFGFVSDIR
GDLIAGLGFFGGGRVSLFTSNLSSGGLRVFDSGEGSFSSASISPGMKVTAGLETAREARLVTVDPRDGSVEDLELPSKDF
SSYRPTAITWLGYLPDGRLAVVARREGRSAVFIDGERVEAPQGNHGRVVLWRGKLVTSHTSLSTPPRIVSLPSGEPLLEG
GLPEDLRRSIAGSRLVWVESFDGSRVPTYVLESGRAPTPGPTVVLVHGGPFAEDSDSWDTFAASLAAAGFHVVMPNYRGS
TGYGEEWRLKIIGDPCGGELEDVSAAARWARESGLASELYIMGYSYGGYMTLCALTMKPGLFKAGVAGASVVDWEEMYEL
SDAAFRNFIEQLTGGSREIMRSRSPINHVDRIKEPLALIHPQNASRTPLKPLLRLMGELLARGKTFEAHIIPDAGHAINT
MEDAVKILLPAVFFLATQRERR
;
_entity_poly.pdbx_strand_id   A,B,C,D
#
# COMPACT_ATOMS: atom_id res chain seq x y z
N MET A 5 5.86 -36.99 -0.85
CA MET A 5 6.73 -37.42 -1.95
C MET A 5 7.62 -36.27 -2.43
N PRO A 6 8.90 -36.55 -2.65
CA PRO A 6 9.82 -35.52 -3.13
C PRO A 6 9.63 -35.22 -4.61
N VAL A 7 9.82 -33.95 -4.95
CA VAL A 7 9.70 -33.51 -6.33
C VAL A 7 10.81 -34.12 -7.18
N GLU A 8 10.44 -34.72 -8.30
CA GLU A 8 11.41 -35.29 -9.23
C GLU A 8 11.86 -34.19 -10.19
N PHE A 9 12.82 -33.40 -9.73
CA PHE A 9 13.27 -32.24 -10.48
C PHE A 9 13.92 -32.63 -11.80
N SER A 10 14.79 -33.64 -11.78
CA SER A 10 15.58 -33.96 -12.97
C SER A 10 14.69 -34.44 -14.12
N ARG A 11 13.66 -35.23 -13.83
CA ARG A 11 12.75 -35.63 -14.91
C ARG A 11 11.99 -34.43 -15.45
N ILE A 12 11.56 -33.53 -14.56
CA ILE A 12 10.85 -32.33 -15.01
C ILE A 12 11.71 -31.53 -15.99
N VAL A 13 12.98 -31.30 -15.64
CA VAL A 13 13.85 -30.55 -16.53
C VAL A 13 14.02 -31.29 -17.86
N ARG A 14 14.22 -32.61 -17.81
CA ARG A 14 14.39 -33.37 -19.04
C ARG A 14 13.11 -33.35 -19.87
N ASP A 15 11.95 -33.47 -19.24
CA ASP A 15 10.69 -33.38 -19.96
C ASP A 15 10.49 -31.98 -20.53
N VAL A 16 10.71 -30.96 -19.71
CA VAL A 16 10.51 -29.58 -20.16
C VAL A 16 11.41 -29.27 -21.35
N GLU A 17 12.69 -29.64 -21.26
CA GLU A 17 13.62 -29.28 -22.33
C GLU A 17 13.35 -30.08 -23.61
N ARG A 18 12.85 -31.31 -23.49
CA ARG A 18 12.50 -32.06 -24.70
C ARG A 18 11.25 -31.49 -25.37
N LEU A 19 10.26 -31.07 -24.57
CA LEU A 19 9.06 -30.50 -25.15
C LEU A 19 9.37 -29.17 -25.84
N ILE A 20 10.31 -28.40 -25.29
CA ILE A 20 10.74 -27.18 -25.95
C ILE A 20 11.56 -27.50 -27.20
N ALA A 21 12.33 -28.60 -27.17
CA ALA A 21 13.26 -28.89 -28.24
C ALA A 21 12.58 -29.45 -29.49
N VAL A 22 11.40 -30.06 -29.35
CA VAL A 22 10.75 -30.67 -30.50
C VAL A 22 10.48 -29.60 -31.56
N GLU A 23 10.76 -29.95 -32.81
CA GLU A 23 10.65 -28.98 -33.89
C GLU A 23 9.21 -28.55 -34.12
N LYS A 24 9.03 -27.25 -34.32
CA LYS A 24 7.72 -26.65 -34.56
C LYS A 24 7.83 -25.78 -35.80
N TYR A 25 6.98 -26.02 -36.78
CA TYR A 25 7.09 -25.39 -38.09
C TYR A 25 5.88 -24.51 -38.38
N SER A 26 6.12 -23.43 -39.12
CA SER A 26 5.09 -22.49 -39.53
C SER A 26 5.21 -22.28 -41.04
N LEU A 27 4.07 -22.33 -41.74
CA LEU A 27 4.05 -22.17 -43.19
C LEU A 27 3.85 -20.71 -43.55
N GLN A 28 4.71 -20.20 -44.43
CA GLN A 28 4.70 -18.78 -44.78
C GLN A 28 4.40 -18.48 -46.24
N GLY A 29 4.72 -19.38 -47.15
CA GLY A 29 4.47 -19.13 -48.56
C GLY A 29 5.37 -19.98 -49.44
N VAL A 30 5.41 -19.61 -50.72
CA VAL A 30 6.20 -20.29 -51.73
C VAL A 30 7.09 -19.25 -52.42
N VAL A 31 8.40 -19.48 -52.42
CA VAL A 31 9.37 -18.55 -53.00
C VAL A 31 10.20 -19.29 -54.04
N ASP A 32 11.05 -18.50 -54.73
CA ASP A 32 11.96 -19.01 -55.74
C ASP A 32 11.31 -20.01 -56.68
N GLY A 33 11.98 -21.15 -56.82
CA GLY A 33 11.54 -22.23 -57.68
C GLY A 33 10.71 -23.28 -56.97
N ASP A 34 9.48 -22.95 -56.59
CA ASP A 34 8.60 -23.86 -55.85
C ASP A 34 9.23 -24.33 -54.55
N LYS A 35 9.81 -23.38 -53.82
CA LYS A 35 10.40 -23.65 -52.51
C LYS A 35 9.42 -23.23 -51.44
N LEU A 36 9.03 -24.17 -50.58
CA LEU A 36 8.24 -23.83 -49.41
C LEU A 36 9.05 -22.95 -48.47
N LEU A 37 8.50 -21.80 -48.09
CA LEU A 37 9.11 -20.94 -47.08
C LEU A 37 8.48 -21.28 -45.74
N VAL A 38 9.29 -21.79 -44.82
CA VAL A 38 8.82 -22.24 -43.53
CA VAL A 38 8.83 -22.27 -43.53
C VAL A 38 9.65 -21.60 -42.43
N VAL A 39 8.97 -21.19 -41.37
CA VAL A 39 9.62 -20.71 -40.15
C VAL A 39 9.55 -21.84 -39.12
N GLY A 40 10.70 -22.20 -38.57
CA GLY A 40 10.71 -23.32 -37.64
C GLY A 40 11.58 -23.11 -36.43
N PHE A 41 11.11 -23.57 -35.28
CA PHE A 41 11.96 -23.71 -34.11
C PHE A 41 12.67 -25.05 -34.26
N SER A 42 13.92 -25.01 -34.72
CA SER A 42 14.75 -26.20 -34.86
C SER A 42 16.16 -25.86 -34.39
N GLU A 43 16.86 -26.87 -33.91
CA GLU A 43 18.21 -26.71 -33.35
C GLU A 43 18.24 -25.63 -32.28
N GLY A 44 17.16 -25.50 -31.52
CA GLY A 44 17.11 -24.63 -30.35
C GLY A 44 16.88 -23.17 -30.60
N SER A 45 16.41 -22.77 -31.79
CA SER A 45 16.13 -21.37 -32.06
C SER A 45 15.17 -21.25 -33.24
N VAL A 46 14.63 -20.05 -33.41
CA VAL A 46 13.68 -19.76 -34.48
C VAL A 46 14.45 -19.35 -35.72
N ASN A 47 14.22 -20.06 -36.82
CA ASN A 47 14.93 -19.82 -38.07
C ASN A 47 13.96 -19.91 -39.25
N ALA A 48 14.44 -19.48 -40.41
CA ALA A 48 13.68 -19.55 -41.65
C ALA A 48 14.35 -20.53 -42.60
N TYR A 49 13.54 -21.38 -43.23
CA TYR A 49 14.05 -22.44 -44.10
C TYR A 49 13.31 -22.45 -45.43
N LEU A 50 14.06 -22.84 -46.47
CA LEU A 50 13.46 -23.27 -47.73
C LEU A 50 13.33 -24.79 -47.69
N TYR A 51 12.15 -25.29 -48.04
CA TYR A 51 11.93 -26.73 -48.16
C TYR A 51 11.68 -27.07 -49.62
N ASP A 52 12.37 -28.11 -50.08
CA ASP A 52 12.18 -28.65 -51.43
C ASP A 52 12.97 -29.94 -51.53
N GLY A 53 12.39 -30.94 -52.20
CA GLY A 53 13.05 -32.21 -52.41
C GLY A 53 13.53 -32.89 -51.15
N GLY A 54 12.66 -32.92 -50.13
CA GLY A 54 12.96 -33.64 -48.90
C GLY A 54 14.09 -33.08 -48.07
N GLU A 55 14.49 -31.84 -48.31
CA GLU A 55 15.59 -31.23 -47.56
C GLU A 55 15.27 -29.76 -47.29
N THR A 56 15.84 -29.24 -46.21
CA THR A 56 15.69 -27.85 -45.82
C THR A 56 17.01 -27.10 -45.98
N VAL A 57 16.90 -25.82 -46.31
CA VAL A 57 18.05 -24.93 -46.43
C VAL A 57 17.82 -23.74 -45.51
N LYS A 58 18.75 -23.51 -44.59
CA LYS A 58 18.62 -22.40 -43.65
C LYS A 58 18.91 -21.09 -44.36
N LEU A 59 18.03 -20.11 -44.17
CA LEU A 59 18.16 -18.81 -44.83
C LEU A 59 18.84 -17.76 -43.97
N ASN A 60 18.71 -17.86 -42.65
CA ASN A 60 19.23 -16.87 -41.73
C ASN A 60 20.46 -17.39 -41.02
N ARG A 61 21.18 -16.46 -40.40
CA ARG A 61 22.31 -16.83 -39.55
C ARG A 61 21.87 -16.86 -38.09
N GLU A 62 21.78 -15.68 -37.49
CA GLU A 62 21.34 -15.60 -36.10
C GLU A 62 19.82 -15.72 -36.02
N PRO A 63 19.30 -16.20 -34.89
CA PRO A 63 17.86 -16.44 -34.79
C PRO A 63 17.04 -15.22 -35.18
N ILE A 64 15.82 -15.47 -35.65
CA ILE A 64 14.92 -14.42 -36.08
C ILE A 64 13.66 -14.46 -35.25
N ASN A 65 12.74 -13.52 -35.51
CA ASN A 65 11.41 -13.54 -34.94
C ASN A 65 10.37 -14.06 -35.94
N SER A 66 10.49 -13.65 -37.20
CA SER A 66 9.52 -14.01 -38.24
C SER A 66 10.08 -13.57 -39.58
N VAL A 67 9.30 -13.81 -40.63
CA VAL A 67 9.56 -13.29 -41.96
C VAL A 67 8.28 -12.62 -42.45
N LEU A 68 8.43 -11.80 -43.49
CA LEU A 68 7.26 -11.17 -44.08
C LEU A 68 6.60 -12.11 -45.09
N ASP A 69 5.31 -11.88 -45.32
CA ASP A 69 4.55 -12.71 -46.25
C ASP A 69 5.09 -12.53 -47.66
N PRO A 70 5.64 -13.58 -48.29
CA PRO A 70 6.13 -13.44 -49.66
C PRO A 70 5.06 -13.70 -50.71
N HIS A 71 5.14 -12.94 -51.79
CA HIS A 71 4.39 -13.30 -52.98
C HIS A 71 4.99 -14.54 -53.63
N TYR A 72 4.15 -15.32 -54.29
CA TYR A 72 4.59 -16.55 -54.93
C TYR A 72 5.75 -16.28 -55.88
N GLY A 73 6.85 -17.01 -55.68
CA GLY A 73 7.94 -17.03 -56.62
C GLY A 73 8.97 -15.93 -56.45
N VAL A 74 8.80 -15.01 -55.52
CA VAL A 74 9.80 -13.97 -55.32
C VAL A 74 11.11 -14.62 -54.88
N GLY A 75 12.22 -14.07 -55.38
CA GLY A 75 13.52 -14.69 -55.17
C GLY A 75 14.23 -14.23 -53.91
N ARG A 76 13.48 -13.79 -52.91
CA ARG A 76 14.07 -13.30 -51.67
C ARG A 76 13.10 -13.50 -50.53
N VAL A 77 13.63 -13.35 -49.31
CA VAL A 77 12.87 -13.49 -48.08
C VAL A 77 13.30 -12.37 -47.15
N ILE A 78 12.35 -11.72 -46.51
CA ILE A 78 12.65 -10.59 -45.63
C ILE A 78 12.54 -11.07 -44.19
N LEU A 79 13.68 -11.16 -43.52
CA LEU A 79 13.70 -11.59 -42.13
C LEU A 79 13.32 -10.44 -41.21
N VAL A 80 12.69 -10.78 -40.09
CA VAL A 80 12.39 -9.83 -39.02
C VAL A 80 13.11 -10.30 -37.77
N ARG A 81 14.04 -9.47 -37.28
CA ARG A 81 14.90 -9.84 -36.16
C ARG A 81 14.82 -8.77 -35.09
N ASP A 82 14.48 -9.18 -33.87
CA ASP A 82 14.54 -8.26 -32.75
C ASP A 82 16.00 -7.90 -32.48
N VAL A 83 16.31 -6.61 -32.47
CA VAL A 83 17.67 -6.15 -32.23
C VAL A 83 17.71 -5.31 -30.96
N SER A 84 16.84 -5.62 -30.01
CA SER A 84 16.78 -4.91 -28.74
C SER A 84 16.74 -5.86 -27.54
N LYS A 85 17.14 -7.11 -27.75
CA LYS A 85 17.25 -8.10 -26.66
C LYS A 85 15.90 -8.34 -25.97
N GLY A 86 14.84 -8.36 -26.76
CA GLY A 86 13.51 -8.68 -26.25
C GLY A 86 12.55 -7.50 -26.20
N ALA A 87 13.02 -6.27 -26.36
CA ALA A 87 12.16 -5.10 -26.31
C ALA A 87 11.31 -4.93 -27.57
N GLU A 88 11.42 -5.86 -28.53
CA GLU A 88 10.57 -5.90 -29.73
C GLU A 88 10.75 -4.64 -30.58
N GLN A 89 11.99 -4.16 -30.67
CA GLN A 89 12.38 -3.16 -31.66
C GLN A 89 13.09 -3.92 -32.78
N HIS A 90 12.41 -4.10 -33.90
CA HIS A 90 12.87 -5.02 -34.94
C HIS A 90 13.60 -4.28 -36.05
N ALA A 91 14.25 -5.09 -36.89
CA ALA A 91 14.90 -4.62 -38.10
C ALA A 91 14.63 -5.64 -39.19
N LEU A 92 14.80 -5.21 -40.43
CA LEU A 92 14.51 -6.05 -41.59
C LEU A 92 15.80 -6.45 -42.28
N PHE A 93 15.87 -7.73 -42.68
CA PHE A 93 17.03 -8.28 -43.35
C PHE A 93 16.58 -9.03 -44.59
N LYS A 94 17.21 -8.71 -45.72
CA LYS A 94 16.92 -9.35 -46.99
C LYS A 94 17.90 -10.48 -47.21
N VAL A 95 17.39 -11.64 -47.63
CA VAL A 95 18.21 -12.78 -47.99
C VAL A 95 17.80 -13.24 -49.37
N ASN A 96 18.72 -13.10 -50.34
CA ASN A 96 18.49 -13.66 -51.66
CA ASN A 96 18.47 -13.67 -51.66
C ASN A 96 18.41 -15.18 -51.56
N THR A 97 17.32 -15.77 -52.07
CA THR A 97 17.13 -17.21 -51.95
C THR A 97 18.26 -17.98 -52.63
N SER A 98 18.90 -17.39 -53.64
CA SER A 98 20.03 -18.05 -54.29
C SER A 98 21.27 -18.09 -53.42
N ARG A 99 21.37 -17.21 -52.42
CA ARG A 99 22.53 -17.16 -51.53
C ARG A 99 22.04 -17.18 -50.07
N PRO A 100 21.61 -18.35 -49.60
CA PRO A 100 21.14 -18.43 -48.21
C PRO A 100 22.27 -18.19 -47.23
N GLY A 101 21.91 -17.71 -46.04
CA GLY A 101 22.89 -17.39 -45.02
C GLY A 101 23.58 -16.05 -45.20
N GLU A 102 23.30 -15.34 -46.28
CA GLU A 102 23.88 -14.03 -46.55
C GLU A 102 22.78 -12.99 -46.37
N GLU A 103 22.85 -12.23 -45.29
CA GLU A 103 21.82 -11.26 -44.95
C GLU A 103 22.27 -9.84 -45.28
N GLN A 104 21.34 -9.03 -45.78
CA GLN A 104 21.57 -7.62 -46.01
C GLN A 104 20.54 -6.83 -45.21
N ARG A 105 21.01 -6.08 -44.22
CA ARG A 105 20.13 -5.27 -43.41
C ARG A 105 19.51 -4.17 -44.27
N LEU A 106 18.19 -3.99 -44.15
CA LEU A 106 17.50 -2.91 -44.87
C LEU A 106 17.64 -1.65 -44.03
N GLU A 107 18.74 -0.94 -44.25
CA GLU A 107 19.13 0.18 -43.40
C GLU A 107 18.18 1.38 -43.51
N ALA A 108 17.29 1.40 -44.50
CA ALA A 108 16.36 2.51 -44.68
C ALA A 108 15.22 2.49 -43.66
N VAL A 109 15.08 1.41 -42.90
CA VAL A 109 14.03 1.26 -41.90
C VAL A 109 14.67 1.33 -40.52
N LYS A 110 14.20 2.24 -39.69
CA LYS A 110 14.75 2.33 -38.35
C LYS A 110 14.05 1.36 -37.43
N PRO A 111 14.73 0.92 -36.37
CA PRO A 111 14.11 -0.06 -35.45
C PRO A 111 12.77 0.39 -34.91
N MET A 112 11.73 -0.39 -35.22
CA MET A 112 10.38 -0.15 -34.75
C MET A 112 9.75 -1.50 -34.45
N ARG A 113 8.56 -1.49 -33.88
CA ARG A 113 7.80 -2.72 -33.66
C ARG A 113 7.13 -3.09 -34.97
N ILE A 114 7.70 -4.05 -35.70
CA ILE A 114 7.10 -4.51 -36.94
C ILE A 114 5.89 -5.37 -36.60
N LEU A 115 4.74 -5.04 -37.19
CA LEU A 115 3.49 -5.72 -36.88
C LEU A 115 3.06 -6.71 -37.95
N SER A 116 3.41 -6.46 -39.20
CA SER A 116 3.03 -7.32 -40.31
C SER A 116 3.81 -6.82 -41.53
N GLY A 117 3.76 -7.62 -42.59
CA GLY A 117 4.42 -7.21 -43.81
C GLY A 117 4.21 -8.15 -44.98
N VAL A 118 4.32 -7.60 -46.19
CA VAL A 118 4.19 -8.37 -47.42
C VAL A 118 5.30 -7.93 -48.36
N ASP A 119 5.96 -8.89 -48.99
CA ASP A 119 7.01 -8.62 -49.96
C ASP A 119 6.50 -9.04 -51.33
N THR A 120 6.30 -8.07 -52.22
CA THR A 120 5.88 -8.38 -53.58
C THR A 120 7.04 -8.75 -54.49
N GLY A 121 8.27 -8.66 -53.99
CA GLY A 121 9.45 -8.81 -54.81
C GLY A 121 9.95 -7.49 -55.35
N GLU A 122 9.07 -6.52 -55.53
CA GLU A 122 9.41 -5.19 -55.96
C GLU A 122 9.29 -4.16 -54.84
N ALA A 123 8.34 -4.34 -53.92
CA ALA A 123 8.16 -3.44 -52.80
C ALA A 123 7.92 -4.25 -51.54
N VAL A 124 8.36 -3.69 -50.41
CA VAL A 124 8.19 -4.31 -49.11
C VAL A 124 7.25 -3.41 -48.33
N VAL A 125 6.01 -3.86 -48.17
CA VAL A 125 4.98 -3.12 -47.46
C VAL A 125 4.76 -3.75 -46.10
N PHE A 126 4.74 -2.92 -45.07
CA PHE A 126 4.63 -3.41 -43.70
C PHE A 126 3.99 -2.34 -42.83
N THR A 127 3.61 -2.73 -41.63
CA THR A 127 3.10 -1.80 -40.63
C THR A 127 4.00 -1.84 -39.41
N GLY A 128 4.30 -0.66 -38.87
CA GLY A 128 5.20 -0.55 -37.75
C GLY A 128 4.70 0.44 -36.73
N ALA A 129 4.93 0.14 -35.46
CA ALA A 129 4.52 0.99 -34.36
C ALA A 129 5.77 1.61 -33.75
N THR A 130 5.83 2.94 -33.80
CA THR A 130 6.85 3.69 -33.07
C THR A 130 6.22 4.25 -31.81
N GLU A 131 6.94 5.15 -31.12
CA GLU A 131 6.42 5.70 -29.89
C GLU A 131 5.17 6.54 -30.12
N ASP A 132 5.07 7.22 -31.27
CA ASP A 132 4.00 8.17 -31.49
C ASP A 132 2.96 7.72 -32.51
N ARG A 133 3.24 6.69 -33.31
CA ARG A 133 2.31 6.38 -34.39
C ARG A 133 2.46 4.94 -34.84
N VAL A 134 1.34 4.40 -35.31
CA VAL A 134 1.32 3.19 -36.13
C VAL A 134 1.12 3.64 -37.57
N ALA A 135 1.95 3.13 -38.47
CA ALA A 135 1.89 3.58 -39.86
C ALA A 135 2.06 2.39 -40.80
N LEU A 136 1.63 2.60 -42.05
CA LEU A 136 1.73 1.63 -43.12
C LEU A 136 2.80 2.11 -44.10
N TYR A 137 3.98 1.48 -44.03
CA TYR A 137 5.12 1.88 -44.83
C TYR A 137 5.24 1.05 -46.10
N ALA A 138 6.04 1.55 -47.03
CA ALA A 138 6.41 0.83 -48.24
C ALA A 138 7.87 1.14 -48.54
N LEU A 139 8.63 0.10 -48.90
CA LEU A 139 10.06 0.23 -49.17
C LEU A 139 10.35 -0.29 -50.56
N ASP A 140 10.80 0.59 -51.44
CA ASP A 140 11.10 0.22 -52.83
C ASP A 140 12.38 0.94 -53.25
N GLY A 141 12.59 1.05 -54.56
CA GLY A 141 13.79 1.71 -55.06
C GLY A 141 13.80 3.20 -54.78
N GLY A 142 12.63 3.79 -54.60
CA GLY A 142 12.52 5.19 -54.26
C GLY A 142 12.61 5.47 -52.77
N GLY A 143 13.15 4.53 -52.01
CA GLY A 143 13.33 4.70 -50.59
C GLY A 143 12.17 4.14 -49.77
N LEU A 144 12.14 4.54 -48.50
CA LEU A 144 11.04 4.20 -47.61
C LEU A 144 10.00 5.30 -47.64
N ARG A 145 8.74 4.91 -47.79
CA ARG A 145 7.64 5.86 -47.81
C ARG A 145 6.59 5.44 -46.80
N GLU A 146 6.05 6.42 -46.08
CA GLU A 146 4.89 6.20 -45.24
C GLU A 146 3.65 6.41 -46.10
N LEU A 147 2.80 5.39 -46.17
CA LEU A 147 1.61 5.48 -47.01
C LEU A 147 0.42 6.03 -46.25
N ALA A 148 0.35 5.81 -44.94
CA ALA A 148 -0.76 6.28 -44.13
C ALA A 148 -0.42 6.07 -42.66
N ARG A 149 -0.93 6.96 -41.81
CA ARG A 149 -0.92 6.74 -40.38
C ARG A 149 -2.15 5.94 -39.98
N LEU A 150 -1.97 5.00 -39.07
CA LEU A 150 -3.09 4.18 -38.67
C LEU A 150 -3.51 4.50 -37.25
N PRO A 151 -4.82 4.57 -36.98
CA PRO A 151 -5.30 4.81 -35.60
C PRO A 151 -5.27 3.54 -34.73
N GLY A 152 -4.08 2.98 -34.58
CA GLY A 152 -3.87 1.81 -33.74
C GLY A 152 -3.31 0.64 -34.53
N PHE A 153 -3.33 -0.53 -33.87
CA PHE A 153 -2.82 -1.76 -34.46
C PHE A 153 -3.38 -1.98 -35.87
N GLY A 154 -2.48 -2.21 -36.81
CA GLY A 154 -2.87 -2.49 -38.18
C GLY A 154 -1.94 -3.52 -38.80
N PHE A 155 -2.52 -4.37 -39.65
CA PHE A 155 -1.75 -5.44 -40.27
C PHE A 155 -2.06 -5.53 -41.75
N VAL A 156 -1.02 -5.75 -42.55
CA VAL A 156 -1.18 -5.92 -44.00
C VAL A 156 -1.67 -7.34 -44.27
N SER A 157 -2.77 -7.44 -45.01
CA SER A 157 -3.34 -8.74 -45.38
C SER A 157 -2.92 -9.20 -46.77
N ASP A 158 -3.01 -8.32 -47.76
CA ASP A 158 -2.77 -8.75 -49.13
C ASP A 158 -2.41 -7.55 -49.99
N ILE A 159 -1.67 -7.83 -51.07
CA ILE A 159 -1.31 -6.83 -52.07
C ILE A 159 -1.44 -7.47 -53.44
N ARG A 160 -2.33 -6.93 -54.26
CA ARG A 160 -2.44 -7.35 -55.66
C ARG A 160 -2.36 -6.11 -56.54
N GLY A 161 -1.33 -6.04 -57.37
CA GLY A 161 -1.12 -4.88 -58.20
C GLY A 161 -0.76 -3.67 -57.38
N ASP A 162 -1.58 -2.61 -57.49
CA ASP A 162 -1.36 -1.40 -56.72
C ASP A 162 -2.19 -1.34 -55.44
N LEU A 163 -3.14 -2.25 -55.26
CA LEU A 163 -4.09 -2.20 -54.14
C LEU A 163 -3.54 -2.96 -52.93
N ILE A 164 -3.55 -2.30 -51.78
CA ILE A 164 -3.14 -2.89 -50.51
C ILE A 164 -4.37 -3.05 -49.64
N ALA A 165 -4.51 -4.21 -49.01
CA ALA A 165 -5.64 -4.50 -48.13
C ALA A 165 -5.14 -4.99 -46.79
N GLY A 166 -5.78 -4.53 -45.72
CA GLY A 166 -5.36 -4.92 -44.39
C GLY A 166 -6.47 -4.88 -43.36
N LEU A 167 -6.11 -5.10 -42.10
CA LEU A 167 -7.08 -5.14 -41.01
C LEU A 167 -6.59 -4.23 -39.89
N GLY A 168 -7.52 -3.54 -39.25
CA GLY A 168 -7.16 -2.56 -38.25
C GLY A 168 -8.03 -2.57 -37.00
N PHE A 169 -7.39 -2.48 -35.84
CA PHE A 169 -8.08 -2.37 -34.56
C PHE A 169 -8.20 -0.89 -34.26
N PHE A 170 -9.25 -0.27 -34.78
CA PHE A 170 -9.41 1.18 -34.73
C PHE A 170 -10.54 1.64 -33.82
N GLY A 171 -11.06 0.76 -32.97
CA GLY A 171 -12.11 1.17 -32.05
C GLY A 171 -12.89 0.05 -31.40
N GLY A 172 -13.14 0.17 -30.10
CA GLY A 172 -14.02 -0.71 -29.36
C GLY A 172 -13.85 -2.22 -29.56
N GLY A 173 -12.62 -2.65 -29.82
CA GLY A 173 -12.34 -4.05 -30.02
C GLY A 173 -12.81 -4.65 -31.32
N ARG A 174 -13.44 -3.87 -32.20
CA ARG A 174 -13.87 -4.38 -33.49
C ARG A 174 -12.75 -4.16 -34.51
N VAL A 175 -12.67 -5.06 -35.48
CA VAL A 175 -11.64 -5.01 -36.52
C VAL A 175 -12.25 -4.42 -37.78
N SER A 176 -11.59 -3.41 -38.33
CA SER A 176 -12.01 -2.78 -39.58
C SER A 176 -11.12 -3.25 -40.72
N LEU A 177 -11.71 -3.29 -41.91
CA LEU A 177 -10.94 -3.46 -43.14
C LEU A 177 -10.41 -2.11 -43.59
N PHE A 178 -9.20 -2.10 -44.14
CA PHE A 178 -8.65 -0.87 -44.71
C PHE A 178 -7.93 -1.19 -46.02
N THR A 179 -7.90 -0.20 -46.90
CA THR A 179 -7.17 -0.30 -48.15
C THR A 179 -6.25 0.90 -48.30
N SER A 180 -5.24 0.72 -49.14
CA SER A 180 -4.30 1.77 -49.48
C SER A 180 -3.76 1.45 -50.88
N ASN A 181 -2.87 2.29 -51.36
CA ASN A 181 -2.35 2.17 -52.71
C ASN A 181 -0.83 2.28 -52.70
N LEU A 182 -0.18 1.38 -53.45
CA LEU A 182 1.27 1.38 -53.50
C LEU A 182 1.78 2.62 -54.22
N SER A 183 1.10 3.04 -55.29
CA SER A 183 1.57 4.19 -56.05
C SER A 183 1.25 5.50 -55.35
N SER A 184 0.00 5.69 -54.92
CA SER A 184 -0.47 6.97 -54.41
C SER A 184 -0.52 7.04 -52.89
N GLY A 185 -0.67 5.91 -52.21
CA GLY A 185 -0.76 5.94 -50.76
C GLY A 185 -2.16 6.17 -50.27
N GLY A 186 -2.30 6.81 -49.10
CA GLY A 186 -3.60 7.11 -48.55
C GLY A 186 -4.13 5.98 -47.68
N LEU A 187 -5.38 6.16 -47.26
CA LEU A 187 -6.02 5.19 -46.39
C LEU A 187 -7.54 5.33 -46.52
N ARG A 188 -8.21 4.19 -46.60
CA ARG A 188 -9.67 4.16 -46.57
C ARG A 188 -10.09 3.02 -45.64
N VAL A 189 -10.90 3.35 -44.64
CA VAL A 189 -11.32 2.40 -43.62
C VAL A 189 -12.74 1.92 -43.93
N PHE A 190 -12.99 0.64 -43.71
CA PHE A 190 -14.29 0.02 -43.96
C PHE A 190 -14.75 -0.63 -42.65
N ASP A 191 -15.70 0.01 -41.97
CA ASP A 191 -16.29 -0.52 -40.75
C ASP A 191 -17.59 -1.24 -41.05
N SER A 192 -17.80 -2.38 -40.40
CA SER A 192 -19.03 -3.15 -40.55
C SER A 192 -19.87 -3.03 -39.29
N GLY A 193 -21.18 -2.86 -39.46
CA GLY A 193 -22.09 -2.81 -38.34
C GLY A 193 -22.53 -4.16 -37.80
N GLU A 194 -22.16 -5.25 -38.46
CA GLU A 194 -22.53 -6.59 -38.02
C GLU A 194 -21.46 -7.22 -37.14
N GLY A 195 -20.19 -6.97 -37.43
CA GLY A 195 -19.11 -7.54 -36.66
C GLY A 195 -17.75 -7.05 -37.07
N SER A 196 -16.74 -7.92 -36.96
CA SER A 196 -15.36 -7.57 -37.29
C SER A 196 -14.90 -8.37 -38.50
N PHE A 197 -13.99 -7.77 -39.27
CA PHE A 197 -13.38 -8.46 -40.38
C PHE A 197 -12.24 -9.34 -39.86
N SER A 198 -12.18 -10.58 -40.35
CA SER A 198 -11.26 -11.60 -39.84
C SER A 198 -10.02 -11.78 -40.72
N SER A 199 -10.20 -11.92 -42.02
CA SER A 199 -9.11 -12.07 -42.97
C SER A 199 -9.48 -11.33 -44.24
N ALA A 200 -8.51 -11.17 -45.14
CA ALA A 200 -8.77 -10.38 -46.34
C ALA A 200 -7.81 -10.80 -47.45
N SER A 201 -8.34 -10.92 -48.66
CA SER A 201 -7.55 -11.21 -49.85
C SER A 201 -8.18 -10.52 -51.05
N ILE A 202 -7.34 -9.94 -51.89
CA ILE A 202 -7.80 -9.18 -53.05
C ILE A 202 -8.10 -10.13 -54.21
N SER A 203 -9.28 -9.99 -54.79
CA SER A 203 -9.74 -10.88 -55.85
C SER A 203 -9.14 -10.47 -57.19
N PRO A 204 -9.21 -11.35 -58.19
CA PRO A 204 -8.74 -10.96 -59.53
C PRO A 204 -9.48 -9.78 -60.12
N GLY A 205 -10.70 -9.50 -59.65
CA GLY A 205 -11.44 -8.35 -60.12
C GLY A 205 -11.19 -7.13 -59.25
N MET A 206 -10.07 -7.16 -58.53
CA MET A 206 -9.64 -6.06 -57.65
C MET A 206 -10.69 -5.71 -56.60
N LYS A 207 -11.41 -6.71 -56.12
CA LYS A 207 -12.24 -6.57 -54.93
C LYS A 207 -11.50 -7.14 -53.73
N VAL A 208 -12.10 -6.97 -52.56
CA VAL A 208 -11.50 -7.47 -51.32
C VAL A 208 -12.45 -8.52 -50.77
N THR A 209 -12.09 -9.79 -50.93
CA THR A 209 -12.78 -10.87 -50.26
C THR A 209 -12.32 -10.93 -48.80
N ALA A 210 -13.27 -10.88 -47.88
CA ALA A 210 -12.94 -10.78 -46.47
C ALA A 210 -13.86 -11.69 -45.66
N GLY A 211 -13.35 -12.13 -44.51
CA GLY A 211 -14.15 -12.86 -43.56
C GLY A 211 -14.78 -11.89 -42.59
N LEU A 212 -16.08 -12.05 -42.36
CA LEU A 212 -16.84 -11.19 -41.46
C LEU A 212 -17.37 -12.03 -40.31
N GLU A 213 -16.93 -11.71 -39.09
CA GLU A 213 -17.33 -12.45 -37.90
C GLU A 213 -18.39 -11.65 -37.17
N THR A 214 -19.62 -12.13 -37.20
CA THR A 214 -20.74 -11.45 -36.56
C THR A 214 -20.93 -12.02 -35.15
N ALA A 215 -22.11 -11.80 -34.57
CA ALA A 215 -22.33 -12.11 -33.15
C ALA A 215 -22.04 -13.58 -32.84
N ARG A 216 -22.62 -14.49 -33.63
CA ARG A 216 -22.47 -15.91 -33.37
C ARG A 216 -22.03 -16.71 -34.58
N GLU A 217 -21.76 -16.08 -35.72
CA GLU A 217 -21.40 -16.79 -36.94
C GLU A 217 -20.36 -15.99 -37.70
N ALA A 218 -19.90 -16.55 -38.81
CA ALA A 218 -18.96 -15.90 -39.70
C ALA A 218 -19.32 -16.26 -41.14
N ARG A 219 -18.96 -15.37 -42.06
CA ARG A 219 -19.29 -15.60 -43.47
C ARG A 219 -18.33 -14.78 -44.32
N LEU A 220 -18.33 -15.09 -45.62
CA LEU A 220 -17.46 -14.43 -46.58
C LEU A 220 -18.24 -13.31 -47.27
N VAL A 221 -17.62 -12.13 -47.34
CA VAL A 221 -18.24 -10.97 -47.96
C VAL A 221 -17.26 -10.36 -48.95
N THR A 222 -17.82 -9.64 -49.91
CA THR A 222 -17.06 -8.90 -50.92
C THR A 222 -17.17 -7.42 -50.63
N VAL A 223 -16.03 -6.73 -50.63
CA VAL A 223 -15.98 -5.30 -50.34
C VAL A 223 -15.37 -4.60 -51.54
N ASP A 224 -16.14 -3.72 -52.17
CA ASP A 224 -15.66 -2.91 -53.27
C ASP A 224 -14.94 -1.71 -52.70
N PRO A 225 -13.61 -1.62 -52.86
CA PRO A 225 -12.89 -0.46 -52.32
C PRO A 225 -13.26 0.85 -52.99
N ARG A 226 -13.86 0.82 -54.17
CA ARG A 226 -14.20 2.06 -54.87
C ARG A 226 -15.32 2.81 -54.15
N ASP A 227 -16.38 2.11 -53.74
CA ASP A 227 -17.53 2.75 -53.11
C ASP A 227 -17.85 2.22 -51.73
N GLY A 228 -17.16 1.19 -51.25
CA GLY A 228 -17.43 0.67 -49.92
C GLY A 228 -18.59 -0.28 -49.81
N SER A 229 -19.15 -0.72 -50.93
CA SER A 229 -20.27 -1.65 -50.89
C SER A 229 -19.84 -3.01 -50.36
N VAL A 230 -20.76 -3.69 -49.69
CA VAL A 230 -20.51 -5.00 -49.09
C VAL A 230 -21.61 -5.94 -49.54
N GLU A 231 -21.22 -7.11 -50.04
CA GLU A 231 -22.18 -8.13 -50.44
C GLU A 231 -21.63 -9.50 -50.09
N ASP A 232 -22.54 -10.42 -49.76
CA ASP A 232 -22.15 -11.77 -49.42
C ASP A 232 -21.51 -12.46 -50.62
N LEU A 233 -20.43 -13.19 -50.36
CA LEU A 233 -19.77 -13.96 -51.40
C LEU A 233 -20.42 -15.34 -51.50
N GLU A 234 -20.77 -15.74 -52.72
CA GLU A 234 -21.28 -17.07 -52.98
C GLU A 234 -20.21 -17.89 -53.66
N LEU A 235 -20.08 -19.14 -53.25
CA LEU A 235 -19.02 -20.00 -53.72
C LEU A 235 -19.60 -21.17 -54.52
N PRO A 236 -18.85 -21.69 -55.51
CA PRO A 236 -19.37 -22.79 -56.32
C PRO A 236 -19.66 -24.06 -55.54
N SER A 237 -19.17 -24.17 -54.30
CA SER A 237 -19.49 -25.29 -53.42
C SER A 237 -20.14 -24.79 -52.16
N LYS A 238 -21.02 -25.63 -51.59
CA LYS A 238 -21.80 -25.26 -50.42
C LYS A 238 -21.27 -25.85 -49.12
N ASP A 239 -20.13 -26.55 -49.15
CA ASP A 239 -19.57 -27.12 -47.93
C ASP A 239 -19.29 -26.05 -46.89
N PHE A 240 -18.71 -24.93 -47.31
CA PHE A 240 -18.34 -23.87 -46.36
C PHE A 240 -19.58 -23.27 -45.72
N SER A 241 -20.62 -22.97 -46.50
CA SER A 241 -21.79 -22.31 -45.94
C SER A 241 -22.50 -23.21 -44.94
N SER A 242 -22.62 -24.50 -45.26
CA SER A 242 -23.25 -25.45 -44.34
C SER A 242 -22.32 -25.86 -43.20
N TYR A 243 -21.02 -25.57 -43.30
CA TYR A 243 -20.12 -25.81 -42.19
C TYR A 243 -20.47 -24.95 -40.98
N ARG A 244 -21.04 -23.77 -41.22
CA ARG A 244 -21.45 -22.82 -40.19
C ARG A 244 -20.30 -22.47 -39.26
N PRO A 245 -19.27 -21.77 -39.75
CA PRO A 245 -18.16 -21.40 -38.87
C PRO A 245 -18.49 -20.22 -37.98
N THR A 246 -17.81 -20.15 -36.85
CA THR A 246 -17.89 -19.00 -35.95
C THR A 246 -16.67 -18.10 -36.03
N ALA A 247 -15.64 -18.50 -36.76
CA ALA A 247 -14.44 -17.69 -36.92
C ALA A 247 -13.74 -18.12 -38.21
N ILE A 248 -13.05 -17.17 -38.83
CA ILE A 248 -12.29 -17.42 -40.05
C ILE A 248 -10.81 -17.19 -39.75
N THR A 249 -10.04 -18.26 -39.78
CA THR A 249 -8.61 -18.19 -39.44
C THR A 249 -7.87 -17.35 -40.47
N TRP A 250 -8.00 -17.71 -41.75
CA TRP A 250 -7.22 -17.08 -42.80
C TRP A 250 -7.87 -17.42 -44.13
N LEU A 251 -7.76 -16.51 -45.08
CA LEU A 251 -8.18 -16.79 -46.45
C LEU A 251 -7.21 -16.14 -47.41
N GLY A 252 -7.17 -16.67 -48.63
CA GLY A 252 -6.31 -16.12 -49.66
C GLY A 252 -6.56 -16.76 -51.01
N TYR A 253 -6.25 -16.03 -52.08
CA TYR A 253 -6.40 -16.56 -53.42
C TYR A 253 -5.12 -17.28 -53.83
N LEU A 254 -5.26 -18.48 -54.36
CA LEU A 254 -4.12 -19.23 -54.87
C LEU A 254 -3.75 -18.72 -56.26
N PRO A 255 -2.53 -19.01 -56.72
CA PRO A 255 -2.12 -18.50 -58.04
C PRO A 255 -2.99 -18.98 -59.19
N ASP A 256 -3.73 -20.09 -59.04
CA ASP A 256 -4.60 -20.57 -60.10
C ASP A 256 -6.02 -20.03 -59.99
N GLY A 257 -6.25 -19.06 -59.11
CA GLY A 257 -7.54 -18.41 -58.99
C GLY A 257 -8.47 -18.99 -57.93
N ARG A 258 -8.22 -20.21 -57.49
CA ARG A 258 -9.06 -20.82 -56.46
C ARG A 258 -8.92 -20.06 -55.14
N LEU A 259 -10.03 -19.98 -54.40
CA LEU A 259 -10.08 -19.25 -53.14
C LEU A 259 -9.97 -20.25 -51.98
N ALA A 260 -8.88 -20.15 -51.23
CA ALA A 260 -8.65 -21.01 -50.06
C ALA A 260 -9.11 -20.27 -48.81
N VAL A 261 -9.92 -20.93 -48.00
CA VAL A 261 -10.41 -20.37 -46.75
C VAL A 261 -10.23 -21.40 -45.65
N VAL A 262 -9.63 -20.98 -44.54
CA VAL A 262 -9.54 -21.79 -43.33
C VAL A 262 -10.45 -21.15 -42.29
N ALA A 263 -11.51 -21.85 -41.93
CA ALA A 263 -12.47 -21.40 -40.93
C ALA A 263 -12.55 -22.43 -39.82
N ARG A 264 -13.12 -22.04 -38.68
CA ARG A 264 -13.11 -22.92 -37.54
C ARG A 264 -14.35 -22.72 -36.68
N ARG A 265 -14.67 -23.75 -35.91
CA ARG A 265 -15.72 -23.69 -34.90
C ARG A 265 -15.36 -24.66 -33.78
N GLU A 266 -15.58 -24.23 -32.54
CA GLU A 266 -15.33 -25.05 -31.36
C GLU A 266 -13.88 -25.53 -31.28
N GLY A 267 -12.96 -24.64 -31.64
CA GLY A 267 -11.54 -24.90 -31.49
C GLY A 267 -10.93 -25.83 -32.51
N ARG A 268 -11.62 -26.12 -33.61
CA ARG A 268 -11.08 -26.95 -34.68
C ARG A 268 -11.44 -26.33 -36.02
N SER A 269 -10.47 -26.33 -36.94
CA SER A 269 -10.62 -25.64 -38.21
C SER A 269 -10.90 -26.62 -39.34
N ALA A 270 -11.30 -26.06 -40.48
CA ALA A 270 -11.55 -26.81 -41.70
C ALA A 270 -11.03 -26.03 -42.88
N VAL A 271 -10.65 -26.75 -43.94
CA VAL A 271 -10.06 -26.15 -45.12
C VAL A 271 -11.08 -26.24 -46.26
N PHE A 272 -11.26 -25.12 -46.96
CA PHE A 272 -12.22 -25.05 -48.06
C PHE A 272 -11.53 -24.43 -49.27
N ILE A 273 -11.74 -25.03 -50.43
CA ILE A 273 -11.26 -24.50 -51.70
C ILE A 273 -12.48 -24.21 -52.56
N ASP A 274 -12.70 -22.93 -52.87
CA ASP A 274 -13.89 -22.47 -53.59
C ASP A 274 -15.16 -22.98 -52.92
N GLY A 275 -15.13 -23.03 -51.59
CA GLY A 275 -16.25 -23.50 -50.80
C GLY A 275 -16.27 -24.99 -50.53
N GLU A 276 -15.44 -25.78 -51.21
CA GLU A 276 -15.46 -27.23 -51.06
C GLU A 276 -14.57 -27.67 -49.92
N ARG A 277 -15.10 -28.53 -49.05
CA ARG A 277 -14.37 -29.01 -47.88
C ARG A 277 -13.27 -29.97 -48.33
N VAL A 278 -12.03 -29.64 -48.00
CA VAL A 278 -10.87 -30.49 -48.25
C VAL A 278 -10.51 -31.23 -46.97
N GLU A 279 -10.18 -32.51 -47.10
CA GLU A 279 -9.82 -33.29 -45.93
C GLU A 279 -8.49 -32.82 -45.34
N ALA A 280 -8.44 -32.73 -44.01
CA ALA A 280 -7.28 -32.24 -43.30
C ALA A 280 -7.23 -32.92 -41.94
N PRO A 281 -6.04 -33.09 -41.36
CA PRO A 281 -5.95 -33.74 -40.05
C PRO A 281 -6.68 -32.94 -38.98
N GLN A 282 -7.33 -33.66 -38.07
CA GLN A 282 -8.10 -33.03 -37.01
C GLN A 282 -7.21 -32.10 -36.18
N GLY A 283 -7.70 -30.88 -35.95
CA GLY A 283 -6.95 -29.89 -35.21
C GLY A 283 -7.15 -28.49 -35.76
N ASN A 284 -6.07 -27.73 -35.89
CA ASN A 284 -6.12 -26.37 -36.41
C ASN A 284 -5.08 -26.20 -37.52
N HIS A 285 -5.43 -25.38 -38.51
CA HIS A 285 -4.62 -25.25 -39.71
C HIS A 285 -4.25 -23.79 -39.92
N GLY A 286 -3.12 -23.58 -40.59
CA GLY A 286 -2.64 -22.25 -40.93
C GLY A 286 -2.98 -21.87 -42.36
N ARG A 287 -2.12 -21.07 -42.98
CA ARG A 287 -2.35 -20.67 -44.36
C ARG A 287 -2.21 -21.87 -45.28
N VAL A 288 -2.88 -21.79 -46.43
CA VAL A 288 -2.84 -22.82 -47.46
C VAL A 288 -2.06 -22.28 -48.65
N VAL A 289 -1.10 -23.06 -49.13
CA VAL A 289 -0.30 -22.64 -50.28
C VAL A 289 -0.44 -23.68 -51.38
N LEU A 290 -0.16 -23.25 -52.60
CA LEU A 290 -0.12 -24.12 -53.77
C LEU A 290 1.33 -24.42 -54.08
N TRP A 291 1.73 -25.67 -53.93
CA TRP A 291 3.13 -26.08 -54.08
C TRP A 291 3.18 -27.26 -55.04
N ARG A 292 3.83 -27.06 -56.19
CA ARG A 292 3.91 -28.08 -57.24
C ARG A 292 2.53 -28.64 -57.58
N GLY A 293 1.56 -27.73 -57.71
CA GLY A 293 0.19 -28.10 -58.00
C GLY A 293 -0.59 -28.72 -56.85
N LYS A 294 0.04 -28.91 -55.69
CA LYS A 294 -0.60 -29.57 -54.56
C LYS A 294 -0.83 -28.59 -53.41
N LEU A 295 -1.81 -28.92 -52.58
CA LEU A 295 -2.19 -28.09 -51.45
C LEU A 295 -1.37 -28.46 -50.22
N VAL A 296 -0.75 -27.45 -49.60
CA VAL A 296 0.05 -27.64 -48.40
C VAL A 296 -0.47 -26.67 -47.33
N THR A 297 -0.57 -27.15 -46.10
CA THR A 297 -0.95 -26.30 -44.98
C THR A 297 -0.16 -26.73 -43.74
N SER A 298 -0.24 -25.91 -42.70
CA SER A 298 0.31 -26.26 -41.41
C SER A 298 -0.77 -26.92 -40.56
N HIS A 299 -0.34 -27.79 -39.65
CA HIS A 299 -1.27 -28.52 -38.81
C HIS A 299 -0.75 -28.56 -37.38
N THR A 300 -1.66 -28.37 -36.43
CA THR A 300 -1.32 -28.49 -35.02
C THR A 300 -2.53 -29.03 -34.27
N SER A 301 -2.26 -29.65 -33.12
CA SER A 301 -3.30 -30.11 -32.22
C SER A 301 -2.72 -30.18 -30.81
N LEU A 302 -3.59 -30.40 -29.84
CA LEU A 302 -3.14 -30.43 -28.44
C LEU A 302 -2.10 -31.52 -28.21
N SER A 303 -2.04 -32.53 -29.08
CA SER A 303 -1.03 -33.57 -28.99
C SER A 303 -0.01 -33.52 -30.12
N THR A 304 -0.18 -32.63 -31.09
CA THR A 304 0.67 -32.58 -32.28
C THR A 304 1.34 -31.21 -32.38
N PRO A 305 2.65 -31.13 -32.16
CA PRO A 305 3.34 -29.85 -32.37
C PRO A 305 3.17 -29.39 -33.80
N PRO A 306 3.21 -28.07 -34.03
CA PRO A 306 2.93 -27.55 -35.38
C PRO A 306 3.81 -28.17 -36.45
N ARG A 307 3.18 -28.63 -37.52
CA ARG A 307 3.86 -29.36 -38.58
C ARG A 307 3.30 -28.94 -39.94
N ILE A 308 4.05 -29.28 -40.99
CA ILE A 308 3.69 -28.95 -42.36
C ILE A 308 3.16 -30.22 -43.03
N VAL A 309 1.93 -30.18 -43.51
CA VAL A 309 1.27 -31.34 -44.08
C VAL A 309 0.72 -31.02 -45.47
N SER A 310 0.62 -32.06 -46.29
CA SER A 310 0.00 -31.96 -47.59
C SER A 310 -1.46 -32.41 -47.49
N LEU A 311 -2.32 -31.78 -48.28
CA LEU A 311 -3.74 -32.09 -48.31
C LEU A 311 -4.10 -32.75 -49.65
N PRO A 312 -5.08 -33.67 -49.67
CA PRO A 312 -5.91 -34.15 -48.56
C PRO A 312 -5.35 -35.38 -47.84
N SER A 313 -4.17 -35.88 -48.20
CA SER A 313 -3.62 -37.06 -47.55
C SER A 313 -3.35 -36.80 -46.06
N GLY A 314 -3.06 -35.55 -45.70
CA GLY A 314 -2.68 -35.23 -44.33
C GLY A 314 -1.30 -35.66 -43.94
N GLU A 315 -0.50 -36.21 -44.88
CA GLU A 315 0.81 -36.74 -44.57
C GLU A 315 1.82 -35.61 -44.38
N PRO A 316 2.68 -35.71 -43.37
CA PRO A 316 3.57 -34.59 -43.05
C PRO A 316 4.73 -34.46 -44.02
N LEU A 317 5.12 -33.21 -44.28
CA LEU A 317 6.36 -32.88 -44.97
C LEU A 317 7.46 -32.52 -43.99
N LEU A 318 7.14 -31.72 -42.97
CA LEU A 318 8.05 -31.39 -41.89
C LEU A 318 7.30 -31.53 -40.58
N GLU A 319 7.88 -32.27 -39.64
CA GLU A 319 7.31 -32.38 -38.31
C GLU A 319 8.40 -32.79 -37.33
N GLY A 320 8.27 -32.29 -36.10
CA GLY A 320 9.10 -32.76 -35.02
C GLY A 320 8.44 -33.97 -34.36
N GLY A 321 9.28 -34.91 -33.92
CA GLY A 321 8.81 -36.13 -33.31
C GLY A 321 8.85 -36.04 -31.79
N LEU A 322 7.77 -36.48 -31.15
CA LEU A 322 7.83 -36.59 -29.71
C LEU A 322 8.17 -38.01 -29.29
N PRO A 323 8.99 -38.17 -28.26
CA PRO A 323 9.22 -39.51 -27.71
C PRO A 323 7.94 -40.11 -27.17
N GLU A 324 7.86 -41.44 -27.19
CA GLU A 324 6.63 -42.13 -26.80
C GLU A 324 6.20 -41.79 -25.38
N ASP A 325 7.16 -41.67 -24.46
CA ASP A 325 6.81 -41.43 -23.06
C ASP A 325 6.12 -40.08 -22.89
N LEU A 326 6.57 -39.07 -23.63
CA LEU A 326 5.90 -37.76 -23.57
C LEU A 326 4.53 -37.81 -24.23
N ARG A 327 4.42 -38.50 -25.36
CA ARG A 327 3.11 -38.72 -25.99
C ARG A 327 2.13 -39.34 -25.01
N ARG A 328 2.60 -40.30 -24.21
CA ARG A 328 1.72 -40.97 -23.24
C ARG A 328 1.37 -40.08 -22.06
N SER A 329 2.17 -39.04 -21.78
CA SER A 329 1.88 -38.18 -20.64
C SER A 329 0.66 -37.30 -20.88
N ILE A 330 0.18 -37.21 -22.12
CA ILE A 330 -1.10 -36.59 -22.43
C ILE A 330 -2.09 -37.73 -22.66
N ALA A 331 -2.94 -37.99 -21.66
CA ALA A 331 -3.90 -39.08 -21.78
C ALA A 331 -4.99 -38.75 -22.79
N GLY A 332 -5.34 -37.48 -22.94
CA GLY A 332 -6.38 -37.10 -23.87
C GLY A 332 -6.79 -35.66 -23.64
N SER A 333 -7.63 -35.17 -24.56
CA SER A 333 -8.14 -33.82 -24.49
C SER A 333 -9.57 -33.77 -25.00
N ARG A 334 -10.37 -32.89 -24.41
CA ARG A 334 -11.77 -32.75 -24.76
C ARG A 334 -12.21 -31.31 -24.53
N LEU A 335 -13.28 -30.93 -25.21
CA LEU A 335 -13.92 -29.62 -25.03
C LEU A 335 -15.22 -29.83 -24.27
N VAL A 336 -15.36 -29.13 -23.14
CA VAL A 336 -16.58 -29.16 -22.35
C VAL A 336 -17.09 -27.73 -22.21
N TRP A 337 -18.36 -27.61 -21.83
CA TRP A 337 -19.04 -26.32 -21.76
C TRP A 337 -19.39 -26.02 -20.31
N VAL A 338 -18.67 -25.07 -19.72
CA VAL A 338 -18.81 -24.72 -18.31
C VAL A 338 -19.77 -23.54 -18.19
N GLU A 339 -20.75 -23.67 -17.30
CA GLU A 339 -21.70 -22.60 -17.04
C GLU A 339 -21.08 -21.57 -16.09
N SER A 340 -21.18 -20.30 -16.45
CA SER A 340 -20.55 -19.22 -15.70
C SER A 340 -21.60 -18.50 -14.87
N PHE A 341 -21.26 -17.30 -14.37
CA PHE A 341 -22.10 -16.61 -13.40
C PHE A 341 -23.43 -16.16 -14.01
N ASP A 342 -23.41 -15.65 -15.24
CA ASP A 342 -24.61 -15.16 -15.89
C ASP A 342 -25.29 -16.20 -16.77
N GLY A 343 -24.94 -17.48 -16.61
CA GLY A 343 -25.55 -18.55 -17.37
C GLY A 343 -24.97 -18.77 -18.75
N SER A 344 -23.92 -18.06 -19.12
CA SER A 344 -23.25 -18.31 -20.39
C SER A 344 -22.45 -19.60 -20.32
N ARG A 345 -22.31 -20.25 -21.48
CA ARG A 345 -21.53 -21.47 -21.58
C ARG A 345 -20.12 -21.12 -22.03
N VAL A 346 -19.14 -21.44 -21.18
CA VAL A 346 -17.74 -21.11 -21.43
C VAL A 346 -17.08 -22.32 -22.09
N PRO A 347 -16.72 -22.25 -23.37
CA PRO A 347 -16.02 -23.37 -24.01
C PRO A 347 -14.63 -23.55 -23.41
N THR A 348 -14.36 -24.75 -22.90
CA THR A 348 -13.17 -25.00 -22.11
C THR A 348 -12.52 -26.29 -22.56
N TYR A 349 -11.23 -26.22 -22.92
CA TYR A 349 -10.47 -27.41 -23.26
C TYR A 349 -9.82 -27.98 -22.02
N VAL A 350 -9.89 -29.30 -21.88
CA VAL A 350 -9.33 -30.03 -20.74
C VAL A 350 -8.26 -30.96 -21.27
N LEU A 351 -7.07 -30.88 -20.69
CA LEU A 351 -5.95 -31.74 -21.05
C LEU A 351 -5.73 -32.71 -19.89
N GLU A 352 -6.13 -33.96 -20.08
CA GLU A 352 -6.03 -34.97 -19.03
CA GLU A 352 -6.03 -34.97 -19.03
C GLU A 352 -4.63 -35.57 -19.03
N SER A 353 -3.92 -35.41 -17.92
CA SER A 353 -2.56 -35.91 -17.80
C SER A 353 -2.56 -37.42 -17.60
N GLY A 354 -1.70 -38.11 -18.33
CA GLY A 354 -1.49 -39.53 -18.10
C GLY A 354 -0.63 -39.85 -16.91
N ARG A 355 -0.16 -38.83 -16.18
CA ARG A 355 0.71 -39.01 -15.03
C ARG A 355 0.10 -38.44 -13.76
N ALA A 356 -1.21 -38.21 -13.76
CA ALA A 356 -1.93 -37.72 -12.59
C ALA A 356 -3.11 -38.63 -12.31
N PRO A 357 -3.48 -38.78 -11.04
CA PRO A 357 -4.71 -39.51 -10.71
C PRO A 357 -5.95 -38.67 -11.02
N THR A 358 -7.10 -39.32 -10.93
CA THR A 358 -8.38 -38.66 -11.17
C THR A 358 -9.31 -38.95 -10.00
N PRO A 359 -9.61 -37.97 -9.14
CA PRO A 359 -9.17 -36.56 -9.19
C PRO A 359 -7.69 -36.39 -8.90
N GLY A 360 -7.07 -35.36 -9.48
CA GLY A 360 -5.66 -35.12 -9.28
C GLY A 360 -5.34 -33.63 -9.36
N PRO A 361 -4.06 -33.30 -9.21
CA PRO A 361 -3.64 -31.90 -9.28
C PRO A 361 -3.95 -31.31 -10.64
N THR A 362 -4.59 -30.14 -10.65
CA THR A 362 -5.10 -29.54 -11.87
C THR A 362 -4.69 -28.07 -11.91
N VAL A 363 -4.16 -27.64 -13.05
CA VAL A 363 -3.75 -26.26 -13.27
C VAL A 363 -4.74 -25.63 -14.25
N VAL A 364 -5.37 -24.53 -13.84
CA VAL A 364 -6.15 -23.72 -14.75
C VAL A 364 -5.17 -22.81 -15.49
N LEU A 365 -4.96 -23.06 -16.76
CA LEU A 365 -3.98 -22.35 -17.57
C LEU A 365 -4.72 -21.29 -18.38
N VAL A 366 -4.58 -20.03 -17.96
CA VAL A 366 -5.34 -18.93 -18.54
C VAL A 366 -4.57 -18.38 -19.73
N HIS A 367 -5.22 -18.35 -20.89
CA HIS A 367 -4.56 -17.85 -22.10
C HIS A 367 -4.43 -16.33 -22.05
N GLY A 368 -3.46 -15.83 -22.81
CA GLY A 368 -3.21 -14.40 -22.90
C GLY A 368 -4.08 -13.74 -23.95
N GLY A 369 -3.74 -12.48 -24.24
CA GLY A 369 -4.42 -11.73 -25.27
C GLY A 369 -4.90 -10.37 -24.81
N PRO A 370 -6.17 -10.28 -24.43
CA PRO A 370 -7.15 -11.36 -24.27
C PRO A 370 -7.76 -11.85 -25.59
N PHE A 371 -7.52 -11.17 -26.70
CA PHE A 371 -8.08 -11.60 -27.99
C PHE A 371 -7.28 -12.79 -28.51
N ALA A 372 -7.49 -13.94 -27.86
CA ALA A 372 -6.85 -15.19 -28.21
C ALA A 372 -7.76 -16.32 -27.76
N GLU A 373 -7.36 -17.55 -28.09
CA GLU A 373 -8.25 -18.68 -27.89
C GLU A 373 -7.48 -19.90 -27.38
N ASP A 374 -8.10 -20.62 -26.44
CA ASP A 374 -7.65 -21.96 -26.08
C ASP A 374 -8.34 -22.93 -27.03
N SER A 375 -7.63 -23.36 -28.06
CA SER A 375 -8.17 -24.25 -29.08
C SER A 375 -7.46 -25.59 -29.04
N ASP A 376 -7.88 -26.50 -29.92
CA ASP A 376 -7.18 -27.77 -30.11
C ASP A 376 -5.91 -27.52 -30.92
N SER A 377 -4.96 -26.87 -30.25
CA SER A 377 -3.69 -26.51 -30.85
C SER A 377 -2.59 -26.77 -29.82
N TRP A 378 -1.37 -27.01 -30.31
CA TRP A 378 -0.26 -27.36 -29.44
C TRP A 378 0.04 -26.23 -28.46
N ASP A 379 0.14 -26.59 -27.18
CA ASP A 379 0.48 -25.64 -26.12
C ASP A 379 1.64 -26.26 -25.35
N THR A 380 2.85 -25.74 -25.57
CA THR A 380 4.04 -26.28 -24.90
C THR A 380 3.89 -26.23 -23.38
N PHE A 381 3.30 -25.14 -22.87
CA PHE A 381 3.12 -25.01 -21.42
C PHE A 381 2.15 -26.07 -20.89
N ALA A 382 1.02 -26.26 -21.59
CA ALA A 382 0.07 -27.28 -21.18
C ALA A 382 0.69 -28.67 -21.22
N ALA A 383 1.54 -28.93 -22.22
CA ALA A 383 2.20 -30.23 -22.31
C ALA A 383 3.16 -30.44 -21.15
N SER A 384 3.90 -29.41 -20.75
CA SER A 384 4.81 -29.53 -19.62
C SER A 384 4.06 -29.85 -18.33
N LEU A 385 2.88 -29.28 -18.15
CA LEU A 385 2.11 -29.53 -16.93
C LEU A 385 1.58 -30.96 -16.91
N ALA A 386 1.12 -31.47 -18.06
CA ALA A 386 0.71 -32.86 -18.13
C ALA A 386 1.89 -33.80 -17.92
N ALA A 387 3.06 -33.44 -18.45
CA ALA A 387 4.25 -34.24 -18.24
C ALA A 387 4.68 -34.24 -16.77
N ALA A 388 4.37 -33.18 -16.04
CA ALA A 388 4.73 -33.08 -14.63
C ALA A 388 3.64 -33.60 -13.70
N GLY A 389 2.57 -34.16 -14.23
CA GLY A 389 1.53 -34.73 -13.40
C GLY A 389 0.39 -33.81 -13.05
N PHE A 390 0.10 -32.81 -13.88
CA PHE A 390 -1.02 -31.91 -13.68
C PHE A 390 -2.01 -32.04 -14.84
N HIS A 391 -3.28 -32.17 -14.51
CA HIS A 391 -4.32 -31.90 -15.48
C HIS A 391 -4.35 -30.40 -15.78
N VAL A 392 -4.76 -30.06 -17.00
CA VAL A 392 -4.78 -28.68 -17.45
C VAL A 392 -6.18 -28.33 -17.93
N VAL A 393 -6.73 -27.26 -17.37
CA VAL A 393 -8.04 -26.73 -17.76
C VAL A 393 -7.82 -25.38 -18.41
N MET A 394 -8.33 -25.22 -19.63
CA MET A 394 -8.04 -24.06 -20.47
C MET A 394 -9.36 -23.37 -20.85
N PRO A 395 -9.81 -22.40 -20.05
CA PRO A 395 -11.11 -21.78 -20.30
C PRO A 395 -11.06 -20.61 -21.27
N ASN A 396 -11.93 -20.62 -22.28
CA ASN A 396 -12.07 -19.49 -23.19
C ASN A 396 -13.03 -18.49 -22.56
N TYR A 397 -12.53 -17.75 -21.58
CA TYR A 397 -13.30 -16.71 -20.92
C TYR A 397 -13.76 -15.68 -21.94
N ARG A 398 -14.77 -14.89 -21.56
CA ARG A 398 -15.31 -13.89 -22.47
C ARG A 398 -14.22 -12.87 -22.81
N GLY A 399 -14.18 -12.46 -24.08
CA GLY A 399 -13.05 -11.79 -24.65
C GLY A 399 -12.22 -12.68 -25.56
N SER A 400 -12.41 -13.99 -25.48
CA SER A 400 -11.68 -14.93 -26.32
C SER A 400 -12.18 -14.85 -27.76
N THR A 401 -11.35 -15.33 -28.67
CA THR A 401 -11.69 -15.43 -30.08
C THR A 401 -12.28 -16.80 -30.37
N GLY A 402 -12.73 -16.99 -31.62
CA GLY A 402 -13.17 -18.28 -32.09
C GLY A 402 -14.59 -18.67 -31.75
N TYR A 403 -15.35 -17.80 -31.07
CA TYR A 403 -16.72 -18.13 -30.69
C TYR A 403 -17.70 -16.99 -30.97
N GLY A 404 -17.36 -16.10 -31.88
CA GLY A 404 -18.27 -15.05 -32.31
C GLY A 404 -17.86 -13.69 -31.78
N GLU A 405 -18.37 -12.65 -32.46
CA GLU A 405 -18.05 -11.28 -32.08
C GLU A 405 -18.63 -10.93 -30.71
N GLU A 406 -19.82 -11.46 -30.40
CA GLU A 406 -20.49 -11.10 -29.16
C GLU A 406 -19.68 -11.58 -27.96
N TRP A 407 -19.24 -12.84 -27.97
CA TRP A 407 -18.46 -13.36 -26.86
C TRP A 407 -17.13 -12.63 -26.72
N ARG A 408 -16.53 -12.23 -27.85
CA ARG A 408 -15.23 -11.56 -27.81
C ARG A 408 -15.34 -10.14 -27.26
N LEU A 409 -16.38 -9.41 -27.64
CA LEU A 409 -16.51 -8.01 -27.23
C LEU A 409 -17.04 -7.85 -25.81
N LYS A 410 -17.53 -8.93 -25.18
CA LYS A 410 -18.06 -8.83 -23.83
C LYS A 410 -17.01 -8.35 -22.83
N ILE A 411 -15.73 -8.52 -23.14
CA ILE A 411 -14.66 -8.07 -22.24
C ILE A 411 -14.41 -6.57 -22.34
N ILE A 412 -14.88 -5.93 -23.42
CA ILE A 412 -14.57 -4.51 -23.61
C ILE A 412 -15.17 -3.70 -22.49
N GLY A 413 -14.32 -3.01 -21.73
CA GLY A 413 -14.76 -2.24 -20.60
C GLY A 413 -14.88 -3.01 -19.30
N ASP A 414 -14.52 -4.29 -19.30
CA ASP A 414 -14.68 -5.11 -18.11
C ASP A 414 -13.50 -6.06 -17.88
N PRO A 415 -12.25 -5.58 -17.87
CA PRO A 415 -11.13 -6.47 -17.54
C PRO A 415 -11.16 -6.84 -16.06
N CYS A 416 -10.81 -8.09 -15.76
CA CYS A 416 -10.86 -8.62 -14.41
C CYS A 416 -12.28 -8.52 -13.83
N GLY A 417 -13.26 -8.90 -14.65
CA GLY A 417 -14.65 -8.84 -14.23
C GLY A 417 -15.43 -10.07 -14.64
N GLY A 418 -16.19 -9.96 -15.73
CA GLY A 418 -16.95 -11.11 -16.20
C GLY A 418 -16.06 -12.26 -16.63
N GLU A 419 -14.96 -11.96 -17.31
CA GLU A 419 -14.04 -13.02 -17.75
C GLU A 419 -13.39 -13.72 -16.56
N LEU A 420 -13.17 -13.01 -15.45
CA LEU A 420 -12.68 -13.65 -14.24
C LEU A 420 -13.66 -14.69 -13.72
N GLU A 421 -14.96 -14.38 -13.79
CA GLU A 421 -15.98 -15.33 -13.36
C GLU A 421 -15.96 -16.58 -14.22
N ASP A 422 -15.68 -16.42 -15.52
CA ASP A 422 -15.56 -17.59 -16.40
C ASP A 422 -14.42 -18.48 -15.95
N VAL A 423 -13.28 -17.89 -15.59
CA VAL A 423 -12.15 -18.67 -15.10
C VAL A 423 -12.52 -19.41 -13.82
N SER A 424 -13.21 -18.72 -12.90
CA SER A 424 -13.58 -19.35 -11.64
C SER A 424 -14.54 -20.52 -11.86
N ALA A 425 -15.53 -20.34 -12.75
CA ALA A 425 -16.50 -21.41 -12.99
C ALA A 425 -15.83 -22.65 -13.57
N ALA A 426 -14.85 -22.46 -14.46
CA ALA A 426 -14.10 -23.59 -14.99
C ALA A 426 -13.29 -24.27 -13.89
N ALA A 427 -12.66 -23.47 -13.02
CA ALA A 427 -11.95 -24.03 -11.87
C ALA A 427 -12.89 -24.82 -10.97
N ARG A 428 -14.02 -24.20 -10.58
CA ARG A 428 -14.99 -24.90 -9.75
C ARG A 428 -15.52 -26.14 -10.46
N TRP A 429 -15.72 -26.06 -11.78
CA TRP A 429 -16.16 -27.24 -12.52
C TRP A 429 -15.17 -28.39 -12.38
N ALA A 430 -13.87 -28.09 -12.52
CA ALA A 430 -12.85 -29.12 -12.40
C ALA A 430 -12.97 -29.88 -11.09
N ARG A 431 -13.09 -29.14 -9.98
CA ARG A 431 -13.24 -29.79 -8.67
C ARG A 431 -14.59 -30.49 -8.55
N GLU A 432 -15.67 -29.83 -8.98
CA GLU A 432 -17.00 -30.38 -8.79
C GLU A 432 -17.28 -31.55 -9.73
N SER A 433 -16.66 -31.58 -10.91
CA SER A 433 -16.87 -32.69 -11.84
C SER A 433 -16.09 -33.94 -11.46
N GLY A 434 -15.27 -33.88 -10.42
CA GLY A 434 -14.44 -35.01 -10.03
C GLY A 434 -13.12 -35.11 -10.75
N LEU A 435 -12.70 -34.05 -11.45
CA LEU A 435 -11.44 -34.05 -12.18
C LEU A 435 -10.28 -33.59 -11.33
N ALA A 436 -10.50 -32.59 -10.47
CA ALA A 436 -9.43 -31.92 -9.73
C ALA A 436 -9.52 -32.28 -8.25
N SER A 437 -8.37 -32.67 -7.68
CA SER A 437 -8.25 -32.80 -6.24
C SER A 437 -7.76 -31.50 -5.60
N GLU A 438 -6.98 -30.72 -6.33
CA GLU A 438 -6.55 -29.39 -5.90
C GLU A 438 -6.41 -28.53 -7.15
N LEU A 439 -6.48 -27.21 -6.94
CA LEU A 439 -6.58 -26.27 -8.05
C LEU A 439 -5.43 -25.27 -7.99
N TYR A 440 -4.77 -25.09 -9.13
CA TYR A 440 -3.76 -24.05 -9.31
C TYR A 440 -4.15 -23.20 -10.51
N ILE A 441 -3.67 -21.96 -10.53
CA ILE A 441 -3.89 -21.06 -11.64
C ILE A 441 -2.54 -20.62 -12.20
N MET A 442 -2.46 -20.51 -13.52
CA MET A 442 -1.21 -20.17 -14.20
C MET A 442 -1.55 -19.47 -15.51
N GLY A 443 -0.79 -18.43 -15.83
CA GLY A 443 -0.98 -17.71 -17.07
C GLY A 443 0.13 -16.71 -17.31
N TYR A 444 0.32 -16.38 -18.59
CA TYR A 444 1.33 -15.42 -19.00
C TYR A 444 0.69 -14.24 -19.75
N SER A 445 1.41 -13.12 -19.75
CA SER A 445 0.91 -11.85 -20.28
C SER A 445 -0.44 -11.50 -19.69
N TYR A 446 -1.49 -11.45 -20.51
CA TYR A 446 -2.82 -11.20 -19.98
C TYR A 446 -3.27 -12.34 -19.06
N GLY A 447 -2.81 -13.56 -19.33
CA GLY A 447 -3.07 -14.66 -18.42
C GLY A 447 -2.38 -14.51 -17.08
N GLY A 448 -1.22 -13.86 -17.07
CA GLY A 448 -0.58 -13.53 -15.80
C GLY A 448 -1.31 -12.44 -15.06
N TYR A 449 -1.85 -11.46 -15.79
CA TYR A 449 -2.72 -10.46 -15.19
C TYR A 449 -3.94 -11.12 -14.56
N MET A 450 -4.49 -12.14 -15.23
CA MET A 450 -5.64 -12.86 -14.67
C MET A 450 -5.26 -13.59 -13.39
N THR A 451 -4.06 -14.16 -13.33
CA THR A 451 -3.61 -14.83 -12.11
C THR A 451 -3.60 -13.86 -10.93
N LEU A 452 -2.95 -12.71 -11.10
CA LEU A 452 -2.98 -11.68 -10.07
C LEU A 452 -4.40 -11.23 -9.80
N CYS A 453 -5.20 -11.04 -10.86
CA CYS A 453 -6.61 -10.68 -10.70
C CYS A 453 -7.37 -11.75 -9.91
N ALA A 454 -7.02 -13.02 -10.10
CA ALA A 454 -7.73 -14.08 -9.41
C ALA A 454 -7.31 -14.17 -7.94
N LEU A 455 -6.01 -14.06 -7.65
CA LEU A 455 -5.55 -14.18 -6.27
C LEU A 455 -5.97 -12.97 -5.43
N THR A 456 -6.17 -11.82 -6.08
CA THR A 456 -6.63 -10.64 -5.35
C THR A 456 -8.15 -10.62 -5.20
N MET A 457 -8.89 -10.93 -6.26
CA MET A 457 -10.34 -10.81 -6.21
C MET A 457 -11.00 -12.03 -5.59
N LYS A 458 -10.44 -13.23 -5.79
CA LYS A 458 -11.02 -14.47 -5.27
C LYS A 458 -9.98 -15.28 -4.52
N PRO A 459 -9.54 -14.80 -3.35
CA PRO A 459 -8.64 -15.61 -2.52
C PRO A 459 -9.34 -16.86 -2.03
N GLY A 460 -8.57 -17.93 -1.88
CA GLY A 460 -9.09 -19.19 -1.43
C GLY A 460 -9.62 -20.10 -2.53
N LEU A 461 -9.93 -19.55 -3.71
CA LEU A 461 -10.36 -20.39 -4.81
C LEU A 461 -9.25 -21.34 -5.25
N PHE A 462 -8.06 -20.81 -5.46
CA PHE A 462 -6.91 -21.60 -5.88
C PHE A 462 -5.96 -21.83 -4.70
N LYS A 463 -5.09 -22.82 -4.86
CA LYS A 463 -4.10 -23.17 -3.85
C LYS A 463 -2.81 -22.36 -3.99
N ALA A 464 -2.42 -22.05 -5.22
CA ALA A 464 -1.23 -21.26 -5.49
C ALA A 464 -1.35 -20.73 -6.91
N GLY A 465 -0.58 -19.69 -7.21
CA GLY A 465 -0.69 -19.01 -8.48
C GLY A 465 0.67 -18.71 -9.08
N VAL A 466 0.72 -18.78 -10.41
CA VAL A 466 1.91 -18.44 -11.19
C VAL A 466 1.52 -17.35 -12.17
N ALA A 467 2.13 -16.18 -12.04
CA ALA A 467 1.85 -15.04 -12.90
C ALA A 467 3.12 -14.73 -13.69
N GLY A 468 3.08 -14.95 -15.00
CA GLY A 468 4.22 -14.72 -15.88
C GLY A 468 3.98 -13.53 -16.78
N ALA A 469 5.01 -12.69 -16.95
CA ALA A 469 4.96 -11.50 -17.79
C ALA A 469 3.66 -10.74 -17.60
N SER A 470 3.25 -10.57 -16.35
CA SER A 470 1.88 -10.17 -16.07
C SER A 470 1.69 -8.66 -16.20
N VAL A 471 0.43 -8.26 -16.40
CA VAL A 471 0.04 -6.87 -16.24
C VAL A 471 -0.24 -6.62 -14.77
N VAL A 472 0.35 -5.57 -14.22
CA VAL A 472 0.27 -5.27 -12.79
C VAL A 472 -0.50 -3.98 -12.55
N ASP A 473 -0.30 -2.97 -13.38
CA ASP A 473 -0.96 -1.68 -13.22
C ASP A 473 -1.21 -1.11 -14.62
N TRP A 474 -2.49 -0.94 -14.95
CA TRP A 474 -2.84 -0.40 -16.27
C TRP A 474 -2.34 1.03 -16.44
N GLU A 475 -2.27 1.80 -15.36
CA GLU A 475 -1.86 3.20 -15.47
C GLU A 475 -0.38 3.30 -15.85
N GLU A 476 0.49 2.66 -15.07
CA GLU A 476 1.93 2.74 -15.35
C GLU A 476 2.27 2.07 -16.67
N MET A 477 1.59 0.97 -17.00
CA MET A 477 1.82 0.31 -18.28
C MET A 477 1.41 1.20 -19.44
N TYR A 478 0.30 1.95 -19.29
CA TYR A 478 -0.11 2.88 -20.33
C TYR A 478 0.93 3.98 -20.52
N GLU A 479 1.51 4.47 -19.42
CA GLU A 479 2.54 5.48 -19.51
C GLU A 479 3.83 4.94 -20.12
N LEU A 480 3.99 3.62 -20.18
CA LEU A 480 5.21 3.00 -20.71
C LEU A 480 4.93 2.19 -21.97
N SER A 481 3.88 2.54 -22.70
CA SER A 481 3.49 1.84 -23.91
C SER A 481 3.69 2.73 -25.13
N ASP A 482 3.82 2.09 -26.29
CA ASP A 482 3.96 2.81 -27.55
C ASP A 482 2.58 3.18 -28.08
N ALA A 483 2.55 3.70 -29.31
CA ALA A 483 1.29 4.15 -29.92
C ALA A 483 0.25 3.03 -29.94
N ALA A 484 0.63 1.84 -30.42
CA ALA A 484 -0.31 0.74 -30.56
C ALA A 484 -0.88 0.30 -29.22
N PHE A 485 -0.01 -0.08 -28.29
CA PHE A 485 -0.48 -0.63 -27.02
C PHE A 485 -1.19 0.41 -26.16
N ARG A 486 -0.84 1.70 -26.28
CA ARG A 486 -1.62 2.72 -25.60
C ARG A 486 -3.05 2.75 -26.14
N ASN A 487 -3.20 2.65 -27.46
CA ASN A 487 -4.52 2.57 -28.05
C ASN A 487 -5.23 1.29 -27.66
N PHE A 488 -4.50 0.16 -27.65
CA PHE A 488 -5.09 -1.11 -27.24
C PHE A 488 -5.55 -1.06 -25.78
N ILE A 489 -4.78 -0.42 -24.90
CA ILE A 489 -5.18 -0.29 -23.50
C ILE A 489 -6.45 0.54 -23.41
N GLU A 490 -6.56 1.59 -24.24
CA GLU A 490 -7.74 2.44 -24.21
C GLU A 490 -8.98 1.67 -24.63
N GLN A 491 -8.89 0.88 -25.71
CA GLN A 491 -10.05 0.10 -26.16
C GLN A 491 -10.45 -0.92 -25.12
N LEU A 492 -9.47 -1.58 -24.49
CA LEU A 492 -9.78 -2.63 -23.52
C LEU A 492 -10.50 -2.05 -22.30
N THR A 493 -10.01 -0.92 -21.78
CA THR A 493 -10.62 -0.29 -20.61
C THR A 493 -11.80 0.60 -20.98
N GLY A 494 -12.12 0.75 -22.26
CA GLY A 494 -13.19 1.63 -22.67
C GLY A 494 -12.91 3.09 -22.42
N GLY A 495 -11.64 3.49 -22.38
CA GLY A 495 -11.26 4.85 -22.10
C GLY A 495 -11.28 5.24 -20.64
N SER A 496 -11.88 4.42 -19.77
CA SER A 496 -12.05 4.77 -18.37
C SER A 496 -10.75 4.56 -17.60
N ARG A 497 -10.26 5.63 -16.97
CA ARG A 497 -9.14 5.48 -16.05
C ARG A 497 -9.57 4.84 -14.74
N GLU A 498 -10.85 4.99 -14.38
CA GLU A 498 -11.39 4.30 -13.20
C GLU A 498 -11.34 2.79 -13.39
N ILE A 499 -11.59 2.31 -14.60
CA ILE A 499 -11.40 0.89 -14.90
C ILE A 499 -9.91 0.54 -14.82
N MET A 500 -9.04 1.46 -15.24
CA MET A 500 -7.61 1.20 -15.17
C MET A 500 -7.12 1.03 -13.74
N ARG A 501 -7.73 1.73 -12.78
CA ARG A 501 -7.32 1.64 -11.38
C ARG A 501 -8.00 0.47 -10.67
N SER A 502 -9.33 0.42 -10.71
CA SER A 502 -10.06 -0.58 -9.94
C SER A 502 -9.72 -2.00 -10.40
N ARG A 503 -9.42 -2.18 -11.68
CA ARG A 503 -9.12 -3.49 -12.24
C ARG A 503 -7.62 -3.77 -12.27
N SER A 504 -6.81 -2.99 -11.57
CA SER A 504 -5.37 -3.25 -11.50
C SER A 504 -5.05 -4.05 -10.26
N PRO A 505 -4.37 -5.20 -10.40
CA PRO A 505 -4.09 -6.03 -9.22
C PRO A 505 -3.20 -5.35 -8.20
N ILE A 506 -2.39 -4.36 -8.61
CA ILE A 506 -1.50 -3.67 -7.69
C ILE A 506 -2.28 -3.01 -6.56
N ASN A 507 -3.52 -2.59 -6.83
CA ASN A 507 -4.35 -1.90 -5.85
C ASN A 507 -5.15 -2.84 -4.96
N HIS A 508 -4.84 -4.14 -4.98
CA HIS A 508 -5.59 -5.11 -4.18
C HIS A 508 -4.66 -6.16 -3.55
N VAL A 509 -3.40 -5.79 -3.28
CA VAL A 509 -2.44 -6.76 -2.76
C VAL A 509 -2.86 -7.30 -1.41
N ASP A 510 -3.59 -6.50 -0.62
CA ASP A 510 -3.96 -6.92 0.73
C ASP A 510 -4.77 -8.21 0.74
N ARG A 511 -5.51 -8.48 -0.34
CA ARG A 511 -6.41 -9.62 -0.37
C ARG A 511 -5.70 -10.95 -0.62
N ILE A 512 -4.44 -10.92 -1.09
CA ILE A 512 -3.76 -12.15 -1.46
C ILE A 512 -3.55 -13.02 -0.23
N LYS A 513 -3.97 -14.28 -0.34
CA LYS A 513 -3.80 -15.25 0.74
C LYS A 513 -3.08 -16.53 0.29
N GLU A 514 -2.68 -16.62 -0.98
CA GLU A 514 -2.05 -17.82 -1.52
C GLU A 514 -0.59 -17.57 -1.90
N PRO A 515 0.24 -18.61 -1.91
CA PRO A 515 1.61 -18.44 -2.40
C PRO A 515 1.61 -18.04 -3.86
N LEU A 516 2.51 -17.12 -4.20
CA LEU A 516 2.56 -16.54 -5.54
C LEU A 516 3.95 -16.67 -6.10
N ALA A 517 4.04 -17.07 -7.37
CA ALA A 517 5.30 -17.10 -8.10
C ALA A 517 5.21 -16.11 -9.25
N LEU A 518 6.18 -15.21 -9.31
CA LEU A 518 6.26 -14.19 -10.35
C LEU A 518 7.38 -14.55 -11.31
N ILE A 519 7.08 -14.53 -12.60
CA ILE A 519 8.07 -14.78 -13.65
C ILE A 519 7.95 -13.65 -14.67
N HIS A 520 9.08 -13.05 -15.02
CA HIS A 520 8.96 -11.83 -15.81
C HIS A 520 10.20 -11.57 -16.64
N PRO A 521 10.03 -11.31 -17.94
CA PRO A 521 11.17 -10.86 -18.75
C PRO A 521 11.68 -9.51 -18.25
N GLN A 522 13.01 -9.36 -18.28
CA GLN A 522 13.62 -8.17 -17.69
C GLN A 522 13.41 -6.92 -18.53
N ASN A 523 13.35 -7.05 -19.86
CA ASN A 523 13.25 -5.90 -20.74
C ASN A 523 12.14 -6.08 -21.75
N ALA A 524 10.99 -6.56 -21.31
CA ALA A 524 9.83 -6.68 -22.19
C ALA A 524 9.17 -5.32 -22.37
N SER A 525 8.76 -5.02 -23.60
CA SER A 525 8.09 -3.76 -23.89
C SER A 525 6.61 -3.83 -23.54
N ARG A 526 5.91 -4.88 -24.01
CA ARG A 526 4.48 -5.00 -23.75
C ARG A 526 4.19 -4.99 -22.26
N THR A 527 4.86 -5.85 -21.50
CA THR A 527 4.71 -5.90 -20.05
C THR A 527 6.00 -5.42 -19.40
N PRO A 528 6.11 -4.16 -19.00
CA PRO A 528 7.35 -3.66 -18.42
C PRO A 528 7.63 -4.24 -17.04
N LEU A 529 8.92 -4.21 -16.69
CA LEU A 529 9.35 -4.76 -15.40
C LEU A 529 9.19 -3.78 -14.26
N LYS A 530 9.30 -2.48 -14.53
CA LYS A 530 9.23 -1.48 -13.47
C LYS A 530 7.97 -1.58 -12.61
N PRO A 531 6.76 -1.80 -13.16
CA PRO A 531 5.61 -2.03 -12.27
C PRO A 531 5.71 -3.31 -11.46
N LEU A 532 6.30 -4.37 -12.01
CA LEU A 532 6.43 -5.62 -11.25
C LEU A 532 7.33 -5.42 -10.03
N LEU A 533 8.40 -4.64 -10.18
CA LEU A 533 9.24 -4.31 -9.02
C LEU A 533 8.41 -3.63 -7.93
N ARG A 534 7.48 -2.77 -8.33
CA ARG A 534 6.60 -2.13 -7.37
C ARG A 534 5.67 -3.14 -6.71
N LEU A 535 5.19 -4.13 -7.47
CA LEU A 535 4.31 -5.15 -6.92
C LEU A 535 5.00 -5.96 -5.83
N MET A 536 6.28 -6.31 -6.03
CA MET A 536 7.00 -7.08 -5.02
C MET A 536 7.21 -6.27 -3.75
N GLY A 537 7.43 -4.97 -3.88
CA GLY A 537 7.47 -4.11 -2.71
C GLY A 537 6.15 -4.12 -1.95
N GLU A 538 5.04 -4.11 -2.68
CA GLU A 538 3.72 -4.19 -2.06
C GLU A 538 3.56 -5.53 -1.33
N LEU A 539 3.91 -6.63 -2.00
CA LEU A 539 3.81 -7.96 -1.38
C LEU A 539 4.65 -8.06 -0.11
N LEU A 540 5.87 -7.50 -0.14
CA LEU A 540 6.75 -7.56 1.03
C LEU A 540 6.19 -6.75 2.19
N ALA A 541 5.79 -5.50 1.92
CA ALA A 541 5.28 -4.64 2.99
C ALA A 541 4.07 -5.25 3.67
N ARG A 542 3.21 -5.90 2.90
CA ARG A 542 2.01 -6.53 3.44
C ARG A 542 2.23 -7.95 3.92
N GLY A 543 3.48 -8.41 3.95
CA GLY A 543 3.79 -9.71 4.50
C GLY A 543 3.29 -10.90 3.72
N LYS A 544 3.23 -10.80 2.39
CA LYS A 544 2.82 -11.90 1.55
C LYS A 544 4.03 -12.71 1.13
N THR A 545 3.89 -14.03 1.10
CA THR A 545 4.98 -14.91 0.68
C THR A 545 4.92 -15.07 -0.83
N PHE A 546 6.07 -14.91 -1.47
CA PHE A 546 6.13 -15.00 -2.92
C PHE A 546 7.54 -15.40 -3.32
N GLU A 547 7.67 -15.85 -4.57
CA GLU A 547 8.96 -15.99 -5.20
C GLU A 547 8.90 -15.35 -6.58
N ALA A 548 10.03 -14.83 -7.03
CA ALA A 548 10.11 -14.09 -8.29
C ALA A 548 11.32 -14.55 -9.08
N HIS A 549 11.15 -14.62 -10.40
CA HIS A 549 12.21 -15.02 -11.31
C HIS A 549 12.22 -14.06 -12.49
N ILE A 550 13.27 -13.26 -12.61
CA ILE A 550 13.40 -12.25 -13.64
C ILE A 550 14.44 -12.74 -14.66
N ILE A 551 13.99 -12.97 -15.88
CA ILE A 551 14.84 -13.53 -16.93
C ILE A 551 15.31 -12.40 -17.83
N PRO A 552 16.60 -12.23 -18.04
CA PRO A 552 17.12 -11.11 -18.82
C PRO A 552 17.14 -11.41 -20.31
N ASP A 553 17.42 -10.35 -21.09
CA ASP A 553 17.60 -10.43 -22.54
C ASP A 553 16.45 -11.14 -23.26
N ALA A 554 15.33 -11.32 -22.57
CA ALA A 554 14.15 -11.96 -23.12
C ALA A 554 12.98 -11.00 -23.00
N GLY A 555 12.08 -11.06 -23.99
CA GLY A 555 10.91 -10.22 -23.97
C GLY A 555 9.63 -11.03 -24.04
N HIS A 556 8.64 -10.51 -24.77
CA HIS A 556 7.41 -11.27 -24.96
C HIS A 556 7.64 -12.47 -25.88
N ALA A 557 8.44 -12.28 -26.92
CA ALA A 557 8.69 -13.32 -27.92
C ALA A 557 10.05 -13.96 -27.64
N ILE A 558 10.02 -15.20 -27.14
CA ILE A 558 11.24 -15.98 -26.93
C ILE A 558 11.54 -16.77 -28.18
N ASN A 559 12.79 -16.71 -28.65
CA ASN A 559 13.17 -17.38 -29.89
C ASN A 559 14.39 -18.28 -29.70
N THR A 560 14.73 -18.62 -28.46
CA THR A 560 15.80 -19.58 -28.18
C THR A 560 15.29 -20.62 -27.19
N MET A 561 16.00 -21.74 -27.13
CA MET A 561 15.62 -22.81 -26.21
C MET A 561 15.94 -22.44 -24.77
N GLU A 562 17.06 -21.76 -24.54
CA GLU A 562 17.49 -21.43 -23.19
C GLU A 562 16.49 -20.51 -22.49
N ASP A 563 16.09 -19.42 -23.17
CA ASP A 563 15.15 -18.49 -22.56
C ASP A 563 13.81 -19.16 -22.27
N ALA A 564 13.35 -20.01 -23.20
CA ALA A 564 12.09 -20.73 -22.98
C ALA A 564 12.19 -21.66 -21.77
N VAL A 565 13.36 -22.26 -21.57
CA VAL A 565 13.56 -23.08 -20.37
C VAL A 565 13.48 -22.22 -19.11
N LYS A 566 14.11 -21.05 -19.15
CA LYS A 566 14.21 -20.23 -17.94
C LYS A 566 12.91 -19.55 -17.54
N ILE A 567 11.97 -19.37 -18.47
CA ILE A 567 10.69 -18.78 -18.08
C ILE A 567 9.62 -19.82 -17.76
N LEU A 568 9.81 -21.06 -18.18
CA LEU A 568 8.85 -22.13 -17.93
C LEU A 568 9.24 -23.00 -16.74
N LEU A 569 10.53 -23.31 -16.61
CA LEU A 569 10.98 -24.19 -15.53
C LEU A 569 10.65 -23.68 -14.14
N PRO A 570 10.82 -22.39 -13.81
CA PRO A 570 10.40 -21.94 -12.46
C PRO A 570 8.93 -22.21 -12.18
N ALA A 571 8.07 -22.10 -13.19
CA ALA A 571 6.64 -22.31 -12.98
C ALA A 571 6.34 -23.78 -12.64
N VAL A 572 6.97 -24.72 -13.35
CA VAL A 572 6.72 -26.13 -13.09
C VAL A 572 7.32 -26.54 -11.75
N PHE A 573 8.52 -26.04 -11.43
CA PHE A 573 9.12 -26.33 -10.14
C PHE A 573 8.24 -25.83 -9.00
N PHE A 574 7.78 -24.59 -9.11
CA PHE A 574 6.93 -24.01 -8.06
C PHE A 574 5.68 -24.84 -7.83
N LEU A 575 5.00 -25.23 -8.91
CA LEU A 575 3.76 -26.00 -8.77
C LEU A 575 4.04 -27.39 -8.23
N ALA A 576 5.12 -28.03 -8.69
CA ALA A 576 5.49 -29.34 -8.14
C ALA A 576 5.83 -29.24 -6.66
N THR A 577 6.52 -28.17 -6.26
CA THR A 577 6.81 -27.95 -4.85
C THR A 577 5.51 -27.73 -4.06
N GLN A 578 4.61 -26.91 -4.60
CA GLN A 578 3.34 -26.66 -3.92
C GLN A 578 2.50 -27.92 -3.78
N ARG A 579 2.60 -28.84 -4.75
CA ARG A 579 1.80 -30.05 -4.71
C ARG A 579 2.11 -30.92 -3.50
N GLU A 580 3.35 -30.90 -3.02
CA GLU A 580 3.74 -31.70 -1.86
C GLU A 580 3.47 -31.00 -0.53
N ARG A 581 2.86 -29.82 -0.56
CA ARG A 581 2.58 -29.08 0.66
C ARG A 581 1.09 -29.17 1.03
N PRO B 6 24.52 -26.60 -27.11
CA PRO B 6 23.28 -26.49 -26.31
C PRO B 6 23.45 -26.80 -24.83
N VAL B 7 22.96 -25.93 -23.96
CA VAL B 7 23.12 -26.16 -22.53
C VAL B 7 22.22 -27.31 -22.12
N GLU B 8 22.80 -28.30 -21.45
CA GLU B 8 22.08 -29.48 -21.00
C GLU B 8 21.67 -29.22 -19.55
N PHE B 9 20.53 -28.55 -19.40
CA PHE B 9 20.05 -28.19 -18.07
C PHE B 9 19.81 -29.44 -17.23
N SER B 10 19.19 -30.47 -17.83
CA SER B 10 18.88 -31.68 -17.10
C SER B 10 20.13 -32.44 -16.68
N ARG B 11 21.20 -32.36 -17.46
CA ARG B 11 22.45 -33.01 -17.08
C ARG B 11 23.05 -32.33 -15.84
N ILE B 12 22.94 -31.01 -15.77
CA ILE B 12 23.39 -30.29 -14.59
C ILE B 12 22.56 -30.67 -13.37
N VAL B 13 21.24 -30.77 -13.55
CA VAL B 13 20.36 -31.11 -12.43
C VAL B 13 20.58 -32.56 -11.98
N ARG B 14 20.75 -33.48 -12.93
CA ARG B 14 21.02 -34.86 -12.57
C ARG B 14 22.30 -34.97 -11.75
N ASP B 15 23.35 -34.26 -12.15
CA ASP B 15 24.60 -34.27 -11.40
C ASP B 15 24.42 -33.66 -10.02
N VAL B 16 23.69 -32.55 -9.92
CA VAL B 16 23.49 -31.90 -8.63
C VAL B 16 22.73 -32.83 -7.68
N GLU B 17 21.73 -33.55 -8.18
CA GLU B 17 20.99 -34.49 -7.34
C GLU B 17 21.94 -35.49 -6.67
N ARG B 18 22.87 -36.05 -7.44
CA ARG B 18 23.79 -37.04 -6.89
C ARG B 18 24.79 -36.42 -5.93
N LEU B 19 25.33 -35.25 -6.25
CA LEU B 19 26.25 -34.60 -5.32
C LEU B 19 25.55 -34.28 -4.00
N ILE B 20 24.24 -34.01 -4.04
CA ILE B 20 23.48 -33.76 -2.83
C ILE B 20 23.16 -35.06 -2.10
N ALA B 21 22.88 -36.12 -2.85
CA ALA B 21 22.40 -37.36 -2.27
C ALA B 21 23.50 -38.32 -1.86
N VAL B 22 24.75 -38.05 -2.23
CA VAL B 22 25.83 -39.00 -1.96
C VAL B 22 26.01 -39.15 -0.45
N GLU B 23 26.04 -40.40 0.01
CA GLU B 23 26.16 -40.67 1.43
C GLU B 23 27.52 -40.23 1.94
N LYS B 24 27.52 -39.42 3.00
CA LYS B 24 28.73 -38.95 3.64
C LYS B 24 28.84 -39.54 5.04
N TYR B 25 30.08 -39.82 5.46
CA TYR B 25 30.33 -40.58 6.68
C TYR B 25 31.26 -39.81 7.61
N SER B 26 31.00 -39.91 8.91
CA SER B 26 31.92 -39.46 9.94
C SER B 26 32.17 -40.60 10.91
N LEU B 27 33.34 -40.59 11.53
CA LEU B 27 33.76 -41.65 12.45
C LEU B 27 33.51 -41.21 13.89
N GLN B 28 32.79 -42.04 14.64
CA GLN B 28 32.46 -41.72 16.02
C GLN B 28 33.28 -42.50 17.04
N GLY B 29 33.66 -43.73 16.75
CA GLY B 29 34.49 -44.50 17.66
C GLY B 29 34.31 -45.98 17.42
N VAL B 30 34.77 -46.76 18.41
CA VAL B 30 34.69 -48.22 18.36
C VAL B 30 33.78 -48.68 19.49
N VAL B 31 32.86 -49.58 19.17
CA VAL B 31 31.87 -50.06 20.13
C VAL B 31 31.74 -51.58 20.01
N ASP B 32 31.13 -52.17 21.05
CA ASP B 32 30.89 -53.61 21.25
C ASP B 32 32.11 -54.42 20.83
N GLY B 33 31.93 -55.51 20.07
CA GLY B 33 33.02 -56.35 19.65
C GLY B 33 33.85 -55.87 18.49
N ASP B 34 34.71 -54.85 18.68
CA ASP B 34 35.58 -54.32 17.63
C ASP B 34 34.78 -53.96 16.37
N LYS B 35 33.85 -53.02 16.54
CA LYS B 35 33.04 -52.53 15.45
C LYS B 35 33.09 -51.00 15.42
N LEU B 36 33.26 -50.45 14.22
CA LEU B 36 33.26 -49.00 14.06
C LEU B 36 31.85 -48.45 14.22
N LEU B 37 31.75 -47.32 14.92
CA LEU B 37 30.51 -46.55 14.99
C LEU B 37 30.63 -45.39 14.01
N VAL B 38 29.81 -45.41 12.97
CA VAL B 38 29.87 -44.38 11.94
C VAL B 38 28.50 -43.74 11.79
N VAL B 39 28.53 -42.48 11.37
CA VAL B 39 27.32 -41.69 11.13
C VAL B 39 27.23 -41.40 9.64
N GLY B 40 26.08 -41.68 9.04
CA GLY B 40 25.87 -41.43 7.63
C GLY B 40 24.89 -40.30 7.41
N PHE B 41 25.31 -39.27 6.68
CA PHE B 41 24.49 -38.10 6.40
C PHE B 41 24.21 -38.01 4.91
N SER B 42 22.94 -37.78 4.56
CA SER B 42 22.53 -37.66 3.17
C SER B 42 21.22 -36.90 3.11
N GLU B 43 21.20 -35.82 2.31
CA GLU B 43 20.00 -35.03 2.09
C GLU B 43 19.35 -34.60 3.40
N GLY B 44 20.17 -34.13 4.33
CA GLY B 44 19.67 -33.72 5.64
C GLY B 44 19.09 -34.84 6.46
N SER B 45 19.46 -36.08 6.20
CA SER B 45 19.00 -37.22 6.97
C SER B 45 20.21 -37.95 7.54
N VAL B 46 20.21 -38.16 8.85
CA VAL B 46 21.37 -38.68 9.58
C VAL B 46 21.03 -40.05 10.15
N ASN B 47 21.93 -41.01 9.97
CA ASN B 47 21.76 -42.35 10.50
C ASN B 47 23.06 -42.81 11.15
N ALA B 48 22.92 -43.74 12.09
CA ALA B 48 24.06 -44.31 12.80
C ALA B 48 24.20 -45.79 12.43
N TYR B 49 25.43 -46.22 12.20
CA TYR B 49 25.69 -47.58 11.71
C TYR B 49 26.79 -48.25 12.49
N LEU B 50 26.77 -49.58 12.43
CA LEU B 50 27.88 -50.44 12.83
C LEU B 50 28.56 -50.96 11.58
N TYR B 51 29.88 -50.82 11.50
CA TYR B 51 30.65 -51.31 10.36
C TYR B 51 31.61 -52.39 10.85
N ASP B 52 31.43 -53.62 10.35
CA ASP B 52 32.34 -54.71 10.68
C ASP B 52 32.18 -55.78 9.61
N GLY B 53 33.15 -55.86 8.71
CA GLY B 53 33.18 -56.87 7.67
C GLY B 53 32.85 -56.35 6.28
N GLY B 54 32.22 -55.18 6.17
CA GLY B 54 31.81 -54.67 4.89
C GLY B 54 30.38 -54.19 4.88
N GLU B 55 29.48 -54.98 5.47
CA GLU B 55 28.08 -54.59 5.57
C GLU B 55 27.89 -53.65 6.76
N THR B 56 27.01 -52.67 6.58
CA THR B 56 26.65 -51.71 7.62
C THR B 56 25.31 -52.08 8.24
N VAL B 57 25.25 -52.03 9.57
CA VAL B 57 24.04 -52.34 10.31
C VAL B 57 23.49 -51.04 10.89
N LYS B 58 22.29 -50.65 10.46
CA LYS B 58 21.67 -49.45 10.99
C LYS B 58 21.25 -49.67 12.44
N LEU B 59 21.53 -48.68 13.28
CA LEU B 59 21.23 -48.76 14.71
C LEU B 59 19.92 -48.08 15.09
N ASN B 60 19.52 -47.04 14.38
CA ASN B 60 18.31 -46.30 14.68
C ASN B 60 17.17 -46.75 13.77
N ARG B 61 15.95 -46.37 14.14
CA ARG B 61 14.78 -46.62 13.31
C ARG B 61 14.38 -45.41 12.48
N GLU B 62 14.21 -44.27 13.13
CA GLU B 62 13.93 -43.02 12.46
C GLU B 62 15.20 -42.19 12.38
N PRO B 63 15.27 -41.24 11.44
CA PRO B 63 16.48 -40.41 11.33
C PRO B 63 16.79 -39.71 12.65
N ILE B 64 18.07 -39.50 12.89
CA ILE B 64 18.52 -38.95 14.16
C ILE B 64 19.19 -37.61 13.91
N ASN B 65 19.57 -36.93 14.99
CA ASN B 65 20.34 -35.70 14.89
C ASN B 65 21.84 -35.97 15.01
N SER B 66 22.24 -36.81 15.95
CA SER B 66 23.65 -37.15 16.16
C SER B 66 23.69 -38.32 17.14
N VAL B 67 24.91 -38.73 17.49
CA VAL B 67 25.12 -39.71 18.54
C VAL B 67 26.13 -39.15 19.53
N LEU B 68 26.10 -39.68 20.74
CA LEU B 68 27.08 -39.28 21.73
C LEU B 68 28.36 -40.09 21.57
N ASP B 69 29.45 -39.53 22.08
CA ASP B 69 30.77 -40.15 21.92
C ASP B 69 30.91 -41.36 22.83
N PRO B 70 30.97 -42.58 22.30
CA PRO B 70 31.12 -43.75 23.16
C PRO B 70 32.56 -43.98 23.58
N HIS B 71 32.73 -44.48 24.80
CA HIS B 71 34.04 -45.01 25.16
C HIS B 71 34.32 -46.26 24.34
N TYR B 72 35.61 -46.57 24.22
CA TYR B 72 36.04 -47.72 23.44
CA TYR B 72 36.05 -47.72 23.45
C TYR B 72 35.36 -48.99 23.94
N GLY B 73 34.60 -49.63 23.05
CA GLY B 73 34.06 -50.95 23.32
C GLY B 73 32.77 -51.03 24.10
N VAL B 74 32.13 -49.90 24.45
CA VAL B 74 30.87 -50.00 25.18
C VAL B 74 29.80 -50.61 24.27
N GLY B 75 28.89 -51.36 24.88
CA GLY B 75 27.94 -52.15 24.14
C GLY B 75 26.64 -51.46 23.79
N ARG B 76 26.62 -50.13 23.78
CA ARG B 76 25.41 -49.39 23.47
C ARG B 76 25.78 -48.08 22.78
N VAL B 77 24.78 -47.45 22.17
CA VAL B 77 24.90 -46.15 21.55
C VAL B 77 23.77 -45.27 22.05
N ILE B 78 24.07 -43.99 22.31
CA ILE B 78 23.06 -43.03 22.73
C ILE B 78 22.73 -42.14 21.54
N LEU B 79 21.49 -42.23 21.07
CA LEU B 79 21.03 -41.42 19.95
C LEU B 79 20.48 -40.09 20.43
N VAL B 80 20.72 -39.04 19.65
CA VAL B 80 20.13 -37.72 19.87
C VAL B 80 19.20 -37.44 18.70
N ARG B 81 17.94 -37.11 19.00
CA ARG B 81 16.92 -36.90 17.99
C ARG B 81 16.05 -35.71 18.35
N ASP B 82 15.71 -34.91 17.34
CA ASP B 82 14.83 -33.76 17.55
C ASP B 82 13.46 -34.22 18.03
N VAL B 83 12.93 -33.55 19.06
CA VAL B 83 11.63 -33.93 19.60
C VAL B 83 10.51 -33.52 18.64
N SER B 84 10.74 -32.48 17.83
CA SER B 84 9.77 -32.03 16.83
C SER B 84 10.50 -31.83 15.51
N LYS B 85 9.77 -31.34 14.51
CA LYS B 85 10.34 -31.05 13.21
C LYS B 85 11.18 -29.78 13.30
N GLY B 86 12.50 -29.92 13.19
CA GLY B 86 13.39 -28.77 13.25
C GLY B 86 13.39 -28.05 14.57
N ALA B 87 13.08 -28.75 15.66
CA ALA B 87 13.08 -28.15 17.00
C ALA B 87 14.47 -28.23 17.58
N GLU B 88 14.92 -27.13 18.19
CA GLU B 88 16.24 -27.11 18.80
C GLU B 88 16.35 -28.05 20.00
N GLN B 89 15.24 -28.54 20.52
CA GLN B 89 15.25 -29.42 21.69
C GLN B 89 15.21 -30.88 21.26
N HIS B 90 16.03 -31.69 21.92
CA HIS B 90 16.26 -33.09 21.55
C HIS B 90 15.84 -34.02 22.68
N ALA B 91 15.82 -35.31 22.36
CA ALA B 91 15.61 -36.38 23.31
C ALA B 91 16.69 -37.43 23.12
N LEU B 92 16.96 -38.18 24.18
CA LEU B 92 18.01 -39.20 24.16
C LEU B 92 17.40 -40.59 24.04
N PHE B 93 18.00 -41.42 23.20
CA PHE B 93 17.55 -42.78 22.98
C PHE B 93 18.76 -43.72 23.08
N LYS B 94 18.57 -44.84 23.76
CA LYS B 94 19.62 -45.84 23.90
C LYS B 94 19.35 -47.02 22.97
N VAL B 95 20.41 -47.54 22.37
CA VAL B 95 20.32 -48.71 21.50
C VAL B 95 21.41 -49.68 21.90
N ASN B 96 21.03 -50.91 22.22
CA ASN B 96 22.01 -51.95 22.47
C ASN B 96 22.61 -52.38 21.14
N THR B 97 23.94 -52.39 21.06
CA THR B 97 24.60 -52.76 19.81
C THR B 97 24.29 -54.19 19.39
N SER B 98 23.88 -55.04 20.33
CA SER B 98 23.49 -56.41 20.01
C SER B 98 22.06 -56.52 19.51
N ARG B 99 21.23 -55.50 19.74
CA ARG B 99 19.86 -55.46 19.25
C ARG B 99 19.62 -54.14 18.53
N PRO B 100 20.19 -53.98 17.33
CA PRO B 100 20.00 -52.72 16.59
C PRO B 100 18.56 -52.56 16.14
N GLY B 101 18.15 -51.30 16.02
CA GLY B 101 16.79 -50.97 15.65
C GLY B 101 15.81 -50.88 16.80
N GLU B 102 16.23 -51.26 18.00
CA GLU B 102 15.37 -51.22 19.18
C GLU B 102 15.80 -50.03 20.04
N GLU B 103 14.95 -49.01 20.10
CA GLU B 103 15.26 -47.77 20.76
C GLU B 103 14.52 -47.68 22.08
N GLN B 104 15.24 -47.41 23.16
CA GLN B 104 14.67 -47.17 24.48
C GLN B 104 14.90 -45.70 24.82
N ARG B 105 13.81 -44.94 24.89
CA ARG B 105 13.92 -43.52 25.22
C ARG B 105 14.40 -43.34 26.65
N LEU B 106 15.31 -42.38 26.86
CA LEU B 106 15.81 -42.05 28.19
C LEU B 106 14.90 -40.96 28.74
N GLU B 107 13.79 -41.40 29.33
CA GLU B 107 12.75 -40.49 29.78
C GLU B 107 13.18 -39.62 30.96
N ALA B 108 14.28 -39.99 31.65
CA ALA B 108 14.76 -39.19 32.76
C ALA B 108 15.31 -37.84 32.33
N VAL B 109 15.63 -37.67 31.05
CA VAL B 109 16.17 -36.42 30.53
C VAL B 109 15.04 -35.70 29.80
N LYS B 110 14.59 -34.57 30.36
CA LYS B 110 13.54 -33.80 29.72
C LYS B 110 14.04 -33.22 28.39
N PRO B 111 13.15 -32.95 27.45
CA PRO B 111 13.58 -32.38 26.16
C PRO B 111 14.34 -31.08 26.38
N MET B 112 15.49 -30.98 25.72
CA MET B 112 16.35 -29.82 25.82
C MET B 112 17.27 -29.80 24.61
N ARG B 113 18.12 -28.78 24.54
CA ARG B 113 19.10 -28.67 23.46
C ARG B 113 20.35 -29.42 23.88
N ILE B 114 20.54 -30.62 23.35
CA ILE B 114 21.71 -31.42 23.68
C ILE B 114 22.91 -30.88 22.91
N LEU B 115 23.95 -30.49 23.62
CA LEU B 115 25.12 -29.84 23.03
C LEU B 115 26.29 -30.79 22.77
N SER B 116 26.47 -31.79 23.61
CA SER B 116 27.58 -32.73 23.49
C SER B 116 27.29 -33.89 24.43
N GLY B 117 28.15 -34.90 24.37
CA GLY B 117 27.97 -36.03 25.27
C GLY B 117 28.98 -37.14 25.12
N VAL B 118 29.30 -37.79 26.24
CA VAL B 118 30.19 -38.94 26.28
C VAL B 118 29.50 -40.03 27.07
N ASP B 119 29.57 -41.26 26.57
CA ASP B 119 29.00 -42.43 27.23
C ASP B 119 30.14 -43.35 27.63
N THR B 120 30.29 -43.55 28.94
CA THR B 120 31.34 -44.41 29.47
C THR B 120 30.91 -45.87 29.55
N GLY B 121 29.65 -46.17 29.23
CA GLY B 121 29.09 -47.47 29.46
C GLY B 121 28.41 -47.63 30.80
N GLU B 122 28.72 -46.75 31.75
CA GLU B 122 28.09 -46.74 33.06
C GLU B 122 27.31 -45.46 33.32
N ALA B 123 27.80 -44.32 32.82
CA ALA B 123 27.15 -43.04 32.99
C ALA B 123 27.12 -42.31 31.66
N VAL B 124 25.99 -41.66 31.39
CA VAL B 124 25.85 -40.82 30.21
C VAL B 124 26.02 -39.38 30.69
N VAL B 125 27.11 -38.75 30.28
CA VAL B 125 27.43 -37.38 30.69
C VAL B 125 27.31 -36.48 29.47
N PHE B 126 26.53 -35.41 29.61
CA PHE B 126 26.23 -34.56 28.47
C PHE B 126 26.00 -33.13 28.94
N THR B 127 26.13 -32.20 28.01
CA THR B 127 25.80 -30.80 28.24
C THR B 127 24.51 -30.47 27.51
N GLY B 128 23.67 -29.66 28.14
CA GLY B 128 22.38 -29.33 27.57
C GLY B 128 21.96 -27.94 27.95
N ALA B 129 21.18 -27.31 27.08
CA ALA B 129 20.67 -25.96 27.28
C ALA B 129 19.15 -25.99 27.32
N THR B 130 18.58 -25.25 28.28
CA THR B 130 17.13 -25.16 28.43
C THR B 130 16.67 -23.71 28.46
N ARG B 133 18.85 -22.37 31.70
CA ARG B 133 20.30 -22.32 31.86
C ARG B 133 21.02 -23.27 30.90
N VAL B 134 22.32 -23.43 31.10
CA VAL B 134 23.12 -24.45 30.44
C VAL B 134 23.85 -25.23 31.52
N ALA B 135 23.77 -26.56 31.47
CA ALA B 135 24.26 -27.38 32.56
C ALA B 135 24.99 -28.61 32.04
N LEU B 136 25.78 -29.20 32.93
CA LEU B 136 26.45 -30.47 32.69
C LEU B 136 25.71 -31.56 33.46
N TYR B 137 25.24 -32.58 32.74
CA TYR B 137 24.41 -33.62 33.32
C TYR B 137 25.15 -34.96 33.34
N ALA B 138 24.69 -35.85 34.23
CA ALA B 138 25.17 -37.22 34.31
C ALA B 138 23.97 -38.12 34.58
N LEU B 139 23.84 -39.17 33.78
CA LEU B 139 22.72 -40.11 33.89
C LEU B 139 23.26 -41.50 34.18
N ASP B 140 22.88 -42.06 35.33
CA ASP B 140 23.31 -43.38 35.74
C ASP B 140 22.11 -44.15 36.29
N GLY B 141 22.39 -45.30 36.91
CA GLY B 141 21.33 -46.10 37.50
C GLY B 141 20.47 -45.37 38.51
N GLY B 142 21.05 -44.42 39.24
CA GLY B 142 20.29 -43.69 40.23
C GLY B 142 19.44 -42.56 39.68
N GLY B 143 19.61 -42.24 38.40
CA GLY B 143 18.83 -41.20 37.77
C GLY B 143 19.68 -40.09 37.21
N LEU B 144 19.06 -38.95 36.91
CA LEU B 144 19.76 -37.80 36.35
C LEU B 144 20.26 -36.88 37.45
N ARG B 145 21.47 -36.35 37.24
CA ARG B 145 22.08 -35.38 38.15
C ARG B 145 22.61 -34.22 37.34
N GLU B 146 22.52 -33.02 37.90
CA GLU B 146 23.15 -31.85 37.31
C GLU B 146 24.47 -31.65 38.04
N LEU B 147 25.58 -31.89 37.35
CA LEU B 147 26.89 -31.83 37.99
C LEU B 147 27.35 -30.39 38.20
N ALA B 148 27.01 -29.50 37.28
CA ALA B 148 27.41 -28.10 37.39
C ALA B 148 26.58 -27.26 36.44
N ARG B 149 26.46 -25.98 36.76
CA ARG B 149 25.78 -25.04 35.91
C ARG B 149 26.83 -24.25 35.13
N LEU B 150 26.68 -24.21 33.82
CA LEU B 150 27.78 -23.65 33.05
C LEU B 150 27.50 -22.19 32.72
N PRO B 151 28.52 -21.32 32.81
CA PRO B 151 28.32 -19.90 32.48
C PRO B 151 28.10 -19.63 31.00
N GLY B 152 28.07 -20.66 30.18
CA GLY B 152 27.83 -20.49 28.77
C GLY B 152 27.71 -21.83 28.09
N PHE B 153 27.72 -21.81 26.76
CA PHE B 153 27.73 -23.07 26.03
C PHE B 153 29.02 -23.84 26.31
N GLY B 154 28.86 -25.10 26.70
CA GLY B 154 30.00 -25.95 27.01
C GLY B 154 29.80 -27.32 26.39
N PHE B 155 30.93 -28.01 26.19
CA PHE B 155 30.94 -29.28 25.48
C PHE B 155 31.86 -30.27 26.18
N VAL B 156 31.35 -31.47 26.44
CA VAL B 156 32.19 -32.51 27.02
C VAL B 156 33.16 -33.03 25.97
N SER B 157 34.45 -33.08 26.33
CA SER B 157 35.48 -33.60 25.43
C SER B 157 35.87 -35.02 25.75
N ASP B 158 36.03 -35.35 27.03
CA ASP B 158 36.57 -36.65 27.41
C ASP B 158 36.26 -36.92 28.87
N ILE B 159 36.16 -38.22 29.20
CA ILE B 159 35.98 -38.67 30.58
C ILE B 159 36.96 -39.81 30.83
N ARG B 160 37.68 -39.73 31.93
CA ARG B 160 38.55 -40.82 32.37
C ARG B 160 38.43 -40.94 33.88
N GLY B 161 37.88 -42.05 34.35
CA GLY B 161 37.61 -42.19 35.76
C GLY B 161 36.55 -41.19 36.18
N ASP B 162 36.81 -40.46 37.25
CA ASP B 162 35.90 -39.42 37.72
C ASP B 162 36.16 -38.06 37.10
N LEU B 163 37.27 -37.91 36.35
CA LEU B 163 37.62 -36.62 35.80
C LEU B 163 36.88 -36.38 34.49
N ILE B 164 36.20 -35.24 34.41
CA ILE B 164 35.48 -34.84 33.21
C ILE B 164 36.19 -33.60 32.66
N ALA B 165 36.51 -33.62 31.36
CA ALA B 165 37.14 -32.49 30.71
C ALA B 165 36.30 -32.01 29.55
N GLY B 166 36.29 -30.70 29.32
CA GLY B 166 35.49 -30.15 28.25
C GLY B 166 35.94 -28.75 27.88
N LEU B 167 35.25 -28.19 26.89
CA LEU B 167 35.56 -26.87 26.36
C LEU B 167 34.34 -25.97 26.56
N GLY B 168 34.59 -24.70 26.84
CA GLY B 168 33.48 -23.79 27.12
C GLY B 168 33.60 -22.42 26.47
N PHE B 169 32.49 -21.94 25.94
CA PHE B 169 32.36 -20.55 25.47
C PHE B 169 31.92 -19.65 26.62
N PHE B 170 32.77 -19.57 27.64
CA PHE B 170 32.43 -18.92 28.90
C PHE B 170 32.80 -17.43 28.92
N GLY B 171 32.81 -16.77 27.78
CA GLY B 171 33.05 -15.34 27.80
C GLY B 171 34.52 -15.00 27.60
N GLY B 172 34.76 -13.85 26.96
CA GLY B 172 36.10 -13.37 26.71
C GLY B 172 36.54 -13.48 25.27
N GLY B 173 35.78 -14.16 24.43
CA GLY B 173 36.15 -14.40 23.06
C GLY B 173 37.00 -15.64 22.82
N ARG B 174 37.64 -16.16 23.87
CA ARG B 174 38.44 -17.37 23.78
C ARG B 174 37.67 -18.56 24.34
N VAL B 175 38.06 -19.74 23.90
CA VAL B 175 37.47 -20.99 24.39
C VAL B 175 38.26 -21.44 25.60
N SER B 176 37.56 -21.67 26.70
CA SER B 176 38.19 -22.10 27.95
C SER B 176 38.14 -23.61 28.07
N LEU B 177 39.05 -24.15 28.86
CA LEU B 177 39.03 -25.56 29.26
C LEU B 177 38.40 -25.65 30.65
N PHE B 178 37.54 -26.66 30.83
CA PHE B 178 36.93 -26.85 32.14
C PHE B 178 36.97 -28.31 32.52
N THR B 179 37.02 -28.56 33.83
CA THR B 179 36.95 -29.89 34.39
C THR B 179 35.79 -29.97 35.38
N SER B 180 35.32 -31.19 35.59
CA SER B 180 34.30 -31.47 36.57
C SER B 180 34.51 -32.87 37.11
N ASN B 181 33.82 -33.19 38.19
CA ASN B 181 33.95 -34.48 38.84
C ASN B 181 32.67 -35.27 38.64
N LEU B 182 32.82 -36.54 38.24
CA LEU B 182 31.64 -37.37 38.02
C LEU B 182 30.91 -37.68 39.32
N SER B 183 31.65 -37.71 40.43
CA SER B 183 31.06 -38.00 41.75
C SER B 183 30.48 -36.74 42.40
N SER B 184 31.33 -35.75 42.67
CA SER B 184 30.92 -34.56 43.41
C SER B 184 30.39 -33.43 42.54
N GLY B 185 30.55 -33.51 41.21
CA GLY B 185 30.15 -32.41 40.38
C GLY B 185 31.13 -31.25 40.48
N GLY B 186 30.62 -30.02 40.46
CA GLY B 186 31.47 -28.85 40.54
C GLY B 186 32.02 -28.47 39.18
N LEU B 187 32.58 -27.26 39.12
CA LEU B 187 33.08 -26.72 37.85
C LEU B 187 34.37 -25.97 38.09
N ARG B 188 35.43 -26.41 37.42
CA ARG B 188 36.73 -25.74 37.44
CA ARG B 188 36.73 -25.73 37.44
C ARG B 188 37.01 -25.24 36.03
N VAL B 189 37.23 -23.94 35.89
CA VAL B 189 37.47 -23.32 34.59
C VAL B 189 38.93 -22.91 34.49
N PHE B 190 39.54 -23.20 33.34
CA PHE B 190 40.93 -22.88 33.07
C PHE B 190 40.98 -21.97 31.86
N ASP B 191 41.35 -20.71 32.09
CA ASP B 191 41.47 -19.73 31.04
C ASP B 191 42.84 -19.84 30.40
N SER B 192 42.88 -19.76 29.08
CA SER B 192 44.13 -19.86 28.35
C SER B 192 44.79 -18.50 28.13
N GLY B 193 44.20 -17.44 28.68
CA GLY B 193 44.77 -16.11 28.48
C GLY B 193 44.88 -15.84 26.99
N GLU B 194 46.11 -15.63 26.52
CA GLU B 194 46.43 -15.47 25.11
C GLU B 194 46.43 -16.85 24.46
N GLY B 195 45.23 -17.41 24.28
CA GLY B 195 45.07 -18.70 23.67
C GLY B 195 43.62 -19.13 23.68
N SER B 196 43.34 -20.20 22.95
CA SER B 196 41.98 -20.74 22.86
C SER B 196 42.08 -22.24 22.67
N PHE B 197 41.52 -22.98 23.63
CA PHE B 197 41.53 -24.45 23.56
C PHE B 197 40.63 -24.94 22.43
N SER B 198 41.07 -25.99 21.75
CA SER B 198 40.36 -26.54 20.60
C SER B 198 39.97 -28.01 20.74
N SER B 199 40.69 -28.78 21.55
CA SER B 199 40.37 -30.19 21.77
C SER B 199 41.01 -30.60 23.09
N ALA B 200 40.55 -31.74 23.63
CA ALA B 200 41.02 -32.15 24.94
C ALA B 200 40.83 -33.65 25.12
N SER B 201 41.80 -34.29 25.77
CA SER B 201 41.72 -35.69 26.13
C SER B 201 42.51 -35.89 27.42
N ILE B 202 41.99 -36.74 28.29
CA ILE B 202 42.59 -36.97 29.60
C ILE B 202 43.62 -38.08 29.48
N SER B 203 44.84 -37.81 29.94
CA SER B 203 45.92 -38.77 29.89
C SER B 203 45.71 -39.87 30.93
N PRO B 204 46.34 -41.04 30.73
CA PRO B 204 46.30 -42.08 31.77
C PRO B 204 46.76 -41.59 33.14
N GLY B 205 47.68 -40.63 33.18
CA GLY B 205 48.10 -40.01 34.42
C GLY B 205 47.19 -38.93 34.94
N MET B 206 45.96 -38.85 34.42
CA MET B 206 44.93 -37.94 34.91
C MET B 206 45.33 -36.47 34.75
N LYS B 207 46.15 -36.19 33.75
CA LYS B 207 46.36 -34.83 33.27
C LYS B 207 45.51 -34.61 32.03
N VAL B 208 45.30 -33.35 31.68
CA VAL B 208 44.47 -32.98 30.53
C VAL B 208 45.40 -32.53 29.41
N THR B 209 45.49 -33.34 28.36
CA THR B 209 46.17 -32.93 27.12
C THR B 209 45.18 -32.16 26.27
N ALA B 210 45.59 -30.98 25.79
CA ALA B 210 44.68 -30.11 25.06
C ALA B 210 45.44 -29.40 23.94
N GLY B 211 44.69 -29.04 22.90
CA GLY B 211 45.22 -28.23 21.83
C GLY B 211 44.95 -26.77 22.12
N LEU B 212 46.00 -25.96 22.06
CA LEU B 212 45.92 -24.53 22.37
C LEU B 212 46.20 -23.77 21.08
N GLU B 213 45.14 -23.25 20.46
CA GLU B 213 45.28 -22.46 19.25
C GLU B 213 45.51 -21.00 19.61
N THR B 214 46.47 -20.38 18.93
CA THR B 214 46.90 -19.03 19.27
C THR B 214 46.81 -18.11 18.06
N ALA B 215 47.42 -16.93 18.17
CA ALA B 215 47.49 -16.03 17.02
C ALA B 215 48.21 -16.69 15.85
N ARG B 216 49.38 -17.27 16.09
CA ARG B 216 50.24 -17.76 15.02
C ARG B 216 50.19 -19.28 14.86
N GLU B 217 50.65 -20.02 15.87
CA GLU B 217 50.83 -21.46 15.75
C GLU B 217 50.18 -22.16 16.94
N ALA B 218 49.53 -23.29 16.65
CA ALA B 218 48.88 -24.07 17.69
C ALA B 218 49.89 -24.84 18.51
N ARG B 219 49.56 -25.06 19.79
CA ARG B 219 50.44 -25.71 20.74
C ARG B 219 49.74 -26.93 21.33
N LEU B 220 50.53 -27.97 21.61
CA LEU B 220 50.05 -29.15 22.32
C LEU B 220 50.52 -29.02 23.76
N VAL B 221 49.60 -28.77 24.67
CA VAL B 221 49.94 -28.44 26.05
C VAL B 221 49.33 -29.46 26.99
N THR B 222 49.91 -29.55 28.18
CA THR B 222 49.38 -30.35 29.28
C THR B 222 48.84 -29.42 30.36
N VAL B 223 47.61 -29.66 30.77
CA VAL B 223 46.97 -28.91 31.85
C VAL B 223 46.86 -29.84 33.05
N ASP B 224 47.49 -29.44 34.16
CA ASP B 224 47.31 -30.19 35.39
C ASP B 224 46.00 -29.76 36.03
N PRO B 225 45.00 -30.64 36.08
CA PRO B 225 43.70 -30.23 36.63
C PRO B 225 43.73 -29.94 38.12
N ARG B 226 44.87 -30.18 38.80
CA ARG B 226 44.97 -29.96 40.23
C ARG B 226 45.44 -28.56 40.60
N ASP B 227 46.25 -27.90 39.75
CA ASP B 227 46.67 -26.54 40.02
C ASP B 227 46.56 -25.61 38.82
N GLY B 228 46.00 -26.08 37.70
CA GLY B 228 45.85 -25.23 36.52
C GLY B 228 47.13 -24.85 35.82
N SER B 229 48.22 -25.59 36.02
CA SER B 229 49.48 -25.29 35.35
C SER B 229 49.40 -25.76 33.90
N VAL B 230 49.84 -24.89 32.98
CA VAL B 230 49.81 -25.19 31.56
C VAL B 230 51.25 -25.22 31.06
N GLU B 231 51.66 -26.36 30.50
CA GLU B 231 53.00 -26.50 29.96
C GLU B 231 52.93 -27.27 28.65
N ASP B 232 53.88 -26.98 27.76
CA ASP B 232 53.93 -27.63 26.46
C ASP B 232 54.21 -29.12 26.60
N LEU B 233 53.51 -29.93 25.81
CA LEU B 233 53.72 -31.37 25.79
C LEU B 233 54.69 -31.74 24.68
N GLU B 234 55.81 -32.35 25.05
CA GLU B 234 56.81 -32.81 24.11
C GLU B 234 56.57 -34.27 23.81
N LEU B 235 56.52 -34.63 22.54
CA LEU B 235 56.21 -35.99 22.15
C LEU B 235 57.47 -36.76 21.79
N PRO B 236 57.43 -38.10 21.86
CA PRO B 236 58.63 -38.89 21.51
C PRO B 236 59.15 -38.59 20.12
N SER B 237 58.29 -38.69 19.11
CA SER B 237 58.65 -38.33 17.75
C SER B 237 58.44 -36.84 17.53
N LYS B 238 59.32 -36.23 16.75
CA LYS B 238 59.31 -34.79 16.52
C LYS B 238 58.60 -34.38 15.24
N ASP B 239 57.91 -35.29 14.56
CA ASP B 239 57.20 -34.93 13.34
C ASP B 239 56.13 -33.88 13.61
N PHE B 240 55.44 -33.97 14.75
CA PHE B 240 54.34 -33.05 15.03
C PHE B 240 54.85 -31.63 15.23
N SER B 241 55.90 -31.45 16.04
CA SER B 241 56.41 -30.11 16.29
C SER B 241 56.95 -29.47 15.02
N SER B 242 57.65 -30.24 14.19
CA SER B 242 58.19 -29.72 12.94
C SER B 242 57.10 -29.47 11.89
N TYR B 243 55.91 -30.02 12.09
CA TYR B 243 54.82 -29.80 11.14
C TYR B 243 54.28 -28.38 11.21
N ARG B 244 54.48 -27.69 12.34
CA ARG B 244 54.08 -26.31 12.55
C ARG B 244 52.58 -26.12 12.31
N PRO B 245 51.72 -26.78 13.08
CA PRO B 245 50.28 -26.63 12.85
C PRO B 245 49.77 -25.29 13.32
N THR B 246 48.72 -24.80 12.65
CA THR B 246 48.01 -23.61 13.11
C THR B 246 46.72 -23.95 13.84
N ALA B 247 46.26 -25.20 13.78
CA ALA B 247 45.08 -25.62 14.51
C ALA B 247 45.22 -27.10 14.85
N ILE B 248 44.54 -27.50 15.92
CA ILE B 248 44.50 -28.89 16.35
C ILE B 248 43.05 -29.35 16.30
N THR B 249 42.74 -30.19 15.31
CA THR B 249 41.35 -30.58 15.05
C THR B 249 40.81 -31.48 16.15
N TRP B 250 41.59 -32.48 16.55
CA TRP B 250 41.11 -33.49 17.48
C TRP B 250 42.31 -34.23 18.05
N LEU B 251 42.18 -34.66 19.30
CA LEU B 251 43.19 -35.51 19.92
C LEU B 251 42.51 -36.43 20.91
N GLY B 252 43.06 -37.63 21.06
CA GLY B 252 42.53 -38.61 21.97
C GLY B 252 43.52 -39.71 22.23
N TYR B 253 43.43 -40.31 23.41
CA TYR B 253 44.30 -41.42 23.77
C TYR B 253 43.69 -42.73 23.31
N LEU B 254 44.49 -43.52 22.58
CA LEU B 254 44.08 -44.84 22.17
C LEU B 254 44.03 -45.76 23.38
N PRO B 255 43.39 -46.93 23.27
CA PRO B 255 43.32 -47.83 24.43
C PRO B 255 44.68 -48.29 24.95
N ASP B 256 45.72 -48.24 24.12
CA ASP B 256 47.05 -48.66 24.55
C ASP B 256 47.89 -47.51 25.09
N GLY B 257 47.28 -46.34 25.32
CA GLY B 257 47.97 -45.23 25.93
C GLY B 257 48.63 -44.26 24.97
N ARG B 258 48.71 -44.59 23.69
CA ARG B 258 49.31 -43.69 22.72
C ARG B 258 48.39 -42.50 22.46
N LEU B 259 49.00 -41.36 22.14
CA LEU B 259 48.26 -40.12 21.91
C LEU B 259 48.12 -39.90 20.40
N ALA B 260 46.88 -39.95 19.91
CA ALA B 260 46.58 -39.63 18.53
C ALA B 260 46.22 -38.16 18.40
N VAL B 261 46.83 -37.48 17.44
CA VAL B 261 46.62 -36.05 17.23
C VAL B 261 46.34 -35.80 15.75
N VAL B 262 45.27 -35.07 15.47
CA VAL B 262 44.97 -34.58 14.13
C VAL B 262 45.13 -33.07 14.17
N ALA B 263 46.13 -32.56 13.45
CA ALA B 263 46.43 -31.13 13.43
C ALA B 263 46.33 -30.61 11.99
N ARG B 264 46.24 -29.29 11.87
N ARG B 264 46.25 -29.28 11.87
CA ARG B 264 45.93 -28.63 10.60
CA ARG B 264 45.96 -28.65 10.60
C ARG B 264 46.88 -27.47 10.34
C ARG B 264 46.93 -27.50 10.34
N ARG B 265 47.12 -27.22 9.05
CA ARG B 265 47.90 -26.08 8.62
C ARG B 265 47.62 -25.90 7.13
N GLU B 266 47.36 -24.66 6.72
CA GLU B 266 47.17 -24.32 5.30
C GLU B 266 46.05 -25.14 4.67
N GLY B 267 44.96 -25.34 5.40
CA GLY B 267 43.77 -25.99 4.89
C GLY B 267 43.80 -27.50 4.80
N ARG B 268 44.89 -28.15 5.23
CA ARG B 268 44.97 -29.59 5.22
C ARG B 268 45.48 -30.09 6.57
N SER B 269 45.12 -31.33 6.89
CA SER B 269 45.43 -31.92 8.18
C SER B 269 46.40 -33.09 8.00
N ALA B 270 46.94 -33.53 9.14
CA ALA B 270 47.86 -34.65 9.18
C ALA B 270 47.60 -35.43 10.46
N VAL B 271 47.90 -36.73 10.43
CA VAL B 271 47.63 -37.63 11.55
C VAL B 271 48.96 -37.96 12.23
N PHE B 272 48.99 -37.87 13.55
CA PHE B 272 50.18 -38.14 14.33
C PHE B 272 49.86 -39.11 15.48
N ILE B 273 50.72 -40.09 15.67
CA ILE B 273 50.62 -41.06 16.75
C ILE B 273 51.86 -40.92 17.62
N ASP B 274 51.68 -40.43 18.86
CA ASP B 274 52.79 -40.12 19.75
C ASP B 274 53.84 -39.26 19.06
N GLY B 275 53.38 -38.27 18.29
CA GLY B 275 54.23 -37.35 17.59
C GLY B 275 54.70 -37.79 16.21
N GLU B 276 54.60 -39.08 15.90
CA GLU B 276 55.03 -39.59 14.60
C GLU B 276 53.90 -39.46 13.58
N ARG B 277 54.21 -38.90 12.42
CA ARG B 277 53.20 -38.69 11.40
C ARG B 277 52.89 -40.00 10.68
N VAL B 278 51.60 -40.21 10.41
CA VAL B 278 51.12 -41.38 9.68
C VAL B 278 50.64 -40.91 8.31
N GLU B 279 50.98 -41.66 7.28
CA GLU B 279 50.55 -41.34 5.92
C GLU B 279 49.03 -41.29 5.84
N ALA B 280 48.50 -40.23 5.24
CA ALA B 280 47.06 -40.03 5.15
C ALA B 280 46.72 -39.43 3.81
N PRO B 281 45.57 -39.76 3.24
CA PRO B 281 45.17 -39.15 1.96
C PRO B 281 44.98 -37.65 2.12
N GLN B 282 45.42 -36.90 1.11
CA GLN B 282 45.40 -35.44 1.20
C GLN B 282 43.98 -34.92 1.36
N GLY B 283 43.84 -33.95 2.25
CA GLY B 283 42.56 -33.38 2.59
C GLY B 283 42.48 -33.12 4.08
N ASN B 284 41.33 -33.42 4.68
CA ASN B 284 41.15 -33.20 6.11
C ASN B 284 40.57 -34.45 6.75
N HIS B 285 40.95 -34.67 8.00
CA HIS B 285 40.67 -35.91 8.69
C HIS B 285 39.95 -35.64 10.01
N GLY B 286 39.13 -36.59 10.42
CA GLY B 286 38.44 -36.53 11.68
C GLY B 286 39.20 -37.25 12.76
N ARG B 287 38.47 -37.83 13.70
CA ARG B 287 39.11 -38.55 14.78
C ARG B 287 39.78 -39.82 14.26
N VAL B 288 40.78 -40.28 15.01
CA VAL B 288 41.52 -41.50 14.68
C VAL B 288 41.23 -42.54 15.74
N VAL B 289 40.96 -43.77 15.29
CA VAL B 289 40.73 -44.89 16.18
C VAL B 289 41.66 -46.03 15.79
N LEU B 290 41.92 -46.90 16.76
CA LEU B 290 42.62 -48.16 16.51
C LEU B 290 41.56 -49.24 16.40
N TRP B 291 41.44 -49.82 15.21
CA TRP B 291 40.42 -50.82 14.94
C TRP B 291 41.10 -52.04 14.33
N ARG B 292 41.09 -53.16 15.05
CA ARG B 292 41.72 -54.39 14.62
C ARG B 292 43.18 -54.17 14.23
N GLY B 293 43.91 -53.47 15.11
CA GLY B 293 45.32 -53.23 14.88
C GLY B 293 45.66 -52.30 13.74
N LYS B 294 44.66 -51.63 13.16
CA LYS B 294 44.89 -50.66 12.10
C LYS B 294 44.33 -49.30 12.52
N LEU B 295 44.97 -48.24 12.03
CA LEU B 295 44.46 -46.90 12.24
C LEU B 295 43.38 -46.59 11.21
N VAL B 296 42.30 -45.96 11.67
CA VAL B 296 41.15 -45.64 10.83
C VAL B 296 40.71 -44.22 11.15
N THR B 297 40.35 -43.46 10.11
CA THR B 297 39.89 -42.10 10.29
C THR B 297 38.88 -41.75 9.21
N SER B 298 38.28 -40.57 9.33
CA SER B 298 37.44 -40.04 8.28
C SER B 298 38.26 -39.13 7.37
N HIS B 299 37.87 -39.07 6.11
CA HIS B 299 38.60 -38.27 5.14
C HIS B 299 37.64 -37.50 4.25
N THR B 300 37.96 -36.22 4.02
CA THR B 300 37.23 -35.37 3.09
C THR B 300 38.22 -34.50 2.32
N SER B 301 37.81 -34.08 1.13
CA SER B 301 38.60 -33.14 0.35
C SER B 301 37.68 -32.48 -0.67
N LEU B 302 38.22 -31.49 -1.38
CA LEU B 302 37.44 -30.79 -2.40
C LEU B 302 36.97 -31.74 -3.49
N SER B 303 37.63 -32.88 -3.66
CA SER B 303 37.22 -33.88 -4.64
C SER B 303 36.62 -35.12 -4.00
N THR B 304 36.57 -35.21 -2.68
CA THR B 304 36.17 -36.45 -2.01
C THR B 304 35.11 -36.15 -0.95
N PRO B 305 33.89 -36.67 -1.08
CA PRO B 305 32.92 -36.54 0.00
C PRO B 305 33.38 -37.28 1.23
N PRO B 306 32.96 -36.84 2.42
CA PRO B 306 33.41 -37.47 3.67
C PRO B 306 33.25 -38.98 3.64
N ARG B 307 34.31 -39.68 4.05
CA ARG B 307 34.37 -41.12 3.96
C ARG B 307 35.31 -41.66 5.03
N ILE B 308 35.19 -42.95 5.30
CA ILE B 308 36.01 -43.63 6.30
C ILE B 308 37.15 -44.35 5.57
N VAL B 309 38.39 -44.06 5.97
CA VAL B 309 39.55 -44.61 5.30
C VAL B 309 40.46 -45.32 6.30
N SER B 310 41.22 -46.28 5.79
CA SER B 310 42.26 -46.94 6.55
C SER B 310 43.59 -46.25 6.31
N LEU B 311 44.37 -46.08 7.38
CA LEU B 311 45.71 -45.55 7.29
C LEU B 311 46.74 -46.68 7.40
N PRO B 312 47.91 -46.57 6.74
CA PRO B 312 48.39 -45.46 5.91
C PRO B 312 48.04 -45.58 4.44
N SER B 313 47.33 -46.62 4.02
CA SER B 313 47.06 -46.82 2.60
C SER B 313 46.12 -45.78 2.03
N GLY B 314 45.21 -45.26 2.85
CA GLY B 314 44.16 -44.40 2.35
C GLY B 314 42.99 -45.13 1.71
N GLU B 315 42.99 -46.46 1.76
CA GLU B 315 41.92 -47.23 1.14
C GLU B 315 40.59 -46.93 1.82
N PRO B 316 39.54 -46.60 1.07
CA PRO B 316 38.24 -46.35 1.70
C PRO B 316 37.62 -47.64 2.22
N LEU B 317 37.20 -47.62 3.48
CA LEU B 317 36.40 -48.72 4.02
C LEU B 317 34.92 -48.49 3.80
N LEU B 318 34.50 -47.22 3.74
CA LEU B 318 33.09 -46.89 3.65
C LEU B 318 33.00 -45.51 3.01
N GLU B 319 32.46 -45.45 1.79
CA GLU B 319 32.33 -44.19 1.07
C GLU B 319 31.09 -44.22 0.20
N GLY B 320 30.50 -43.05 -0.01
CA GLY B 320 29.35 -42.96 -0.89
C GLY B 320 29.74 -43.10 -2.34
N GLY B 321 28.83 -43.70 -3.11
CA GLY B 321 29.10 -43.95 -4.52
C GLY B 321 28.78 -42.75 -5.39
N LEU B 322 29.66 -42.50 -6.36
CA LEU B 322 29.45 -41.51 -7.40
C LEU B 322 29.62 -42.17 -8.77
N PRO B 323 28.76 -41.85 -9.73
CA PRO B 323 28.87 -42.46 -11.06
C PRO B 323 30.19 -42.16 -11.75
N GLU B 324 30.50 -43.01 -12.73
CA GLU B 324 31.76 -42.94 -13.45
C GLU B 324 31.98 -41.57 -14.08
N ASP B 325 30.94 -41.00 -14.69
CA ASP B 325 31.06 -39.69 -15.32
C ASP B 325 31.33 -38.60 -14.27
N LEU B 326 30.38 -38.40 -13.35
CA LEU B 326 30.49 -37.35 -12.34
C LEU B 326 31.81 -37.42 -11.58
N ARG B 327 32.27 -38.64 -11.27
CA ARG B 327 33.55 -38.80 -10.60
C ARG B 327 34.69 -38.20 -11.43
N ARG B 328 34.73 -38.53 -12.72
CA ARG B 328 35.78 -38.00 -13.58
C ARG B 328 35.67 -36.50 -13.81
N SER B 329 34.47 -35.92 -13.66
CA SER B 329 34.33 -34.48 -13.85
C SER B 329 34.98 -33.68 -12.74
N ILE B 330 34.96 -34.21 -11.51
CA ILE B 330 35.54 -33.54 -10.36
C ILE B 330 36.93 -34.13 -10.15
N ALA B 331 37.96 -33.42 -10.62
CA ALA B 331 39.30 -33.99 -10.76
C ALA B 331 40.35 -33.12 -10.06
N GLY B 332 40.64 -33.44 -8.81
CA GLY B 332 41.84 -32.94 -8.14
C GLY B 332 41.83 -31.51 -7.65
N SER B 333 42.38 -31.30 -6.45
CA SER B 333 42.51 -29.98 -5.86
C SER B 333 43.97 -29.70 -5.51
N ARG B 334 44.34 -28.43 -5.51
CA ARG B 334 45.67 -28.02 -5.13
C ARG B 334 45.63 -26.67 -4.43
N LEU B 335 46.67 -26.42 -3.64
CA LEU B 335 46.86 -25.14 -2.95
C LEU B 335 47.88 -24.30 -3.72
N VAL B 336 47.53 -23.05 -4.01
CA VAL B 336 48.45 -22.13 -4.67
C VAL B 336 48.57 -20.87 -3.82
N TRP B 337 49.71 -20.21 -3.94
CA TRP B 337 49.99 -18.98 -3.20
C TRP B 337 49.97 -17.82 -4.19
N VAL B 338 48.87 -17.08 -4.18
CA VAL B 338 48.64 -16.03 -5.17
C VAL B 338 49.26 -14.73 -4.67
N GLU B 339 50.12 -14.13 -5.50
CA GLU B 339 50.77 -12.89 -5.14
C GLU B 339 49.77 -11.75 -5.30
N SER B 340 49.49 -11.04 -4.21
CA SER B 340 48.49 -9.99 -4.22
C SER B 340 49.16 -8.64 -4.45
N PHE B 341 48.38 -7.56 -4.30
CA PHE B 341 48.83 -6.22 -4.63
C PHE B 341 49.80 -5.65 -3.61
N ASP B 342 49.85 -6.20 -2.40
CA ASP B 342 50.66 -5.61 -1.33
C ASP B 342 51.90 -6.41 -0.99
N GLY B 343 52.17 -7.51 -1.70
CA GLY B 343 53.30 -8.35 -1.44
C GLY B 343 52.99 -9.60 -0.64
N SER B 344 51.91 -9.57 0.16
CA SER B 344 51.51 -10.78 0.88
C SER B 344 50.90 -11.79 -0.08
N ARG B 345 51.11 -13.07 0.20
CA ARG B 345 50.59 -14.12 -0.64
C ARG B 345 49.26 -14.62 -0.10
N VAL B 346 48.32 -14.83 -1.01
CA VAL B 346 46.94 -15.19 -0.66
C VAL B 346 46.81 -16.70 -0.87
N PRO B 347 46.60 -17.48 0.19
CA PRO B 347 46.47 -18.94 0.02
C PRO B 347 45.15 -19.29 -0.64
N THR B 348 45.24 -19.90 -1.82
CA THR B 348 44.09 -20.09 -2.69
C THR B 348 44.00 -21.55 -3.11
N TYR B 349 42.84 -22.15 -2.88
CA TYR B 349 42.60 -23.53 -3.31
C TYR B 349 41.93 -23.55 -4.68
N VAL B 350 42.32 -24.51 -5.50
CA VAL B 350 41.85 -24.65 -6.87
C VAL B 350 41.28 -26.04 -7.04
N LEU B 351 40.02 -26.12 -7.48
CA LEU B 351 39.38 -27.38 -7.83
C LEU B 351 39.20 -27.40 -9.34
N GLU B 352 39.90 -28.32 -10.00
CA GLU B 352 39.87 -28.40 -11.46
C GLU B 352 38.74 -29.29 -11.94
N SER B 353 38.15 -28.92 -13.07
CA SER B 353 37.09 -29.67 -13.71
C SER B 353 37.64 -30.56 -14.82
N GLY B 354 37.17 -31.80 -14.86
CA GLY B 354 37.51 -32.69 -15.95
C GLY B 354 36.67 -32.50 -17.19
N ARG B 355 35.68 -31.60 -17.14
CA ARG B 355 34.83 -31.29 -18.28
C ARG B 355 35.12 -29.91 -18.86
N ALA B 356 36.22 -29.29 -18.46
CA ALA B 356 36.64 -28.01 -19.02
C ALA B 356 38.07 -28.12 -19.54
N PRO B 357 38.38 -27.41 -20.62
CA PRO B 357 39.75 -27.41 -21.15
C PRO B 357 40.64 -26.53 -20.28
N THR B 358 41.93 -26.54 -20.62
CA THR B 358 42.91 -25.67 -19.95
C THR B 358 43.62 -24.85 -21.02
N PRO B 359 43.34 -23.55 -21.14
CA PRO B 359 42.43 -22.75 -20.31
C PRO B 359 40.95 -23.06 -20.54
N GLY B 360 40.13 -22.89 -19.52
CA GLY B 360 38.71 -23.12 -19.63
C GLY B 360 37.93 -22.17 -18.73
N PRO B 361 36.60 -22.23 -18.80
CA PRO B 361 35.78 -21.39 -17.94
C PRO B 361 36.08 -21.64 -16.46
N THR B 362 36.22 -20.55 -15.71
CA THR B 362 36.68 -20.63 -14.33
C THR B 362 35.88 -19.66 -13.47
N VAL B 363 35.38 -20.15 -12.34
CA VAL B 363 34.57 -19.36 -11.42
C VAL B 363 35.38 -19.12 -10.16
N VAL B 364 35.56 -17.85 -9.81
CA VAL B 364 36.15 -17.47 -8.53
C VAL B 364 35.05 -17.52 -7.47
N LEU B 365 35.08 -18.54 -6.62
CA LEU B 365 34.03 -18.77 -5.64
C LEU B 365 34.45 -18.13 -4.32
N VAL B 366 33.85 -16.97 -4.03
CA VAL B 366 34.23 -16.17 -2.86
C VAL B 366 33.45 -16.68 -1.65
N HIS B 367 34.17 -16.98 -0.58
CA HIS B 367 33.52 -17.42 0.64
C HIS B 367 32.97 -16.24 1.44
N GLY B 368 32.00 -16.53 2.29
CA GLY B 368 31.36 -15.53 3.12
C GLY B 368 31.97 -15.44 4.51
N GLY B 369 31.31 -14.64 5.35
CA GLY B 369 31.74 -14.51 6.72
C GLY B 369 31.84 -13.07 7.17
N PRO B 370 32.98 -12.43 6.88
CA PRO B 370 34.12 -12.94 6.09
C PRO B 370 35.09 -13.82 6.87
N PHE B 371 34.89 -13.97 8.19
CA PHE B 371 35.80 -14.74 9.04
C PHE B 371 35.55 -16.24 8.85
N ALA B 372 35.96 -16.73 7.69
CA ALA B 372 35.83 -18.14 7.34
C ALA B 372 37.03 -18.56 6.49
N GLU B 373 37.02 -19.81 6.04
CA GLU B 373 38.19 -20.37 5.37
C GLU B 373 37.77 -21.30 4.24
N ASP B 374 38.45 -21.18 3.10
CA ASP B 374 38.36 -22.14 2.01
C ASP B 374 39.47 -23.18 2.20
N SER B 375 39.10 -24.36 2.65
CA SER B 375 40.05 -25.45 2.87
C SER B 375 39.79 -26.59 1.90
N ASP B 376 40.66 -27.60 1.95
CA ASP B 376 40.55 -28.77 1.09
C ASP B 376 39.51 -29.73 1.69
N SER B 377 38.25 -29.32 1.59
CA SER B 377 37.13 -30.06 2.14
C SER B 377 36.01 -30.12 1.11
N TRP B 378 35.12 -31.11 1.28
CA TRP B 378 34.02 -31.28 0.33
C TRP B 378 33.09 -30.08 0.37
N ASP B 379 32.82 -29.51 -0.81
CA ASP B 379 31.96 -28.35 -0.95
C ASP B 379 31.03 -28.63 -2.13
N THR B 380 29.73 -28.74 -1.83
CA THR B 380 28.76 -29.06 -2.87
C THR B 380 28.73 -28.01 -3.97
N PHE B 381 28.87 -26.73 -3.61
CA PHE B 381 28.91 -25.66 -4.61
C PHE B 381 30.08 -25.85 -5.57
N ALA B 382 31.29 -26.00 -5.03
CA ALA B 382 32.47 -26.18 -5.88
C ALA B 382 32.35 -27.43 -6.73
N ALA B 383 31.84 -28.53 -6.15
CA ALA B 383 31.68 -29.76 -6.91
C ALA B 383 30.66 -29.62 -8.02
N SER B 384 29.55 -28.92 -7.75
CA SER B 384 28.55 -28.67 -8.79
C SER B 384 29.14 -27.84 -9.93
N LEU B 385 29.91 -26.80 -9.57
CA LEU B 385 30.56 -25.99 -10.60
C LEU B 385 31.54 -26.82 -11.43
N ALA B 386 32.34 -27.67 -10.79
CA ALA B 386 33.26 -28.52 -11.52
C ALA B 386 32.51 -29.51 -12.40
N ALA B 387 31.42 -30.09 -11.89
CA ALA B 387 30.61 -31.01 -12.67
C ALA B 387 29.97 -30.34 -13.89
N ALA B 388 29.77 -29.02 -13.84
CA ALA B 388 29.17 -28.29 -14.95
C ALA B 388 30.21 -27.71 -15.91
N GLY B 389 31.50 -28.03 -15.71
CA GLY B 389 32.52 -27.59 -16.62
C GLY B 389 33.21 -26.30 -16.24
N PHE B 390 33.33 -26.00 -14.96
CA PHE B 390 34.00 -24.79 -14.49
C PHE B 390 35.13 -25.16 -13.54
N HIS B 391 36.31 -24.60 -13.78
CA HIS B 391 37.35 -24.63 -12.76
C HIS B 391 36.95 -23.70 -11.63
N VAL B 392 37.26 -24.10 -10.40
CA VAL B 392 36.84 -23.35 -9.22
C VAL B 392 38.08 -22.83 -8.51
N VAL B 393 38.09 -21.52 -8.23
CA VAL B 393 39.20 -20.86 -7.56
C VAL B 393 38.65 -20.23 -6.29
N MET B 394 39.16 -20.66 -5.15
CA MET B 394 38.62 -20.27 -3.84
C MET B 394 39.70 -19.58 -3.04
N PRO B 395 39.75 -18.24 -3.04
CA PRO B 395 40.84 -17.54 -2.37
C PRO B 395 40.53 -17.18 -0.92
N ASN B 396 41.52 -17.40 -0.05
CA ASN B 396 41.43 -17.00 1.34
C ASN B 396 41.92 -15.55 1.49
N TYR B 397 41.09 -14.63 1.02
CA TYR B 397 41.38 -13.21 1.08
C TYR B 397 41.56 -12.75 2.53
N ARG B 398 42.24 -11.61 2.71
CA ARG B 398 42.48 -11.09 4.05
C ARG B 398 41.17 -10.92 4.79
N GLY B 399 41.16 -11.35 6.04
CA GLY B 399 39.95 -11.54 6.80
C GLY B 399 39.56 -12.99 6.96
N SER B 400 40.11 -13.87 6.14
CA SER B 400 39.86 -15.30 6.28
C SER B 400 40.46 -15.80 7.59
N THR B 401 39.88 -16.88 8.10
CA THR B 401 40.42 -17.59 9.24
C THR B 401 41.35 -18.73 8.78
N GLY B 402 42.12 -19.26 9.72
CA GLY B 402 42.97 -20.39 9.44
C GLY B 402 44.40 -20.06 9.02
N TYR B 403 44.79 -18.78 9.03
CA TYR B 403 46.13 -18.40 8.63
C TYR B 403 46.71 -17.32 9.54
N GLY B 404 46.33 -17.32 10.81
CA GLY B 404 46.91 -16.39 11.75
C GLY B 404 45.99 -15.22 12.04
N GLU B 405 46.09 -14.70 13.26
CA GLU B 405 45.21 -13.60 13.67
C GLU B 405 45.50 -12.32 12.88
N GLU B 406 46.75 -12.12 12.48
CA GLU B 406 47.09 -10.91 11.71
C GLU B 406 46.35 -10.89 10.38
N TRP B 407 46.33 -12.02 9.68
CA TRP B 407 45.65 -12.08 8.38
C TRP B 407 44.15 -11.89 8.52
N ARG B 408 43.57 -12.39 9.61
CA ARG B 408 42.13 -12.22 9.83
C ARG B 408 41.78 -10.77 10.12
N LEU B 409 42.61 -10.09 10.92
CA LEU B 409 42.30 -8.73 11.34
C LEU B 409 42.59 -7.67 10.28
N LYS B 410 43.29 -8.02 9.19
CA LYS B 410 43.62 -7.02 8.19
C LYS B 410 42.40 -6.50 7.45
N ILE B 411 41.29 -7.23 7.44
CA ILE B 411 40.10 -6.74 6.77
C ILE B 411 39.37 -5.68 7.59
N ILE B 412 39.66 -5.60 8.90
CA ILE B 412 38.96 -4.67 9.77
C ILE B 412 39.19 -3.24 9.30
N GLY B 413 38.10 -2.51 9.06
CA GLY B 413 38.18 -1.14 8.59
C GLY B 413 38.35 -0.97 7.10
N ASP B 414 38.29 -2.04 6.31
CA ASP B 414 38.49 -1.97 4.87
C ASP B 414 37.53 -2.93 4.16
N PRO B 415 36.22 -2.70 4.27
CA PRO B 415 35.28 -3.56 3.54
C PRO B 415 35.33 -3.27 2.05
N CYS B 416 35.33 -4.35 1.27
CA CYS B 416 35.52 -4.34 -0.18
C CYS B 416 36.60 -3.32 -0.59
N GLY B 417 37.77 -3.50 0.01
CA GLY B 417 38.90 -2.66 -0.31
C GLY B 417 40.15 -3.52 -0.46
N GLY B 418 40.88 -3.70 0.63
CA GLY B 418 42.06 -4.55 0.58
C GLY B 418 41.75 -5.99 0.23
N GLU B 419 40.69 -6.54 0.82
CA GLU B 419 40.33 -7.94 0.56
C GLU B 419 39.83 -8.13 -0.87
N LEU B 420 39.20 -7.11 -1.46
CA LEU B 420 38.79 -7.20 -2.86
C LEU B 420 40.00 -7.40 -3.77
N GLU B 421 41.11 -6.74 -3.45
CA GLU B 421 42.32 -6.92 -4.25
C GLU B 421 42.79 -8.36 -4.20
N ASP B 422 42.74 -9.00 -3.03
CA ASP B 422 43.10 -10.41 -2.93
C ASP B 422 42.23 -11.27 -3.83
N VAL B 423 40.92 -11.01 -3.84
CA VAL B 423 40.03 -11.73 -4.75
C VAL B 423 40.39 -11.41 -6.20
N SER B 424 40.62 -10.12 -6.49
CA SER B 424 40.99 -9.73 -7.85
C SER B 424 42.34 -10.32 -8.25
N ALA B 425 43.30 -10.34 -7.32
CA ALA B 425 44.59 -10.96 -7.58
C ALA B 425 44.44 -12.45 -7.89
N ALA B 426 43.51 -13.12 -7.19
CA ALA B 426 43.25 -14.52 -7.47
C ALA B 426 42.69 -14.72 -8.87
N ALA B 427 41.81 -13.81 -9.31
CA ALA B 427 41.29 -13.87 -10.66
C ALA B 427 42.41 -13.63 -11.68
N ARG B 428 43.26 -12.64 -11.43
CA ARG B 428 44.40 -12.41 -12.31
C ARG B 428 45.36 -13.58 -12.30
N TRP B 429 45.50 -14.26 -11.14
CA TRP B 429 46.37 -15.43 -11.09
C TRP B 429 45.82 -16.55 -11.98
N ALA B 430 44.50 -16.75 -11.94
CA ALA B 430 43.89 -17.78 -12.78
C ALA B 430 44.15 -17.50 -14.26
N ARG B 431 44.21 -16.22 -14.64
CA ARG B 431 44.55 -15.86 -16.01
C ARG B 431 46.04 -16.01 -16.28
N GLU B 432 46.89 -15.46 -15.40
CA GLU B 432 48.33 -15.48 -15.65
C GLU B 432 48.89 -16.90 -15.69
N SER B 433 48.32 -17.81 -14.90
CA SER B 433 48.87 -19.16 -14.82
C SER B 433 48.40 -20.07 -15.95
N GLY B 434 47.51 -19.60 -16.82
CA GLY B 434 47.04 -20.39 -17.93
C GLY B 434 45.89 -21.31 -17.62
N LEU B 435 45.18 -21.09 -16.50
CA LEU B 435 44.06 -21.93 -16.13
C LEU B 435 42.72 -21.40 -16.63
N ALA B 436 42.54 -20.08 -16.63
CA ALA B 436 41.24 -19.48 -16.91
C ALA B 436 41.22 -18.90 -18.32
N SER B 437 40.29 -19.38 -19.14
CA SER B 437 40.03 -18.73 -20.43
C SER B 437 39.06 -17.57 -20.26
N GLU B 438 38.02 -17.76 -19.44
CA GLU B 438 37.10 -16.70 -19.07
C GLU B 438 36.85 -16.78 -17.57
N LEU B 439 36.56 -15.64 -16.97
CA LEU B 439 36.50 -15.50 -15.52
C LEU B 439 35.09 -15.12 -15.08
N TYR B 440 34.57 -15.84 -14.09
CA TYR B 440 33.32 -15.50 -13.43
C TYR B 440 33.57 -15.38 -11.94
N ILE B 441 32.74 -14.59 -11.28
CA ILE B 441 32.80 -14.42 -9.83
C ILE B 441 31.46 -14.83 -9.23
N MET B 442 31.50 -15.47 -8.06
CA MET B 442 30.31 -16.02 -7.44
C MET B 442 30.54 -16.11 -5.93
N GLY B 443 29.54 -15.71 -5.16
CA GLY B 443 29.64 -15.75 -3.72
C GLY B 443 28.30 -15.56 -3.06
N TYR B 444 28.24 -15.95 -1.78
CA TYR B 444 27.01 -15.88 -1.00
C TYR B 444 27.29 -15.19 0.32
N SER B 445 26.25 -14.53 0.85
CA SER B 445 26.32 -13.74 2.08
C SER B 445 27.39 -12.67 1.87
N TYR B 446 28.47 -12.64 2.66
CA TYR B 446 29.52 -11.66 2.42
C TYR B 446 30.17 -11.87 1.05
N GLY B 447 30.25 -13.13 0.59
CA GLY B 447 30.77 -13.38 -0.74
C GLY B 447 29.91 -12.78 -1.83
N GLY B 448 28.59 -12.72 -1.62
CA GLY B 448 27.73 -12.05 -2.57
C GLY B 448 27.99 -10.55 -2.60
N TYR B 449 28.22 -9.95 -1.43
CA TYR B 449 28.63 -8.56 -1.36
C TYR B 449 29.92 -8.32 -2.14
N MET B 450 30.86 -9.27 -2.05
CA MET B 450 32.09 -9.17 -2.82
C MET B 450 31.83 -9.15 -4.31
N THR B 451 30.91 -10.01 -4.77
CA THR B 451 30.58 -10.08 -6.20
C THR B 451 30.05 -8.74 -6.71
N LEU B 452 29.07 -8.15 -6.02
CA LEU B 452 28.50 -6.89 -6.47
C LEU B 452 29.56 -5.78 -6.49
N CYS B 453 30.30 -5.65 -5.40
CA CYS B 453 31.31 -4.60 -5.34
C CYS B 453 32.42 -4.81 -6.37
N ALA B 454 32.71 -6.07 -6.70
CA ALA B 454 33.74 -6.35 -7.70
C ALA B 454 33.29 -5.92 -9.09
N LEU B 455 32.03 -6.22 -9.44
CA LEU B 455 31.51 -5.83 -10.74
C LEU B 455 31.42 -4.31 -10.89
N THR B 456 31.37 -3.56 -9.79
CA THR B 456 31.35 -2.11 -9.84
C THR B 456 32.76 -1.53 -9.90
N MET B 457 33.65 -1.99 -9.02
CA MET B 457 34.98 -1.42 -8.91
C MET B 457 35.99 -2.07 -9.85
N LYS B 458 35.68 -3.23 -10.42
CA LYS B 458 36.59 -3.89 -11.36
C LYS B 458 35.82 -4.42 -12.57
N PRO B 459 35.16 -3.52 -13.32
CA PRO B 459 34.47 -3.97 -14.53
C PRO B 459 35.46 -4.39 -15.60
N GLY B 460 35.08 -5.41 -16.37
CA GLY B 460 35.96 -6.02 -17.35
C GLY B 460 36.76 -7.19 -16.83
N LEU B 461 36.96 -7.28 -15.51
CA LEU B 461 37.69 -8.41 -14.94
C LEU B 461 36.96 -9.72 -15.19
N PHE B 462 35.68 -9.78 -14.80
CA PHE B 462 34.87 -10.98 -14.96
C PHE B 462 33.90 -10.83 -16.12
N LYS B 463 33.48 -11.97 -16.66
CA LYS B 463 32.52 -11.98 -17.77
C LYS B 463 31.08 -11.87 -17.27
N ALA B 464 30.81 -12.38 -16.07
CA ALA B 464 29.49 -12.31 -15.45
C ALA B 464 29.64 -12.60 -13.97
N GLY B 465 28.63 -12.23 -13.20
CA GLY B 465 28.68 -12.38 -11.76
C GLY B 465 27.38 -12.93 -11.20
N VAL B 466 27.51 -13.72 -10.15
CA VAL B 466 26.38 -14.23 -9.37
C VAL B 466 26.53 -13.76 -7.94
N ALA B 467 25.54 -13.04 -7.43
CA ALA B 467 25.57 -12.50 -6.08
C ALA B 467 24.40 -13.07 -5.29
N GLY B 468 24.72 -13.80 -4.22
CA GLY B 468 23.71 -14.44 -3.41
C GLY B 468 23.66 -13.93 -1.98
N ALA B 469 22.44 -13.67 -1.49
CA ALA B 469 22.21 -13.19 -0.12
C ALA B 469 23.16 -12.05 0.23
N SER B 470 23.32 -11.12 -0.71
CA SER B 470 24.36 -10.11 -0.62
C SER B 470 23.91 -8.93 0.24
N VAL B 471 24.89 -8.10 0.60
CA VAL B 471 24.64 -6.82 1.25
C VAL B 471 24.84 -5.74 0.20
N VAL B 472 23.84 -4.88 0.04
CA VAL B 472 23.81 -3.92 -1.06
C VAL B 472 24.25 -2.55 -0.57
N ASP B 473 23.97 -2.25 0.70
CA ASP B 473 24.22 -0.92 1.24
C ASP B 473 24.51 -1.06 2.74
N TRP B 474 25.76 -0.76 3.13
CA TRP B 474 26.12 -0.83 4.54
C TRP B 474 25.45 0.27 5.35
N GLU B 475 25.37 1.48 4.80
CA GLU B 475 24.69 2.57 5.49
C GLU B 475 23.25 2.18 5.85
N GLU B 476 22.50 1.69 4.86
CA GLU B 476 21.16 1.19 5.12
C GLU B 476 21.19 -0.02 6.05
N MET B 477 22.17 -0.92 5.85
CA MET B 477 22.24 -2.15 6.64
C MET B 477 22.47 -1.86 8.11
N TYR B 478 23.35 -0.90 8.42
CA TYR B 478 23.68 -0.60 9.81
C TYR B 478 22.45 -0.23 10.63
N GLU B 479 21.65 0.73 10.13
CA GLU B 479 20.47 1.15 10.86
C GLU B 479 19.34 0.13 10.80
N LEU B 480 19.25 -0.62 9.69
CA LEU B 480 18.18 -1.60 9.54
C LEU B 480 18.40 -2.85 10.37
N SER B 481 19.64 -3.15 10.74
CA SER B 481 19.96 -4.40 11.42
C SER B 481 19.88 -4.24 12.93
N ASP B 482 19.96 -5.37 13.62
CA ASP B 482 19.90 -5.41 15.07
C ASP B 482 21.25 -5.06 15.69
N ALA B 483 21.28 -5.02 17.02
CA ALA B 483 22.47 -4.58 17.74
C ALA B 483 23.69 -5.43 17.39
N ALA B 484 23.56 -6.75 17.47
CA ALA B 484 24.69 -7.64 17.19
C ALA B 484 25.25 -7.39 15.79
N PHE B 485 24.40 -7.46 14.76
CA PHE B 485 24.85 -7.21 13.40
C PHE B 485 25.39 -5.78 13.25
N ARG B 486 24.68 -4.79 13.80
CA ARG B 486 25.14 -3.41 13.72
C ARG B 486 26.51 -3.24 14.36
N ASN B 487 26.72 -3.86 15.54
CA ASN B 487 28.03 -3.84 16.16
C ASN B 487 29.10 -4.40 15.23
N PHE B 488 28.79 -5.51 14.57
CA PHE B 488 29.72 -6.09 13.61
C PHE B 488 29.98 -5.14 12.45
N ILE B 489 28.95 -4.45 11.97
CA ILE B 489 29.09 -3.51 10.86
C ILE B 489 30.01 -2.35 11.25
N GLU B 490 29.89 -1.87 12.50
CA GLU B 490 30.76 -0.79 12.97
C GLU B 490 32.23 -1.20 12.87
N GLN B 491 32.58 -2.33 13.49
CA GLN B 491 33.95 -2.83 13.42
C GLN B 491 34.35 -3.18 11.99
N LEU B 492 33.39 -3.61 11.15
CA LEU B 492 33.73 -4.04 9.80
C LEU B 492 34.12 -2.86 8.92
N THR B 493 33.32 -1.81 8.90
CA THR B 493 33.60 -0.67 8.02
C THR B 493 34.41 0.42 8.71
N SER B 496 33.55 4.56 10.56
CA SER B 496 33.40 5.75 9.74
C SER B 496 32.30 5.56 8.72
N ARG B 497 31.23 6.36 8.85
CA ARG B 497 30.12 6.30 7.92
C ARG B 497 30.54 6.63 6.49
N GLU B 498 31.62 7.40 6.33
CA GLU B 498 32.12 7.69 4.99
C GLU B 498 32.49 6.41 4.24
N ILE B 499 33.21 5.51 4.93
CA ILE B 499 33.56 4.22 4.31
C ILE B 499 32.31 3.40 4.03
N MET B 500 31.30 3.48 4.92
CA MET B 500 30.08 2.72 4.75
C MET B 500 29.40 3.00 3.40
N ARG B 501 29.39 4.26 2.97
CA ARG B 501 28.73 4.58 1.71
C ARG B 501 29.61 4.27 0.50
N SER B 502 30.92 4.45 0.64
CA SER B 502 31.82 4.23 -0.50
C SER B 502 31.98 2.74 -0.79
N ARG B 503 31.95 1.89 0.24
CA ARG B 503 32.07 0.45 0.03
C ARG B 503 30.74 -0.21 -0.34
N SER B 504 29.63 0.49 -0.13
CA SER B 504 28.33 -0.03 -0.53
C SER B 504 28.21 -0.01 -2.05
N PRO B 505 28.00 -1.14 -2.71
CA PRO B 505 27.97 -1.16 -4.18
C PRO B 505 26.74 -0.52 -4.79
N ILE B 506 25.72 -0.18 -3.99
CA ILE B 506 24.50 0.40 -4.54
C ILE B 506 24.73 1.77 -5.16
N ASN B 507 25.80 2.47 -4.76
CA ASN B 507 26.08 3.80 -5.26
C ASN B 507 26.98 3.80 -6.49
N HIS B 508 27.37 2.62 -6.98
CA HIS B 508 28.27 2.51 -8.13
C HIS B 508 27.66 1.65 -9.23
N VAL B 509 26.32 1.61 -9.30
CA VAL B 509 25.64 0.80 -10.30
C VAL B 509 25.95 1.30 -11.71
N ASP B 510 26.29 2.59 -11.84
CA ASP B 510 26.63 3.14 -13.15
CA ASP B 510 26.62 3.13 -13.16
C ASP B 510 27.83 2.43 -13.76
N ARG B 511 28.76 1.96 -12.91
CA ARG B 511 30.00 1.36 -13.40
C ARG B 511 29.85 -0.09 -13.84
N ILE B 512 28.77 -0.77 -13.45
CA ILE B 512 28.59 -2.16 -13.82
C ILE B 512 28.49 -2.27 -15.34
N LYS B 513 29.16 -3.28 -15.90
CA LYS B 513 29.17 -3.47 -17.34
C LYS B 513 28.90 -4.90 -17.78
N GLU B 514 28.84 -5.85 -16.85
CA GLU B 514 28.65 -7.26 -17.15
C GLU B 514 27.31 -7.75 -16.62
N PRO B 515 26.75 -8.81 -17.22
CA PRO B 515 25.51 -9.37 -16.69
C PRO B 515 25.69 -9.83 -15.24
N LEU B 516 24.64 -9.65 -14.45
CA LEU B 516 24.66 -9.92 -13.02
C LEU B 516 23.47 -10.78 -12.64
N ALA B 517 23.71 -11.84 -11.89
CA ALA B 517 22.66 -12.73 -11.43
C ALA B 517 22.48 -12.56 -9.93
N LEU B 518 21.26 -12.22 -9.52
CA LEU B 518 20.93 -12.02 -8.11
C LEU B 518 20.11 -13.18 -7.60
N ILE B 519 20.57 -13.80 -6.52
CA ILE B 519 19.85 -14.85 -5.82
C ILE B 519 19.69 -14.38 -4.38
N HIS B 520 18.44 -14.23 -3.94
CA HIS B 520 18.22 -13.59 -2.65
C HIS B 520 17.04 -14.19 -1.90
N PRO B 521 17.18 -14.37 -0.60
CA PRO B 521 16.05 -14.82 0.21
C PRO B 521 14.98 -13.74 0.30
N GLN B 522 13.73 -14.18 0.38
CA GLN B 522 12.59 -13.28 0.42
C GLN B 522 12.22 -12.86 1.84
N ASN B 523 12.65 -13.61 2.86
CA ASN B 523 12.24 -13.39 4.23
C ASN B 523 13.40 -13.65 5.19
N ALA B 524 14.51 -12.94 4.96
CA ALA B 524 15.70 -13.06 5.79
C ALA B 524 15.91 -11.76 6.55
N SER B 525 16.04 -11.87 7.87
CA SER B 525 16.23 -10.67 8.70
C SER B 525 17.64 -10.11 8.57
N ARG B 526 18.64 -11.00 8.43
CA ARG B 526 20.02 -10.55 8.28
C ARG B 526 20.33 -10.04 6.88
N THR B 527 19.57 -10.46 5.87
CA THR B 527 19.72 -9.98 4.50
C THR B 527 18.35 -9.59 3.99
N PRO B 528 17.88 -8.39 4.32
CA PRO B 528 16.53 -7.97 3.93
C PRO B 528 16.37 -7.86 2.42
N LEU B 529 15.14 -8.01 1.96
CA LEU B 529 14.85 -7.96 0.53
C LEU B 529 14.68 -6.54 0.02
N LYS B 530 14.17 -5.63 0.87
CA LYS B 530 13.96 -4.24 0.48
C LYS B 530 15.18 -3.57 -0.14
N PRO B 531 16.39 -3.68 0.41
CA PRO B 531 17.55 -3.07 -0.28
C PRO B 531 17.83 -3.66 -1.64
N LEU B 532 17.60 -4.96 -1.83
CA LEU B 532 17.85 -5.58 -3.13
C LEU B 532 16.84 -5.12 -4.17
N LEU B 533 15.59 -4.92 -3.77
CA LEU B 533 14.60 -4.37 -4.70
C LEU B 533 15.04 -3.01 -5.21
N ARG B 534 15.67 -2.21 -4.33
CA ARG B 534 16.21 -0.92 -4.73
C ARG B 534 17.35 -1.09 -5.74
N LEU B 535 18.22 -2.09 -5.53
CA LEU B 535 19.30 -2.34 -6.47
C LEU B 535 18.76 -2.75 -7.83
N MET B 536 17.74 -3.61 -7.85
CA MET B 536 17.14 -4.03 -9.12
C MET B 536 16.52 -2.84 -9.84
N GLY B 537 15.87 -1.93 -9.10
CA GLY B 537 15.34 -0.73 -9.71
C GLY B 537 16.43 0.14 -10.31
N GLU B 538 17.57 0.26 -9.62
CA GLU B 538 18.67 1.05 -10.13
C GLU B 538 19.31 0.38 -11.36
N LEU B 539 19.40 -0.95 -11.35
CA LEU B 539 19.94 -1.65 -12.50
C LEU B 539 19.07 -1.46 -13.74
N LEU B 540 17.75 -1.55 -13.57
CA LEU B 540 16.84 -1.40 -14.70
C LEU B 540 16.84 0.03 -15.22
N ALA B 541 16.84 1.01 -14.32
CA ALA B 541 16.84 2.41 -14.72
C ALA B 541 18.10 2.80 -15.48
N ARG B 542 19.19 2.08 -15.27
CA ARG B 542 20.46 2.36 -15.93
C ARG B 542 20.77 1.40 -17.07
N GLY B 543 19.79 0.60 -17.48
CA GLY B 543 19.97 -0.30 -18.61
C GLY B 543 20.93 -1.44 -18.40
N LYS B 544 21.11 -1.90 -17.16
CA LYS B 544 22.03 -2.98 -16.85
C LYS B 544 21.34 -4.32 -16.98
N THR B 545 21.96 -5.23 -17.73
CA THR B 545 21.44 -6.59 -17.85
C THR B 545 21.58 -7.30 -16.52
N PHE B 546 20.50 -7.93 -16.07
CA PHE B 546 20.55 -8.65 -14.80
C PHE B 546 19.46 -9.70 -14.75
N GLU B 547 19.75 -10.77 -14.02
CA GLU B 547 18.80 -11.84 -13.73
C GLU B 547 18.58 -11.85 -12.22
N ALA B 548 17.37 -12.19 -11.81
CA ALA B 548 17.02 -12.12 -10.39
C ALA B 548 16.19 -13.32 -10.00
N HIS B 549 16.50 -13.87 -8.82
CA HIS B 549 15.78 -15.02 -8.27
C HIS B 549 15.56 -14.76 -6.78
N ILE B 550 14.32 -14.55 -6.40
CA ILE B 550 13.93 -14.24 -5.03
C ILE B 550 13.11 -15.41 -4.52
N ILE B 551 13.63 -16.12 -3.52
CA ILE B 551 12.97 -17.34 -3.04
C ILE B 551 12.77 -17.25 -1.53
N PRO B 552 11.58 -17.55 -1.02
CA PRO B 552 11.37 -17.54 0.43
C PRO B 552 12.07 -18.70 1.12
N ASP B 553 12.53 -18.44 2.35
CA ASP B 553 13.10 -19.45 3.23
C ASP B 553 14.35 -20.10 2.60
N ALA B 554 15.29 -19.26 2.17
CA ALA B 554 16.53 -19.74 1.60
C ALA B 554 17.60 -19.86 2.67
N ALA B 557 23.50 -22.99 3.12
CA ALA B 557 23.42 -24.35 3.65
C ALA B 557 22.55 -25.23 2.77
N ILE B 558 23.17 -25.94 1.84
CA ILE B 558 22.47 -26.80 0.89
C ILE B 558 22.54 -28.21 1.43
N ASN B 559 21.46 -28.62 2.12
CA ASN B 559 21.34 -29.98 2.62
C ASN B 559 20.54 -30.88 1.70
N THR B 560 19.44 -30.38 1.15
CA THR B 560 18.55 -31.16 0.30
C THR B 560 18.62 -30.66 -1.13
N MET B 561 18.08 -31.48 -2.04
CA MET B 561 17.92 -31.06 -3.42
C MET B 561 17.02 -29.83 -3.52
N GLU B 562 16.01 -29.77 -2.66
CA GLU B 562 15.13 -28.60 -2.61
C GLU B 562 15.92 -27.33 -2.35
N ASP B 563 16.88 -27.37 -1.42
CA ASP B 563 17.75 -26.23 -1.17
C ASP B 563 18.59 -25.91 -2.41
N ALA B 564 19.11 -26.93 -3.07
CA ALA B 564 19.94 -26.73 -4.25
C ALA B 564 19.15 -26.08 -5.38
N VAL B 565 17.89 -26.51 -5.55
CA VAL B 565 17.04 -25.93 -6.60
C VAL B 565 16.83 -24.45 -6.35
N LYS B 566 16.65 -24.06 -5.09
CA LYS B 566 16.36 -22.67 -4.77
C LYS B 566 17.59 -21.78 -4.91
N ILE B 567 18.74 -22.24 -4.40
CA ILE B 567 19.88 -21.37 -4.21
C ILE B 567 21.03 -21.66 -5.17
N LEU B 568 21.20 -22.91 -5.61
CA LEU B 568 22.36 -23.30 -6.40
C LEU B 568 22.06 -23.41 -7.89
N LEU B 569 21.01 -24.13 -8.27
CA LEU B 569 20.68 -24.28 -9.69
C LEU B 569 20.55 -22.95 -10.44
N PRO B 570 19.93 -21.90 -9.90
CA PRO B 570 19.89 -20.64 -10.67
C PRO B 570 21.27 -20.09 -10.96
N ALA B 571 22.22 -20.24 -10.04
CA ALA B 571 23.57 -19.75 -10.27
C ALA B 571 24.24 -20.56 -11.38
N VAL B 572 24.15 -21.88 -11.31
CA VAL B 572 24.80 -22.73 -12.32
C VAL B 572 24.15 -22.55 -13.68
N PHE B 573 22.81 -22.48 -13.71
CA PHE B 573 22.11 -22.24 -14.97
C PHE B 573 22.55 -20.92 -15.60
N PHE B 574 22.65 -19.87 -14.79
CA PHE B 574 23.08 -18.57 -15.29
C PHE B 574 24.48 -18.65 -15.91
N LEU B 575 25.43 -19.24 -15.17
CA LEU B 575 26.80 -19.34 -15.67
C LEU B 575 26.90 -20.22 -16.92
N ALA B 576 26.06 -21.25 -17.01
CA ALA B 576 26.12 -22.14 -18.19
C ALA B 576 25.67 -21.41 -19.45
N THR B 577 24.61 -20.61 -19.35
CA THR B 577 24.17 -19.84 -20.53
C THR B 577 25.06 -18.63 -20.78
N GLN B 578 25.71 -18.08 -19.75
CA GLN B 578 26.59 -16.94 -19.95
C GLN B 578 27.83 -17.31 -20.76
N ARG B 579 28.29 -18.55 -20.67
CA ARG B 579 29.36 -19.02 -21.53
C ARG B 579 28.86 -19.43 -22.90
N GLU B 580 27.57 -19.25 -23.17
CA GLU B 580 26.91 -19.66 -24.40
C GLU B 580 27.09 -21.16 -24.64
N MET C 5 -32.75 10.92 19.08
CA MET C 5 -32.56 12.32 19.50
C MET C 5 -31.56 13.03 18.61
N PRO C 6 -31.88 14.26 18.21
CA PRO C 6 -30.95 15.03 17.39
C PRO C 6 -29.79 15.54 18.22
N VAL C 7 -28.61 15.59 17.60
CA VAL C 7 -27.44 16.09 18.29
C VAL C 7 -27.62 17.58 18.57
N GLU C 8 -27.40 17.97 19.82
CA GLU C 8 -27.48 19.38 20.21
C GLU C 8 -26.12 20.03 19.95
N PHE C 9 -25.91 20.40 18.68
CA PHE C 9 -24.62 20.92 18.27
C PHE C 9 -24.28 22.21 18.98
N SER C 10 -25.23 23.15 19.03
CA SER C 10 -24.96 24.46 19.62
C SER C 10 -24.69 24.35 21.12
N ARG C 11 -25.40 23.45 21.80
CA ARG C 11 -25.13 23.24 23.22
C ARG C 11 -23.72 22.68 23.43
N ILE C 12 -23.31 21.74 22.58
CA ILE C 12 -21.97 21.18 22.68
C ILE C 12 -20.92 22.28 22.49
N VAL C 13 -21.08 23.11 21.46
CA VAL C 13 -20.12 24.18 21.19
C VAL C 13 -20.05 25.13 22.37
N ARG C 14 -21.21 25.50 22.94
CA ARG C 14 -21.22 26.41 24.07
C ARG C 14 -20.56 25.80 25.29
N ASP C 15 -20.81 24.51 25.56
CA ASP C 15 -20.15 23.84 26.67
C ASP C 15 -18.65 23.75 26.43
N VAL C 16 -18.26 23.30 25.24
CA VAL C 16 -16.85 23.17 24.91
C VAL C 16 -16.13 24.52 25.02
N GLU C 17 -16.74 25.58 24.48
CA GLU C 17 -16.06 26.86 24.49
C GLU C 17 -16.00 27.45 25.90
N ARG C 18 -17.00 27.17 26.74
CA ARG C 18 -16.93 27.63 28.13
C ARG C 18 -15.88 26.86 28.92
N LEU C 19 -15.75 25.55 28.67
CA LEU C 19 -14.76 24.75 29.36
C LEU C 19 -13.34 25.17 28.97
N ILE C 20 -13.13 25.54 27.71
CA ILE C 20 -11.83 26.03 27.29
C ILE C 20 -11.57 27.42 27.86
N ALA C 21 -12.61 28.24 27.99
CA ALA C 21 -12.43 29.64 28.37
C ALA C 21 -12.14 29.82 29.85
N VAL C 22 -12.57 28.89 30.70
CA VAL C 22 -12.38 29.06 32.14
C VAL C 22 -10.90 29.22 32.45
N GLU C 23 -10.59 30.15 33.35
CA GLU C 23 -9.20 30.48 33.63
C GLU C 23 -8.50 29.30 34.29
N LYS C 24 -7.26 29.05 33.87
CA LYS C 24 -6.43 27.98 34.41
C LYS C 24 -5.08 28.58 34.76
N TYR C 25 -4.67 28.43 36.02
CA TYR C 25 -3.48 29.10 36.52
C TYR C 25 -2.41 28.10 36.91
N SER C 26 -1.15 28.51 36.71
CA SER C 26 0.02 27.71 37.05
C SER C 26 0.96 28.58 37.87
N LEU C 27 1.49 28.04 38.96
CA LEU C 27 2.38 28.77 39.84
C LEU C 27 3.83 28.55 39.41
N GLN C 28 4.57 29.64 39.25
CA GLN C 28 5.93 29.59 38.75
C GLN C 28 6.99 30.09 39.73
N GLY C 29 6.65 30.98 40.63
CA GLY C 29 7.63 31.49 41.58
C GLY C 29 7.21 32.85 42.12
N VAL C 30 8.19 33.49 42.76
CA VAL C 30 8.03 34.78 43.40
C VAL C 30 9.10 35.71 42.85
N VAL C 31 8.70 36.89 42.40
CA VAL C 31 9.62 37.84 41.78
C VAL C 31 9.70 39.10 42.65
N ASP C 32 10.61 40.00 42.28
CA ASP C 32 10.87 41.24 42.98
C ASP C 32 9.62 41.89 43.54
N GLY C 33 9.60 42.07 44.86
CA GLY C 33 8.46 42.66 45.54
C GLY C 33 7.44 41.68 46.07
N ASP C 34 7.84 40.42 46.30
CA ASP C 34 6.91 39.39 46.76
C ASP C 34 5.70 39.29 45.84
N LYS C 35 5.97 39.29 44.54
CA LYS C 35 4.93 39.16 43.52
C LYS C 35 4.90 37.71 43.05
N LEU C 36 3.73 37.07 43.18
CA LEU C 36 3.57 35.74 42.61
C LEU C 36 3.69 35.81 41.09
N LEU C 37 4.54 34.96 40.53
CA LEU C 37 4.65 34.82 39.08
C LEU C 37 3.76 33.65 38.68
N VAL C 38 2.67 33.96 37.98
CA VAL C 38 1.68 32.96 37.60
CA VAL C 38 1.65 32.99 37.60
C VAL C 38 1.49 33.00 36.10
N VAL C 39 1.38 31.82 35.50
CA VAL C 39 1.07 31.66 34.09
C VAL C 39 -0.38 31.22 33.98
N GLY C 40 -1.17 31.95 33.20
CA GLY C 40 -2.59 31.66 33.14
C GLY C 40 -3.19 31.69 31.75
N PHE C 41 -4.10 30.75 31.49
CA PHE C 41 -4.95 30.83 30.30
C PHE C 41 -6.14 31.72 30.65
N SER C 42 -6.08 32.98 30.21
CA SER C 42 -7.17 33.91 30.41
C SER C 42 -7.36 34.73 29.13
N GLU C 43 -8.60 35.17 28.90
CA GLU C 43 -8.97 35.91 27.69
C GLU C 43 -8.59 35.15 26.42
N GLY C 44 -8.66 33.82 26.48
CA GLY C 44 -8.49 33.00 25.29
C GLY C 44 -7.06 32.74 24.86
N SER C 45 -6.08 32.96 25.73
CA SER C 45 -4.69 32.72 25.36
C SER C 45 -3.86 32.52 26.62
N VAL C 46 -2.65 32.01 26.42
CA VAL C 46 -1.71 31.73 27.51
C VAL C 46 -0.86 32.97 27.76
N ASN C 47 -0.88 33.48 28.99
CA ASN C 47 -0.14 34.68 29.35
C ASN C 47 0.52 34.49 30.70
N ALA C 48 1.42 35.42 31.03
CA ALA C 48 2.11 35.44 32.32
C ALA C 48 1.67 36.66 33.11
N TYR C 49 1.42 36.47 34.41
CA TYR C 49 0.89 37.52 35.26
C TYR C 49 1.71 37.63 36.54
N LEU C 50 1.80 38.85 37.05
CA LEU C 50 2.19 39.09 38.43
C LEU C 50 0.93 39.25 39.27
N TYR C 51 0.88 38.55 40.40
CA TYR C 51 -0.23 38.69 41.35
C TYR C 51 0.28 39.30 42.64
N ASP C 52 -0.44 40.32 43.14
CA ASP C 52 -0.18 40.92 44.44
C ASP C 52 -1.32 41.87 44.75
N GLY C 53 -1.74 41.90 46.01
CA GLY C 53 -2.79 42.79 46.46
C GLY C 53 -4.09 42.63 45.69
N GLY C 54 -4.53 41.39 45.48
CA GLY C 54 -5.82 41.14 44.87
C GLY C 54 -5.94 41.53 43.42
N GLU C 55 -4.84 41.73 42.71
CA GLU C 55 -4.88 42.12 41.31
C GLU C 55 -3.78 41.42 40.53
N THR C 56 -4.01 41.23 39.24
CA THR C 56 -3.02 40.63 38.34
C THR C 56 -2.54 41.67 37.35
N VAL C 57 -1.27 41.56 36.95
CA VAL C 57 -0.65 42.46 35.98
C VAL C 57 -0.09 41.61 34.85
N LYS C 58 -0.53 41.90 33.62
CA LYS C 58 -0.07 41.15 32.46
C LYS C 58 1.35 41.57 32.10
N LEU C 59 2.23 40.59 31.87
CA LEU C 59 3.62 40.87 31.57
C LEU C 59 3.92 40.87 30.07
N ASN C 60 3.20 40.08 29.29
CA ASN C 60 3.42 39.97 27.86
C ASN C 60 2.27 40.62 27.09
N ARG C 61 2.50 40.87 25.80
CA ARG C 61 1.43 41.33 24.93
C ARG C 61 0.87 40.15 24.14
N GLU C 62 1.61 39.69 23.13
CA GLU C 62 1.13 38.56 22.36
C GLU C 62 1.33 37.27 23.14
N PRO C 63 0.48 36.25 22.90
CA PRO C 63 0.51 35.03 23.70
C PRO C 63 1.88 34.37 23.80
N ILE C 64 2.10 33.62 24.89
CA ILE C 64 3.36 32.93 25.13
C ILE C 64 3.09 31.43 25.25
N ASN C 65 4.15 30.65 25.42
CA ASN C 65 4.03 29.23 25.76
C ASN C 65 4.31 28.93 27.22
N SER C 66 5.30 29.60 27.81
CA SER C 66 5.69 29.35 29.19
C SER C 66 6.68 30.44 29.60
N VAL C 67 7.12 30.37 30.85
CA VAL C 67 8.19 31.20 31.36
C VAL C 67 9.22 30.31 32.02
N LEU C 68 10.41 30.86 32.23
CA LEU C 68 11.46 30.14 32.94
C LEU C 68 11.29 30.30 34.44
N ASP C 69 11.83 29.34 35.19
CA ASP C 69 11.74 29.37 36.65
C ASP C 69 12.53 30.54 37.20
N PRO C 70 11.89 31.50 37.88
CA PRO C 70 12.65 32.59 38.47
C PRO C 70 13.15 32.24 39.87
N HIS C 71 14.35 32.71 40.17
CA HIS C 71 14.80 32.72 41.55
C HIS C 71 14.05 33.82 42.31
N TYR C 72 13.86 33.59 43.60
CA TYR C 72 13.10 34.52 44.42
C TYR C 72 13.64 35.93 44.31
N GLY C 73 12.76 36.87 43.96
CA GLY C 73 13.08 38.28 44.00
C GLY C 73 13.74 38.86 42.76
N VAL C 74 14.00 38.05 41.74
CA VAL C 74 14.58 38.59 40.52
C VAL C 74 13.60 39.57 39.89
N GLY C 75 14.13 40.67 39.37
CA GLY C 75 13.28 41.73 38.87
C GLY C 75 12.88 41.60 37.41
N ARG C 76 12.88 40.37 36.90
CA ARG C 76 12.55 40.16 35.49
C ARG C 76 11.97 38.76 35.31
N VAL C 77 11.37 38.55 34.14
CA VAL C 77 10.77 37.28 33.76
C VAL C 77 11.14 37.00 32.30
N ILE C 78 11.51 35.76 32.02
CA ILE C 78 11.95 35.36 30.69
C ILE C 78 10.83 34.56 30.04
N LEU C 79 10.21 35.16 29.03
CA LEU C 79 9.13 34.52 28.30
C LEU C 79 9.66 33.53 27.26
N VAL C 80 8.88 32.49 26.99
CA VAL C 80 9.16 31.52 25.95
C VAL C 80 8.00 31.56 24.96
N ARG C 81 8.28 31.94 23.71
CA ARG C 81 7.24 32.16 22.70
C ARG C 81 7.56 31.35 21.45
N ASP C 82 6.60 30.51 21.03
CA ASP C 82 6.69 29.80 19.77
C ASP C 82 6.59 30.77 18.59
N VAL C 83 7.50 30.63 17.63
CA VAL C 83 7.51 31.50 16.45
C VAL C 83 7.17 30.69 15.21
N SER C 84 6.34 29.66 15.38
CA SER C 84 5.90 28.84 14.26
C SER C 84 4.38 28.65 14.31
N GLN C 89 9.57 25.51 17.61
CA GLN C 89 10.69 26.44 17.51
C GLN C 89 10.40 27.72 18.30
N HIS C 90 11.03 27.85 19.46
CA HIS C 90 10.72 28.90 20.41
C HIS C 90 11.73 30.05 20.35
N ALA C 91 11.39 31.14 21.03
CA ALA C 91 12.29 32.28 21.19
C ALA C 91 12.13 32.80 22.62
N LEU C 92 13.12 33.56 23.07
CA LEU C 92 13.15 34.08 24.44
C LEU C 92 12.96 35.59 24.44
N PHE C 93 12.12 36.06 25.38
CA PHE C 93 11.83 37.48 25.55
C PHE C 93 11.93 37.83 27.03
N LYS C 94 12.68 38.88 27.35
CA LYS C 94 12.82 39.35 28.72
C LYS C 94 11.86 40.50 28.99
N VAL C 95 11.20 40.45 30.15
CA VAL C 95 10.30 41.51 30.58
C VAL C 95 10.72 41.98 31.97
N ASN C 96 10.91 43.30 32.11
CA ASN C 96 11.18 43.89 33.42
C ASN C 96 9.88 43.97 34.22
N THR C 97 9.92 43.49 35.46
CA THR C 97 8.71 43.49 36.28
C THR C 97 8.27 44.91 36.62
N SER C 98 9.21 45.86 36.67
CA SER C 98 8.86 47.25 36.94
C SER C 98 8.22 47.92 35.74
N ARG C 99 8.44 47.40 34.53
CA ARG C 99 7.88 47.96 33.30
C ARG C 99 7.16 46.83 32.56
N PRO C 100 5.98 46.44 33.03
CA PRO C 100 5.28 45.32 32.41
C PRO C 100 4.80 45.64 31.00
N GLY C 101 4.65 44.58 30.20
CA GLY C 101 4.20 44.68 28.83
C GLY C 101 5.26 45.07 27.82
N GLU C 102 6.47 45.40 28.26
CA GLU C 102 7.55 45.78 27.36
C GLU C 102 8.60 44.69 27.37
N GLU C 103 8.66 43.91 26.31
CA GLU C 103 9.56 42.76 26.19
C GLU C 103 10.72 43.09 25.26
N GLN C 104 11.89 42.55 25.58
CA GLN C 104 13.09 42.67 24.76
C GLN C 104 13.53 41.27 24.35
N ARG C 105 13.49 41.00 23.04
CA ARG C 105 13.84 39.69 22.53
C ARG C 105 15.32 39.38 22.78
N LEU C 106 15.58 38.17 23.26
CA LEU C 106 16.95 37.70 23.46
C LEU C 106 17.45 37.12 22.14
N GLU C 107 17.96 38.02 21.29
CA GLU C 107 18.35 37.66 19.93
C GLU C 107 19.55 36.73 19.87
N ALA C 108 20.24 36.49 20.99
CA ALA C 108 21.38 35.60 20.99
C ALA C 108 20.99 34.13 20.87
N VAL C 109 19.69 33.82 20.99
CA VAL C 109 19.20 32.45 20.88
C VAL C 109 18.36 32.32 19.61
N LYS C 110 18.71 31.35 18.77
CA LYS C 110 18.00 31.06 17.54
C LYS C 110 16.86 30.08 17.79
N PRO C 111 15.84 30.06 16.92
CA PRO C 111 14.69 29.16 17.16
C PRO C 111 15.06 27.70 17.37
N MET C 112 14.78 27.20 18.57
CA MET C 112 15.01 25.81 18.93
C MET C 112 13.88 25.35 19.85
N ARG C 113 13.86 24.04 20.13
CA ARG C 113 12.91 23.49 21.09
C ARG C 113 13.48 23.69 22.49
N ILE C 114 13.00 24.72 23.19
CA ILE C 114 13.42 24.97 24.57
C ILE C 114 12.70 23.98 25.48
N LEU C 115 13.46 23.30 26.32
CA LEU C 115 12.91 22.24 27.16
C LEU C 115 12.75 22.65 28.62
N SER C 116 13.56 23.57 29.12
CA SER C 116 13.52 24.01 30.51
C SER C 116 14.43 25.22 30.64
N GLY C 117 14.35 25.88 31.80
CA GLY C 117 15.19 27.03 32.07
C GLY C 117 15.05 27.61 33.46
N VAL C 118 16.11 28.25 33.94
CA VAL C 118 16.12 28.91 35.24
C VAL C 118 16.79 30.26 35.10
N ASP C 119 16.17 31.30 35.67
CA ASP C 119 16.70 32.66 35.64
C ASP C 119 17.11 33.06 37.05
N THR C 120 18.41 33.24 37.26
CA THR C 120 18.94 33.71 38.54
C THR C 120 18.94 35.22 38.66
N GLY C 121 18.54 35.94 37.60
CA GLY C 121 18.64 37.39 37.55
C GLY C 121 19.90 37.89 36.90
N GLU C 122 21.02 37.18 37.06
CA GLU C 122 22.27 37.54 36.42
C GLU C 122 22.67 36.57 35.32
N ALA C 123 22.05 35.38 35.27
CA ALA C 123 22.32 34.43 34.21
C ALA C 123 21.06 33.61 33.95
N VAL C 124 20.90 33.19 32.70
CA VAL C 124 19.76 32.39 32.26
C VAL C 124 20.30 31.04 31.78
N VAL C 125 20.06 29.99 32.58
CA VAL C 125 20.48 28.64 32.23
C VAL C 125 19.27 27.89 31.72
N PHE C 126 19.43 27.21 30.58
CA PHE C 126 18.29 26.53 29.95
C PHE C 126 18.79 25.40 29.08
N THR C 127 17.86 24.58 28.62
CA THR C 127 18.17 23.51 27.67
C THR C 127 17.36 23.69 26.39
N THR C 130 18.97 22.44 19.40
CA THR C 130 18.69 22.49 17.97
C THR C 130 17.93 21.25 17.52
N GLU C 131 17.99 20.96 16.22
CA GLU C 131 17.35 19.79 15.66
C GLU C 131 18.31 18.61 15.51
N ASP C 132 19.55 18.77 15.95
CA ASP C 132 20.56 17.72 15.84
C ASP C 132 21.24 17.38 17.16
N ARG C 133 21.11 18.21 18.19
CA ARG C 133 21.78 17.98 19.46
C ARG C 133 21.00 18.73 20.54
N VAL C 134 20.99 18.15 21.74
CA VAL C 134 20.48 18.81 22.93
C VAL C 134 21.65 19.30 23.77
N ALA C 135 21.57 20.54 24.23
CA ALA C 135 22.65 21.15 24.98
C ALA C 135 22.08 21.95 26.15
N LEU C 136 22.93 22.21 27.13
CA LEU C 136 22.58 23.00 28.30
C LEU C 136 23.29 24.35 28.16
N TYR C 137 22.54 25.38 27.78
CA TYR C 137 23.13 26.68 27.51
C TYR C 137 23.07 27.57 28.74
N ALA C 138 23.86 28.65 28.68
CA ALA C 138 23.84 29.70 29.69
C ALA C 138 24.09 31.03 28.99
N LEU C 139 23.40 32.07 29.44
CA LEU C 139 23.50 33.41 28.86
C LEU C 139 23.96 34.37 29.94
N ASP C 140 25.17 34.90 29.80
CA ASP C 140 25.75 35.79 30.79
C ASP C 140 25.21 37.20 30.64
N GLY C 143 27.86 36.73 26.35
CA GLY C 143 26.92 36.15 25.42
C GLY C 143 26.46 34.76 25.81
N LEU C 144 25.96 34.02 24.82
CA LEU C 144 25.45 32.68 25.03
C LEU C 144 26.57 31.65 24.93
N ARG C 145 26.60 30.72 25.88
CA ARG C 145 27.61 29.66 25.92
C ARG C 145 26.94 28.31 26.03
N GLU C 146 27.50 27.32 25.32
CA GLU C 146 27.08 25.93 25.46
C GLU C 146 27.90 25.27 26.57
N LEU C 147 27.22 24.72 27.57
CA LEU C 147 27.91 24.11 28.69
C LEU C 147 28.13 22.60 28.54
N ALA C 148 27.23 21.90 27.86
CA ALA C 148 27.35 20.45 27.67
C ALA C 148 26.28 19.97 26.72
N ARG C 149 26.62 18.94 25.95
CA ARG C 149 25.64 18.21 25.14
C ARG C 149 25.04 17.07 25.95
N LEU C 150 23.71 16.87 25.78
CA LEU C 150 23.01 15.81 26.49
C LEU C 150 22.55 14.72 25.52
N PRO C 151 22.69 13.43 25.89
CA PRO C 151 22.20 12.33 25.05
C PRO C 151 20.70 12.11 25.18
N PHE C 153 15.29 13.80 27.19
CA PHE C 153 16.43 14.67 26.95
C PHE C 153 17.06 15.11 28.27
N GLY C 154 17.16 16.42 28.46
CA GLY C 154 17.68 16.98 29.70
C GLY C 154 16.98 18.25 30.13
N PHE C 155 16.79 18.43 31.44
CA PHE C 155 16.05 19.57 31.96
C PHE C 155 16.78 20.16 33.16
N VAL C 156 16.81 21.49 33.25
CA VAL C 156 17.42 22.16 34.39
C VAL C 156 16.45 22.11 35.56
N SER C 157 16.93 21.62 36.71
CA SER C 157 16.12 21.54 37.92
C SER C 157 16.35 22.72 38.85
N ASP C 158 17.60 23.07 39.11
CA ASP C 158 17.92 24.10 40.08
C ASP C 158 19.31 24.64 39.78
N ILE C 159 19.54 25.87 40.21
CA ILE C 159 20.85 26.52 40.14
C ILE C 159 21.04 27.29 41.43
N ARG C 160 22.04 26.89 42.22
CA ARG C 160 22.42 27.60 43.43
C ARG C 160 23.89 27.95 43.35
N GLY C 161 24.19 29.24 43.32
CA GLY C 161 25.56 29.69 43.18
C GLY C 161 26.12 29.35 41.82
N ASP C 162 27.20 28.57 41.80
CA ASP C 162 27.82 28.13 40.56
C ASP C 162 27.35 26.73 40.14
N LEU C 163 26.65 26.02 41.00
CA LEU C 163 26.27 24.62 40.77
C LEU C 163 24.92 24.53 40.06
N ILE C 164 24.87 23.75 38.99
CA ILE C 164 23.65 23.47 38.24
C ILE C 164 23.29 22.01 38.44
N ALA C 165 22.02 21.73 38.70
CA ALA C 165 21.51 20.38 38.87
C ALA C 165 20.31 20.16 37.96
N GLY C 166 20.23 18.97 37.36
CA GLY C 166 19.16 18.68 36.43
C GLY C 166 18.80 17.21 36.29
N LEU C 167 17.93 16.90 35.33
CA LEU C 167 17.45 15.55 35.09
C LEU C 167 17.60 15.19 33.62
N GLY C 168 17.93 13.92 33.34
CA GLY C 168 18.20 13.50 31.99
C GLY C 168 17.62 12.14 31.60
N PHE C 169 17.01 12.07 30.41
CA PHE C 169 16.47 10.82 29.86
C PHE C 169 17.55 10.22 28.95
N PHE C 170 18.45 9.44 29.53
CA PHE C 170 19.64 8.99 28.81
C PHE C 170 19.66 7.49 28.54
N GLY C 171 18.54 6.78 28.72
CA GLY C 171 18.55 5.37 28.41
C GLY C 171 17.41 4.54 28.98
N GLY C 172 16.83 3.67 28.16
CA GLY C 172 15.85 2.69 28.58
C GLY C 172 14.73 3.20 29.45
N GLY C 173 14.31 4.44 29.22
CA GLY C 173 13.25 5.02 30.01
C GLY C 173 13.65 5.44 31.41
N ARG C 174 14.92 5.29 31.78
CA ARG C 174 15.38 5.70 33.10
C ARG C 174 15.82 7.16 33.07
N VAL C 175 15.57 7.87 34.17
CA VAL C 175 15.90 9.28 34.29
C VAL C 175 17.16 9.40 35.13
N SER C 176 18.15 10.12 34.61
CA SER C 176 19.40 10.36 35.31
C SER C 176 19.43 11.76 35.90
N LEU C 177 20.14 11.89 37.02
CA LEU C 177 20.50 13.19 37.57
C LEU C 177 21.77 13.66 36.89
N PHE C 178 21.87 14.97 36.65
CA PHE C 178 23.11 15.52 36.10
C PHE C 178 23.45 16.81 36.82
N THR C 179 24.75 17.12 36.85
CA THR C 179 25.24 18.36 37.41
C THR C 179 26.15 19.05 36.41
N SER C 180 26.28 20.36 36.56
CA SER C 180 27.17 21.16 35.74
C SER C 180 27.56 22.40 36.54
N ASN C 181 28.33 23.26 35.91
CA ASN C 181 28.86 24.45 36.56
C ASN C 181 28.62 25.65 35.66
N LEU C 182 28.13 26.75 36.25
CA LEU C 182 27.84 27.94 35.45
C LEU C 182 29.12 28.59 34.95
N SER C 183 30.16 28.64 35.79
CA SER C 183 31.41 29.28 35.40
C SER C 183 32.24 28.39 34.47
N SER C 184 32.43 27.12 34.83
CA SER C 184 33.35 26.25 34.10
C SER C 184 32.65 25.35 33.10
N GLY C 185 31.38 25.02 33.29
CA GLY C 185 30.66 24.17 32.37
C GLY C 185 30.82 22.68 32.65
N GLY C 186 30.74 21.86 31.61
CA GLY C 186 30.89 20.44 31.77
C GLY C 186 29.58 19.74 32.10
N LEU C 187 29.71 18.44 32.39
CA LEU C 187 28.56 17.61 32.70
C LEU C 187 29.03 16.41 33.50
N ARG C 188 28.26 16.07 34.55
CA ARG C 188 28.48 14.86 35.33
C ARG C 188 27.13 14.20 35.53
N VAL C 189 27.01 12.95 35.09
CA VAL C 189 25.74 12.23 35.11
C VAL C 189 25.74 11.26 36.29
N PHE C 190 24.59 11.13 36.94
CA PHE C 190 24.41 10.23 38.08
C PHE C 190 23.24 9.31 37.79
N ASP C 191 23.55 8.06 37.46
CA ASP C 191 22.52 7.04 37.24
C ASP C 191 22.36 6.21 38.50
N SER C 192 21.12 5.89 38.82
CA SER C 192 20.80 5.07 39.98
C SER C 192 20.38 3.68 39.54
N GLY C 193 20.89 2.67 40.23
CA GLY C 193 20.52 1.29 39.98
C GLY C 193 19.22 0.86 40.63
N GLU C 194 18.62 1.74 41.44
CA GLU C 194 17.36 1.46 42.13
C GLU C 194 16.17 1.97 41.34
N GLY C 195 16.32 3.11 40.66
CA GLY C 195 15.25 3.67 39.87
C GLY C 195 15.65 4.92 39.11
N SER C 196 14.69 5.83 38.91
CA SER C 196 14.92 7.07 38.20
C SER C 196 14.75 8.26 39.15
N PHE C 197 15.50 9.32 38.87
CA PHE C 197 15.37 10.54 39.64
C PHE C 197 14.15 11.33 39.16
N SER C 198 13.36 11.82 40.12
CA SER C 198 12.09 12.47 39.84
C SER C 198 12.19 13.99 39.91
N SER C 199 12.78 14.51 40.97
CA SER C 199 12.96 15.95 41.15
C SER C 199 14.31 16.18 41.82
N ALA C 200 14.74 17.44 41.83
CA ALA C 200 16.06 17.77 42.36
C ALA C 200 16.09 19.23 42.79
N SER C 201 16.69 19.49 43.94
CA SER C 201 16.93 20.83 44.44
C SER C 201 18.23 20.84 45.22
N ILE C 202 19.03 21.87 45.03
CA ILE C 202 20.35 21.95 45.66
C ILE C 202 20.20 22.43 47.10
N SER C 203 20.80 21.69 48.02
CA SER C 203 20.67 21.97 49.45
C SER C 203 21.60 23.10 49.86
N PRO C 204 21.40 23.68 51.04
CA PRO C 204 22.33 24.73 51.51
C PRO C 204 23.76 24.25 51.65
N GLY C 205 23.99 22.95 51.78
CA GLY C 205 25.34 22.43 51.87
C GLY C 205 25.90 22.02 50.52
N MET C 206 25.32 22.58 49.45
CA MET C 206 25.73 22.32 48.08
C MET C 206 25.68 20.83 47.73
N LYS C 207 24.73 20.12 48.32
CA LYS C 207 24.39 18.76 47.93
C LYS C 207 23.15 18.81 47.05
N VAL C 208 22.74 17.64 46.54
CA VAL C 208 21.58 17.53 45.68
C VAL C 208 20.55 16.67 46.40
N THR C 209 19.53 17.31 46.97
CA THR C 209 18.36 16.59 47.44
C THR C 209 17.50 16.22 46.24
N ALA C 210 17.19 14.94 46.09
CA ALA C 210 16.52 14.47 44.90
C ALA C 210 15.47 13.43 45.26
N GLY C 211 14.45 13.33 44.41
CA GLY C 211 13.46 12.27 44.53
C GLY C 211 13.87 11.08 43.69
N LEU C 212 13.83 9.90 44.30
CA LEU C 212 14.20 8.65 43.65
C LEU C 212 12.98 7.74 43.59
N GLU C 213 12.57 7.40 42.37
CA GLU C 213 11.41 6.54 42.15
C GLU C 213 11.90 5.14 41.80
N THR C 214 11.69 4.20 42.71
CA THR C 214 12.12 2.82 42.51
C THR C 214 10.97 2.03 41.91
N ALA C 215 11.03 0.69 42.01
CA ALA C 215 10.08 -0.16 41.29
C ALA C 215 8.64 0.15 41.68
N ARG C 216 8.36 0.23 42.99
CA ARG C 216 7.00 0.46 43.46
C ARG C 216 6.90 1.57 44.49
N GLU C 217 7.99 2.27 44.80
CA GLU C 217 7.97 3.31 45.82
C GLU C 217 8.86 4.47 45.39
N ALA C 218 8.86 5.51 46.21
CA ALA C 218 9.70 6.69 46.01
C ALA C 218 10.18 7.18 47.36
N ARG C 219 11.35 7.84 47.36
CA ARG C 219 11.92 8.33 48.60
C ARG C 219 12.90 9.45 48.28
N LEU C 220 13.30 10.18 49.32
CA LEU C 220 14.21 11.31 49.20
C LEU C 220 15.63 10.86 49.50
N VAL C 221 16.57 11.25 48.63
CA VAL C 221 17.97 10.90 48.78
C VAL C 221 18.82 12.15 48.66
N THR C 222 20.01 12.09 49.26
CA THR C 222 21.00 13.15 49.18
C THR C 222 22.15 12.67 48.30
N VAL C 223 22.56 13.50 47.35
CA VAL C 223 23.59 13.14 46.38
C VAL C 223 24.70 14.18 46.46
N ASP C 224 25.89 13.73 46.85
CA ASP C 224 27.08 14.57 46.83
C ASP C 224 27.66 14.55 45.42
N PRO C 225 27.60 15.67 44.69
CA PRO C 225 28.15 15.68 43.31
C PRO C 225 29.66 15.50 43.26
N ARG C 226 30.37 15.71 44.37
CA ARG C 226 31.83 15.60 44.34
C ARG C 226 32.27 14.16 44.07
N ASP C 227 31.66 13.19 44.74
CA ASP C 227 32.05 11.79 44.60
C ASP C 227 30.92 10.89 44.12
N GLY C 228 29.70 11.41 43.96
CA GLY C 228 28.58 10.62 43.50
C GLY C 228 27.91 9.78 44.56
N SER C 229 28.25 9.96 45.82
CA SER C 229 27.64 9.16 46.88
C SER C 229 26.16 9.51 47.04
N VAL C 230 25.37 8.50 47.40
CA VAL C 230 23.93 8.64 47.58
C VAL C 230 23.54 8.04 48.92
N GLU C 231 22.77 8.78 49.72
CA GLU C 231 22.26 8.29 50.98
C GLU C 231 20.85 8.82 51.17
N ASP C 232 20.02 8.03 51.86
CA ASP C 232 18.64 8.42 52.11
C ASP C 232 18.58 9.66 52.99
N LEU C 233 17.69 10.59 52.64
CA LEU C 233 17.49 11.80 53.42
C LEU C 233 16.47 11.53 54.52
N GLU C 234 16.81 11.94 55.74
CA GLU C 234 15.90 11.85 56.88
C GLU C 234 15.36 13.24 57.18
N LEU C 235 14.08 13.30 57.50
CA LEU C 235 13.42 14.58 57.74
C LEU C 235 12.99 14.68 59.20
N PRO C 236 12.96 15.89 59.77
CA PRO C 236 12.58 16.03 61.18
C PRO C 236 11.17 15.59 61.48
N SER C 237 10.33 15.41 60.46
CA SER C 237 8.99 14.86 60.62
C SER C 237 8.85 13.60 59.79
N LYS C 238 8.02 12.67 60.27
CA LYS C 238 7.88 11.36 59.68
C LYS C 238 6.63 11.20 58.83
N ASP C 239 5.84 12.27 58.64
CA ASP C 239 4.64 12.16 57.84
C ASP C 239 4.95 11.71 56.42
N PHE C 240 6.01 12.26 55.82
CA PHE C 240 6.35 11.90 54.44
C PHE C 240 6.75 10.43 54.35
N SER C 241 7.58 9.95 55.28
CA SER C 241 8.07 8.58 55.20
C SER C 241 6.93 7.58 55.34
N SER C 242 6.01 7.83 56.27
CA SER C 242 4.86 6.94 56.43
C SER C 242 3.79 7.15 55.37
N TYR C 243 3.86 8.25 54.62
CA TYR C 243 2.93 8.45 53.51
C TYR C 243 3.11 7.41 52.42
N ARG C 244 4.35 6.93 52.23
CA ARG C 244 4.69 5.92 51.22
C ARG C 244 4.25 6.37 49.83
N PRO C 245 4.88 7.40 49.26
CA PRO C 245 4.51 7.83 47.91
C PRO C 245 5.08 6.89 46.86
N THR C 246 4.40 6.89 45.70
CA THR C 246 4.89 6.16 44.54
C THR C 246 5.51 7.09 43.50
N ALA C 247 5.43 8.40 43.71
CA ALA C 247 6.03 9.36 42.81
C ALA C 247 6.26 10.65 43.57
N ILE C 248 7.30 11.37 43.17
CA ILE C 248 7.61 12.67 43.75
C ILE C 248 7.44 13.71 42.64
N THR C 249 6.39 14.51 42.76
CA THR C 249 6.06 15.49 41.73
C THR C 249 7.12 16.58 41.67
N TRP C 250 7.44 17.19 42.80
CA TRP C 250 8.35 18.32 42.84
C TRP C 250 8.85 18.49 44.27
N LEU C 251 10.08 18.97 44.39
CA LEU C 251 10.62 19.38 45.68
C LEU C 251 11.46 20.62 45.48
N GLY C 252 11.63 21.37 46.57
CA GLY C 252 12.44 22.58 46.51
C GLY C 252 12.63 23.17 47.89
N TYR C 253 13.73 23.91 48.06
CA TYR C 253 14.00 24.58 49.32
C TYR C 253 13.38 25.97 49.32
N LEU C 254 12.67 26.29 50.40
CA LEU C 254 12.10 27.62 50.56
C LEU C 254 13.19 28.59 51.03
N PRO C 255 12.97 29.89 50.87
CA PRO C 255 13.99 30.86 51.28
C PRO C 255 14.35 30.79 52.76
N ASP C 256 13.47 30.24 53.60
CA ASP C 256 13.76 30.13 55.02
C ASP C 256 14.42 28.80 55.40
N GLY C 257 14.82 28.00 54.41
CA GLY C 257 15.53 26.77 54.64
C GLY C 257 14.66 25.53 54.73
N ARG C 258 13.36 25.68 54.97
CA ARG C 258 12.48 24.52 55.03
C ARG C 258 12.41 23.83 53.68
N LEU C 259 12.29 22.50 53.71
CA LEU C 259 12.25 21.70 52.50
C LEU C 259 10.80 21.33 52.19
N ALA C 260 10.30 21.83 51.08
CA ALA C 260 8.95 21.53 50.61
C ALA C 260 9.01 20.40 49.59
N VAL C 261 8.19 19.38 49.81
CA VAL C 261 8.12 18.21 48.92
C VAL C 261 6.68 17.95 48.58
N VAL C 262 6.39 17.81 47.28
CA VAL C 262 5.08 17.40 46.80
C VAL C 262 5.23 16.00 46.23
N ALA C 263 4.59 15.03 46.86
CA ALA C 263 4.62 13.64 46.45
C ALA C 263 3.19 13.15 46.25
N ARG C 264 3.04 12.04 45.55
CA ARG C 264 1.69 11.56 45.23
C ARG C 264 1.67 10.06 45.16
N ARG C 265 0.46 9.52 45.35
CA ARG C 265 0.18 8.10 45.18
C ARG C 265 -1.28 7.96 44.76
N GLU C 266 -1.54 7.05 43.84
CA GLU C 266 -2.89 6.79 43.34
C GLU C 266 -3.52 8.04 42.74
N GLY C 267 -2.69 8.84 42.06
CA GLY C 267 -3.19 10.00 41.34
C GLY C 267 -3.57 11.19 42.18
N ARG C 268 -3.18 11.23 43.46
CA ARG C 268 -3.47 12.36 44.32
C ARG C 268 -2.23 12.70 45.12
N SER C 269 -1.95 13.99 45.26
CA SER C 269 -0.70 14.44 45.85
C SER C 269 -0.90 14.92 47.29
N ALA C 270 0.23 15.10 47.97
CA ALA C 270 0.26 15.61 49.33
C ALA C 270 1.46 16.55 49.46
N VAL C 271 1.34 17.50 50.38
CA VAL C 271 2.35 18.53 50.58
C VAL C 271 3.03 18.28 51.91
N PHE C 272 4.36 18.33 51.92
CA PHE C 272 5.15 18.10 53.13
C PHE C 272 6.18 19.21 53.27
N ILE C 273 6.30 19.74 54.49
CA ILE C 273 7.31 20.73 54.83
C ILE C 273 8.19 20.10 55.91
N ASP C 274 9.47 19.89 55.58
CA ASP C 274 10.41 19.22 56.49
C ASP C 274 9.84 17.88 56.95
N GLY C 275 9.13 17.20 56.06
CA GLY C 275 8.52 15.93 56.36
C GLY C 275 7.13 15.98 56.94
N GLU C 276 6.68 17.16 57.39
CA GLU C 276 5.36 17.28 58.01
C GLU C 276 4.31 17.56 56.96
N ARG C 277 3.23 16.78 56.98
CA ARG C 277 2.17 16.96 56.00
C ARG C 277 1.35 18.20 56.33
N VAL C 278 1.28 19.12 55.37
CA VAL C 278 0.45 20.32 55.47
C VAL C 278 -0.85 20.06 54.74
N GLU C 279 -1.96 20.44 55.36
CA GLU C 279 -3.28 20.23 54.76
C GLU C 279 -3.38 20.96 53.42
N ALA C 280 -4.02 20.31 52.45
CA ALA C 280 -4.14 20.85 51.10
C ALA C 280 -5.41 20.30 50.48
N PRO C 281 -6.02 21.03 49.54
CA PRO C 281 -7.25 20.53 48.91
C PRO C 281 -7.00 19.25 48.14
N GLN C 282 -7.97 18.34 48.23
CA GLN C 282 -7.83 17.04 47.57
C GLN C 282 -7.64 17.21 46.07
N GLY C 283 -6.64 16.50 45.53
CA GLY C 283 -6.32 16.59 44.13
C GLY C 283 -4.83 16.51 43.88
N ASN C 284 -4.31 17.37 43.01
CA ASN C 284 -2.89 17.41 42.71
C ASN C 284 -2.36 18.82 42.81
N HIS C 285 -1.11 18.92 43.26
CA HIS C 285 -0.48 20.19 43.56
C HIS C 285 0.83 20.32 42.78
N GLY C 286 1.18 21.56 42.48
CA GLY C 286 2.42 21.90 41.83
C GLY C 286 3.48 22.34 42.82
N ARG C 287 4.33 23.28 42.38
CA ARG C 287 5.37 23.78 43.26
C ARG C 287 4.77 24.54 44.43
N VAL C 288 5.52 24.58 45.53
CA VAL C 288 5.15 25.32 46.73
C VAL C 288 6.10 26.50 46.85
N VAL C 289 5.56 27.69 47.03
CA VAL C 289 6.37 28.89 47.16
C VAL C 289 6.05 29.55 48.49
N LEU C 290 7.01 30.35 48.96
CA LEU C 290 6.83 31.15 50.17
C LEU C 290 6.53 32.58 49.74
N TRP C 291 5.32 33.04 50.03
CA TRP C 291 4.84 34.34 49.58
C TRP C 291 4.30 35.10 50.79
N ARG C 292 4.98 36.20 51.13
CA ARG C 292 4.63 37.00 52.31
C ARG C 292 4.51 36.12 53.55
N GLY C 293 5.49 35.23 53.71
CA GLY C 293 5.54 34.32 54.83
C GLY C 293 4.55 33.17 54.82
N LYS C 294 3.71 33.08 53.79
CA LYS C 294 2.67 32.05 53.74
C LYS C 294 2.97 31.06 52.62
N LEU C 295 2.43 29.85 52.76
CA LEU C 295 2.63 28.79 51.79
C LEU C 295 1.57 28.89 50.70
N VAL C 296 2.03 28.93 49.45
CA VAL C 296 1.15 29.00 48.29
C VAL C 296 1.51 27.86 47.35
N THR C 297 0.49 27.21 46.79
CA THR C 297 0.68 26.21 45.77
C THR C 297 -0.45 26.29 44.76
N SER C 298 -0.28 25.56 43.66
CA SER C 298 -1.36 25.38 42.69
C SER C 298 -2.12 24.12 43.04
N HIS C 299 -3.41 24.11 42.69
CA HIS C 299 -4.28 22.98 42.99
C HIS C 299 -5.15 22.69 41.78
N THR C 300 -5.32 21.39 41.50
CA THR C 300 -6.20 20.96 40.42
C THR C 300 -6.83 19.64 40.80
N SER C 301 -7.98 19.35 40.19
CA SER C 301 -8.65 18.07 40.35
C SER C 301 -9.51 17.84 39.13
N LEU C 302 -10.05 16.62 39.02
CA LEU C 302 -10.88 16.28 37.87
C LEU C 302 -12.10 17.19 37.76
N SER C 303 -12.49 17.86 38.83
CA SER C 303 -13.59 18.81 38.80
C SER C 303 -13.14 20.26 39.00
N THR C 304 -11.88 20.50 39.27
CA THR C 304 -11.37 21.83 39.60
C THR C 304 -10.30 22.26 38.61
N PRO C 305 -10.56 23.23 37.74
CA PRO C 305 -9.51 23.74 36.87
C PRO C 305 -8.36 24.28 37.68
N PRO C 306 -7.14 24.24 37.15
CA PRO C 306 -5.96 24.66 37.92
C PRO C 306 -6.10 26.05 38.49
N ARG C 307 -5.83 26.17 39.79
CA ARG C 307 -6.02 27.39 40.53
C ARG C 307 -4.88 27.56 41.52
N ILE C 308 -4.74 28.77 42.05
CA ILE C 308 -3.71 29.11 43.03
C ILE C 308 -4.37 29.21 44.40
N VAL C 309 -3.88 28.41 45.35
CA VAL C 309 -4.48 28.32 46.67
C VAL C 309 -3.42 28.53 47.74
N SER C 310 -3.86 29.02 48.89
CA SER C 310 -2.99 29.17 50.05
C SER C 310 -3.11 27.95 50.96
N LEU C 311 -1.99 27.57 51.58
CA LEU C 311 -1.97 26.44 52.52
C LEU C 311 -1.73 26.92 53.94
N PRO C 312 -2.33 26.27 54.95
CA PRO C 312 -3.21 25.10 54.86
C PRO C 312 -4.70 25.45 54.75
N SER C 313 -5.06 26.72 54.65
CA SER C 313 -6.49 27.07 54.57
C SER C 313 -7.14 26.49 53.31
N GLY C 314 -6.37 26.31 52.24
CA GLY C 314 -6.93 25.86 50.98
C GLY C 314 -7.73 26.91 50.24
N GLU C 315 -7.78 28.14 50.74
CA GLU C 315 -8.61 29.18 50.15
C GLU C 315 -7.95 29.72 48.89
N PRO C 316 -8.71 29.93 47.82
CA PRO C 316 -8.10 30.31 46.54
C PRO C 316 -7.67 31.77 46.51
N LEU C 317 -6.55 32.01 45.83
CA LEU C 317 -6.11 33.36 45.48
C LEU C 317 -6.50 33.73 44.05
N LEU C 318 -6.31 32.81 43.11
CA LEU C 318 -6.75 32.94 41.74
C LEU C 318 -7.40 31.64 41.34
N GLU C 319 -8.61 31.72 40.79
CA GLU C 319 -9.28 30.53 40.29
C GLU C 319 -10.31 30.95 39.26
N GLY C 320 -10.50 30.10 38.26
CA GLY C 320 -11.58 30.27 37.31
C GLY C 320 -12.86 29.62 37.83
N GLY C 321 -13.98 30.27 37.54
CA GLY C 321 -15.28 29.78 37.97
C GLY C 321 -15.98 29.02 36.86
N LEU C 322 -16.53 27.87 37.22
CA LEU C 322 -17.37 27.16 36.26
C LEU C 322 -18.84 27.46 36.53
N PRO C 323 -19.65 27.58 35.48
CA PRO C 323 -21.09 27.70 35.69
C PRO C 323 -21.65 26.46 36.37
N GLU C 324 -22.76 26.65 37.08
CA GLU C 324 -23.36 25.56 37.85
C GLU C 324 -23.72 24.38 36.95
N ASP C 325 -24.26 24.64 35.77
CA ASP C 325 -24.69 23.54 34.90
C ASP C 325 -23.51 22.68 34.46
N LEU C 326 -22.37 23.30 34.17
CA LEU C 326 -21.18 22.53 33.81
C LEU C 326 -20.61 21.79 35.01
N ARG C 327 -20.58 22.43 36.17
CA ARG C 327 -20.17 21.75 37.39
C ARG C 327 -20.97 20.48 37.63
N ARG C 328 -22.29 20.55 37.39
CA ARG C 328 -23.14 19.39 37.62
C ARG C 328 -22.95 18.30 36.57
N SER C 329 -22.39 18.63 35.39
CA SER C 329 -22.21 17.62 34.37
C SER C 329 -21.13 16.62 34.73
N ILE C 330 -20.33 16.89 35.76
CA ILE C 330 -19.41 15.90 36.34
C ILE C 330 -20.08 15.43 37.64
N ALA C 331 -20.68 14.24 37.59
CA ALA C 331 -21.35 13.71 38.77
C ALA C 331 -20.34 13.26 39.83
N GLY C 332 -19.17 12.81 39.42
CA GLY C 332 -18.17 12.35 40.36
C GLY C 332 -17.06 11.62 39.63
N SER C 333 -16.02 11.31 40.40
CA SER C 333 -14.85 10.61 39.88
C SER C 333 -14.30 9.67 40.94
N ARG C 334 -13.75 8.54 40.47
CA ARG C 334 -13.22 7.52 41.36
C ARG C 334 -12.07 6.80 40.67
N LEU C 335 -11.21 6.18 41.47
CA LEU C 335 -10.12 5.35 40.98
C LEU C 335 -10.46 3.89 41.19
N VAL C 336 -10.39 3.10 40.11
CA VAL C 336 -10.62 1.66 40.18
C VAL C 336 -9.40 0.94 39.62
N TRP C 337 -9.31 -0.34 39.95
CA TRP C 337 -8.17 -1.18 39.55
C TRP C 337 -8.67 -2.32 38.68
N VAL C 338 -8.39 -2.24 37.38
CA VAL C 338 -8.93 -3.17 36.39
C VAL C 338 -7.91 -4.28 36.15
N GLU C 339 -8.37 -5.54 36.19
CA GLU C 339 -7.49 -6.67 35.93
C GLU C 339 -7.30 -6.83 34.43
N SER C 340 -6.05 -6.95 34.01
CA SER C 340 -5.70 -7.01 32.59
C SER C 340 -5.36 -8.46 32.20
N PHE C 341 -4.73 -8.62 31.04
CA PHE C 341 -4.56 -9.96 30.47
C PHE C 341 -3.61 -10.81 31.29
N ASP C 342 -2.52 -10.23 31.79
CA ASP C 342 -1.53 -10.97 32.55
C ASP C 342 -1.77 -10.90 34.05
N GLY C 343 -2.96 -10.51 34.47
CA GLY C 343 -3.27 -10.40 35.88
C GLY C 343 -2.80 -9.13 36.55
N SER C 344 -2.22 -8.20 35.79
CA SER C 344 -1.84 -6.93 36.37
C SER C 344 -3.08 -6.08 36.63
N ARG C 345 -2.99 -5.23 37.64
CA ARG C 345 -4.06 -4.32 38.01
C ARG C 345 -3.76 -2.95 37.41
N VAL C 346 -4.66 -2.47 36.54
CA VAL C 346 -4.47 -1.21 35.82
C VAL C 346 -5.21 -0.11 36.60
N PRO C 347 -4.51 0.82 37.25
CA PRO C 347 -5.18 1.92 37.95
C PRO C 347 -5.89 2.83 36.96
N THR C 348 -7.19 3.00 37.13
CA THR C 348 -8.02 3.66 36.13
C THR C 348 -8.96 4.64 36.79
N TYR C 349 -8.92 5.90 36.35
CA TYR C 349 -9.85 6.91 36.83
C TYR C 349 -11.10 6.92 35.97
N VAL C 350 -12.25 7.02 36.64
CA VAL C 350 -13.55 7.02 35.99
C VAL C 350 -14.22 8.35 36.28
N LEU C 351 -14.64 9.05 35.24
CA LEU C 351 -15.35 10.32 35.34
C LEU C 351 -16.80 10.06 34.97
N GLU C 352 -17.70 10.22 35.94
CA GLU C 352 -19.12 9.96 35.72
C GLU C 352 -19.81 11.25 35.26
N SER C 353 -20.47 11.19 34.11
CA SER C 353 -21.21 12.32 33.59
C SER C 353 -22.53 12.47 34.34
N GLY C 354 -22.85 13.70 34.72
CA GLY C 354 -24.17 13.99 35.24
C GLY C 354 -25.24 14.10 34.19
N ARG C 355 -24.89 13.91 32.91
CA ARG C 355 -25.82 14.03 31.81
C ARG C 355 -25.96 12.74 31.01
N ALA C 356 -25.55 11.61 31.60
CA ALA C 356 -25.70 10.32 30.97
C ALA C 356 -26.38 9.35 31.92
N PRO C 357 -27.14 8.39 31.39
CA PRO C 357 -27.67 7.32 32.22
C PRO C 357 -26.58 6.32 32.60
N THR C 358 -26.92 5.43 33.52
CA THR C 358 -26.02 4.38 33.97
C THR C 358 -26.72 3.03 33.87
N PRO C 359 -26.32 2.15 32.94
CA PRO C 359 -25.20 2.28 31.99
C PRO C 359 -25.45 3.33 30.91
N GLY C 360 -24.39 3.96 30.40
CA GLY C 360 -24.52 4.98 29.40
C GLY C 360 -23.33 5.02 28.47
N PRO C 361 -23.36 5.94 27.50
CA PRO C 361 -22.25 6.06 26.54
C PRO C 361 -20.96 6.41 27.26
N THR C 362 -19.90 5.67 26.94
CA THR C 362 -18.64 5.78 27.66
C THR C 362 -17.49 5.88 26.67
N VAL C 363 -16.60 6.83 26.90
CA VAL C 363 -15.40 7.01 26.09
C VAL C 363 -14.20 6.60 26.94
N VAL C 364 -13.41 5.65 26.43
CA VAL C 364 -12.11 5.37 27.02
C VAL C 364 -11.14 6.38 26.44
N LEU C 365 -10.68 7.31 27.27
CA LEU C 365 -9.83 8.41 26.83
C LEU C 365 -8.38 8.04 27.15
N VAL C 366 -7.62 7.69 26.11
CA VAL C 366 -6.28 7.16 26.28
C VAL C 366 -5.30 8.32 26.35
N HIS C 367 -4.54 8.40 27.44
CA HIS C 367 -3.61 9.50 27.60
C HIS C 367 -2.40 9.33 26.69
N GLY C 368 -1.75 10.45 26.40
CA GLY C 368 -0.57 10.46 25.56
C GLY C 368 0.69 10.17 26.34
N GLY C 369 1.82 10.39 25.69
CA GLY C 369 3.10 10.23 26.34
C GLY C 369 4.03 9.32 25.58
N PRO C 370 4.08 8.04 25.96
CA PRO C 370 3.23 7.35 26.95
C PRO C 370 3.63 7.61 28.41
N PHE C 371 4.77 8.25 28.67
CA PHE C 371 5.23 8.51 30.03
C PHE C 371 4.42 9.68 30.62
N ALA C 372 3.18 9.38 30.95
CA ALA C 372 2.26 10.33 31.53
C ALA C 372 1.24 9.57 32.38
N GLU C 373 0.38 10.31 33.06
CA GLU C 373 -0.51 9.70 34.03
C GLU C 373 -1.90 10.31 33.96
N ASP C 374 -2.92 9.47 34.04
CA ASP C 374 -4.29 9.91 34.28
C ASP C 374 -4.50 9.99 35.78
N SER C 375 -4.41 11.19 36.32
CA SER C 375 -4.52 11.44 37.75
C SER C 375 -5.82 12.19 38.05
N ASP C 376 -6.03 12.49 39.33
CA ASP C 376 -7.12 13.36 39.75
C ASP C 376 -6.72 14.81 39.48
N SER C 377 -6.71 15.15 38.19
CA SER C 377 -6.32 16.47 37.73
C SER C 377 -7.27 16.90 36.62
N TRP C 378 -7.41 18.21 36.45
CA TRP C 378 -8.34 18.74 35.47
C TRP C 378 -7.93 18.33 34.05
N ASP C 379 -8.88 17.77 33.31
CA ASP C 379 -8.70 17.36 31.93
C ASP C 379 -9.82 17.99 31.12
N THR C 380 -9.50 19.04 30.35
CA THR C 380 -10.51 19.74 29.57
C THR C 380 -11.23 18.79 28.62
N PHE C 381 -10.48 17.87 28.00
CA PHE C 381 -11.10 16.92 27.08
C PHE C 381 -12.08 16.01 27.80
N ALA C 382 -11.69 15.49 28.97
CA ALA C 382 -12.59 14.65 29.75
C ALA C 382 -13.84 15.40 30.17
N ALA C 383 -13.68 16.66 30.58
CA ALA C 383 -14.83 17.46 31.01
C ALA C 383 -15.78 17.71 29.84
N SER C 384 -15.25 17.99 28.65
CA SER C 384 -16.10 18.20 27.48
C SER C 384 -16.92 16.96 27.16
N LEU C 385 -16.34 15.77 27.34
CA LEU C 385 -17.10 14.55 27.08
C LEU C 385 -18.20 14.35 28.12
N ALA C 386 -17.91 14.66 29.39
CA ALA C 386 -18.95 14.57 30.42
C ALA C 386 -20.05 15.58 30.17
N ALA C 387 -19.70 16.79 29.71
CA ALA C 387 -20.70 17.79 29.37
C ALA C 387 -21.56 17.36 28.19
N ALA C 388 -21.03 16.53 27.30
CA ALA C 388 -21.75 16.05 26.14
C ALA C 388 -22.48 14.73 26.40
N GLY C 389 -22.46 14.24 27.63
CA GLY C 389 -23.22 13.04 27.96
C GLY C 389 -22.46 11.74 27.86
N PHE C 390 -21.14 11.75 28.02
CA PHE C 390 -20.34 10.55 28.01
C PHE C 390 -19.66 10.38 29.37
N HIS C 391 -19.74 9.18 29.93
CA HIS C 391 -18.81 8.81 30.98
C HIS C 391 -17.42 8.67 30.38
N VAL C 392 -16.40 8.91 31.20
CA VAL C 392 -15.01 8.87 30.73
C VAL C 392 -14.22 7.89 31.58
N VAL C 393 -13.55 6.96 30.91
CA VAL C 393 -12.69 5.97 31.56
C VAL C 393 -11.25 6.28 31.14
N MET C 394 -10.38 6.47 32.12
CA MET C 394 -9.01 6.95 31.89
C MET C 394 -8.01 5.95 32.44
N PRO C 395 -7.57 4.99 31.63
CA PRO C 395 -6.71 3.91 32.16
C PRO C 395 -5.22 4.26 32.13
N ASN C 396 -4.54 4.05 33.27
CA ASN C 396 -3.09 4.19 33.33
C ASN C 396 -2.47 2.87 32.87
N TYR C 397 -2.47 2.68 31.55
CA TYR C 397 -1.86 1.51 30.95
C TYR C 397 -0.37 1.46 31.31
N ARG C 398 0.22 0.29 31.14
CA ARG C 398 1.64 0.13 31.47
C ARG C 398 2.48 1.05 30.58
N GLY C 399 3.48 1.68 31.18
CA GLY C 399 4.15 2.80 30.61
C GLY C 399 3.77 4.13 31.25
N SER C 400 2.68 4.16 32.01
CA SER C 400 2.24 5.37 32.68
C SER C 400 3.17 5.73 33.84
N THR C 401 3.12 6.99 34.23
CA THR C 401 3.87 7.47 35.38
C THR C 401 3.00 7.42 36.63
N GLY C 402 3.60 7.74 37.77
CA GLY C 402 2.86 7.88 39.01
C GLY C 402 2.58 6.60 39.77
N TYR C 403 3.05 5.45 39.30
CA TYR C 403 2.80 4.19 40.01
C TYR C 403 4.04 3.33 40.13
N GLY C 404 5.22 3.92 40.04
CA GLY C 404 6.45 3.19 40.24
C GLY C 404 7.22 3.00 38.94
N GLU C 405 8.52 2.74 39.09
CA GLU C 405 9.39 2.59 37.94
C GLU C 405 9.05 1.32 37.16
N GLU C 406 8.66 0.25 37.85
CA GLU C 406 8.40 -1.02 37.19
C GLU C 406 7.22 -0.93 36.24
N TRP C 407 6.11 -0.37 36.71
CA TRP C 407 4.94 -0.23 35.84
C TRP C 407 5.24 0.68 34.67
N ARG C 408 6.07 1.70 34.87
CA ARG C 408 6.38 2.63 33.79
C ARG C 408 7.26 1.96 32.73
N LEU C 409 8.23 1.15 33.16
CA LEU C 409 9.16 0.55 32.22
C LEU C 409 8.60 -0.67 31.49
N LYS C 410 7.44 -1.19 31.91
CA LYS C 410 6.86 -2.35 31.24
C LYS C 410 6.53 -2.09 29.77
N ILE C 411 6.35 -0.84 29.37
CA ILE C 411 6.02 -0.56 27.97
C ILE C 411 7.24 -0.64 27.06
N ILE C 412 8.45 -0.57 27.63
CA ILE C 412 9.67 -0.52 26.81
C ILE C 412 9.81 -1.80 26.01
N GLY C 413 9.82 -1.66 24.68
CA GLY C 413 9.93 -2.78 23.78
C GLY C 413 8.61 -3.44 23.41
N ASP C 414 7.47 -2.89 23.86
CA ASP C 414 6.18 -3.51 23.60
C ASP C 414 5.10 -2.48 23.27
N PRO C 415 5.30 -1.58 22.31
CA PRO C 415 4.21 -0.66 21.93
C PRO C 415 3.13 -1.40 21.16
N CYS C 416 1.87 -1.01 21.41
CA CYS C 416 0.71 -1.67 20.82
C CYS C 416 0.68 -3.16 21.19
N GLY C 417 0.97 -3.45 22.45
CA GLY C 417 1.00 -4.81 22.95
C GLY C 417 0.34 -4.93 24.32
N GLY C 418 1.17 -4.96 25.36
CA GLY C 418 0.63 -5.07 26.71
C GLY C 418 -0.19 -3.85 27.11
N GLU C 419 0.28 -2.65 26.74
CA GLU C 419 -0.49 -1.45 27.08
C GLU C 419 -1.82 -1.41 26.34
N LEU C 420 -1.88 -1.97 25.13
CA LEU C 420 -3.16 -2.08 24.44
C LEU C 420 -4.11 -2.99 25.20
N GLU C 421 -3.59 -4.09 25.76
CA GLU C 421 -4.42 -4.99 26.54
C GLU C 421 -4.98 -4.30 27.77
N ASP C 422 -4.20 -3.41 28.40
CA ASP C 422 -4.69 -2.65 29.54
C ASP C 422 -5.86 -1.77 29.14
N VAL C 423 -5.72 -1.06 28.02
CA VAL C 423 -6.80 -0.21 27.52
C VAL C 423 -8.05 -1.05 27.25
N SER C 424 -7.87 -2.21 26.62
CA SER C 424 -9.00 -3.08 26.34
C SER C 424 -9.67 -3.54 27.62
N ALA C 425 -8.88 -3.91 28.63
CA ALA C 425 -9.43 -4.39 29.90
C ALA C 425 -10.26 -3.30 30.57
N ALA C 426 -9.79 -2.05 30.50
CA ALA C 426 -10.57 -0.94 31.06
C ALA C 426 -11.89 -0.78 30.31
N ALA C 427 -11.86 -0.89 28.98
CA ALA C 427 -13.10 -0.85 28.20
C ALA C 427 -14.02 -1.99 28.58
N ARG C 428 -13.46 -3.20 28.77
CA ARG C 428 -14.28 -4.35 29.15
C ARG C 428 -14.81 -4.20 30.57
N TRP C 429 -13.99 -3.66 31.48
CA TRP C 429 -14.46 -3.42 32.84
C TRP C 429 -15.64 -2.46 32.84
N ALA C 430 -15.56 -1.37 32.06
CA ALA C 430 -16.64 -0.40 31.99
C ALA C 430 -17.96 -1.08 31.62
N ARG C 431 -17.93 -1.96 30.63
CA ARG C 431 -19.13 -2.67 30.23
C ARG C 431 -19.56 -3.67 31.30
N GLU C 432 -18.61 -4.42 31.87
CA GLU C 432 -18.96 -5.46 32.82
C GLU C 432 -19.41 -4.89 34.18
N SER C 433 -18.88 -3.73 34.57
CA SER C 433 -19.24 -3.14 35.85
C SER C 433 -20.60 -2.44 35.82
N GLY C 434 -21.26 -2.37 34.66
CA GLY C 434 -22.52 -1.69 34.54
C GLY C 434 -22.44 -0.20 34.28
N LEU C 435 -21.26 0.32 33.91
CA LEU C 435 -21.10 1.75 33.64
C LEU C 435 -21.42 2.10 32.19
N ALA C 436 -21.02 1.25 31.26
CA ALA C 436 -21.06 1.58 29.85
C ALA C 436 -22.14 0.80 29.14
N SER C 437 -22.98 1.52 28.38
CA SER C 437 -23.90 0.88 27.45
C SER C 437 -23.29 0.71 26.08
N GLU C 438 -22.37 1.61 25.70
CA GLU C 438 -21.60 1.47 24.48
C GLU C 438 -20.23 2.08 24.72
N LEU C 439 -19.26 1.67 23.92
CA LEU C 439 -17.85 2.00 24.15
C LEU C 439 -17.27 2.72 22.95
N TYR C 440 -16.59 3.84 23.23
CA TYR C 440 -15.82 4.56 22.23
C TYR C 440 -14.39 4.73 22.74
N ILE C 441 -13.47 4.91 21.81
CA ILE C 441 -12.07 5.18 22.15
C ILE C 441 -11.66 6.51 21.51
N MET C 442 -10.86 7.27 22.25
CA MET C 442 -10.40 8.58 21.83
C MET C 442 -9.05 8.84 22.48
N GLY C 443 -8.13 9.41 21.72
CA GLY C 443 -6.82 9.72 22.26
C GLY C 443 -6.03 10.59 21.31
N TYR C 444 -5.09 11.33 21.89
CA TYR C 444 -4.24 12.24 21.15
C TYR C 444 -2.78 11.88 21.36
N SER C 445 -1.95 12.30 20.40
CA SER C 445 -0.54 11.94 20.35
C SER C 445 -0.37 10.43 20.45
N TYR C 446 0.30 9.97 21.52
CA TYR C 446 0.43 8.53 21.70
C TYR C 446 -0.93 7.87 21.93
N GLY C 447 -1.86 8.59 22.54
CA GLY C 447 -3.22 8.07 22.67
C GLY C 447 -3.93 7.92 21.34
N GLY C 448 -3.58 8.76 20.36
CA GLY C 448 -4.12 8.58 19.02
C GLY C 448 -3.55 7.36 18.34
N TYR C 449 -2.26 7.08 18.57
CA TYR C 449 -1.66 5.85 18.10
C TYR C 449 -2.37 4.65 18.72
N MET C 450 -2.74 4.76 20.01
CA MET C 450 -3.46 3.67 20.67
C MET C 450 -4.82 3.44 20.04
N THR C 451 -5.51 4.51 19.64
CA THR C 451 -6.80 4.38 18.97
C THR C 451 -6.68 3.57 17.68
N LEU C 452 -5.73 3.95 16.81
CA LEU C 452 -5.51 3.19 15.58
C LEU C 452 -5.09 1.76 15.89
N CYS C 453 -4.19 1.59 16.87
CA CYS C 453 -3.79 0.26 17.28
C CYS C 453 -4.98 -0.56 17.81
N ALA C 454 -5.93 0.10 18.47
CA ALA C 454 -7.08 -0.63 19.02
C ALA C 454 -8.06 -1.03 17.92
N LEU C 455 -8.33 -0.12 16.96
CA LEU C 455 -9.29 -0.43 15.90
C LEU C 455 -8.76 -1.45 14.93
N THR C 456 -7.43 -1.55 14.76
CA THR C 456 -6.87 -2.56 13.87
C THR C 456 -6.69 -3.90 14.59
N MET C 457 -6.18 -3.88 15.82
CA MET C 457 -5.86 -5.12 16.50
C MET C 457 -7.08 -5.75 17.18
N LYS C 458 -8.02 -4.93 17.66
CA LYS C 458 -9.20 -5.42 18.35
C LYS C 458 -10.46 -4.81 17.75
N PRO C 459 -10.80 -5.16 16.51
CA PRO C 459 -12.07 -4.71 15.94
C PRO C 459 -13.25 -5.30 16.69
N GLY C 460 -14.32 -4.51 16.77
CA GLY C 460 -15.52 -4.92 17.46
C GLY C 460 -15.56 -4.57 18.93
N LEU C 461 -14.41 -4.30 19.56
CA LEU C 461 -14.42 -3.90 20.95
C LEU C 461 -15.11 -2.54 21.13
N PHE C 462 -14.75 -1.57 20.31
CA PHE C 462 -15.32 -0.23 20.37
C PHE C 462 -16.32 -0.02 19.24
N LYS C 463 -17.16 0.99 19.41
CA LYS C 463 -18.15 1.33 18.39
C LYS C 463 -17.60 2.30 17.37
N ALA C 464 -16.71 3.21 17.79
CA ALA C 464 -16.07 4.18 16.91
C ALA C 464 -14.85 4.71 17.63
N GLY C 465 -13.93 5.29 16.86
CA GLY C 465 -12.66 5.73 17.40
C GLY C 465 -12.29 7.10 16.90
N VAL C 466 -11.60 7.84 17.77
CA VAL C 466 -11.09 9.18 17.46
C VAL C 466 -9.58 9.16 17.69
N ALA C 467 -8.82 9.37 16.62
CA ALA C 467 -7.36 9.39 16.68
C ALA C 467 -6.88 10.79 16.32
N GLY C 468 -6.33 11.50 17.31
CA GLY C 468 -5.82 12.86 17.12
C GLY C 468 -4.31 12.90 17.19
N ALA C 469 -3.71 13.67 16.28
CA ALA C 469 -2.26 13.84 16.20
C ALA C 469 -1.51 12.53 16.38
N SER C 470 -1.99 11.48 15.71
CA SER C 470 -1.57 10.14 16.03
C SER C 470 -0.24 9.78 15.36
N VAL C 471 0.42 8.78 15.93
CA VAL C 471 1.53 8.10 15.27
C VAL C 471 0.93 7.02 14.37
N VAL C 472 1.38 6.98 13.12
CA VAL C 472 0.82 6.08 12.13
C VAL C 472 1.83 5.02 11.71
N ASP C 473 3.10 5.40 11.58
CA ASP C 473 4.16 4.47 11.19
C ASP C 473 5.43 4.88 11.92
N TRP C 474 5.93 3.99 12.78
CA TRP C 474 7.13 4.30 13.54
C TRP C 474 8.33 4.51 12.62
N GLU C 475 8.36 3.83 11.47
CA GLU C 475 9.49 3.95 10.56
C GLU C 475 9.58 5.35 9.95
N GLU C 476 8.48 5.82 9.35
CA GLU C 476 8.50 7.13 8.72
C GLU C 476 8.68 8.25 9.73
N MET C 477 8.07 8.12 10.91
CA MET C 477 8.22 9.16 11.93
C MET C 477 9.65 9.21 12.46
N TYR C 478 10.28 8.04 12.65
CA TYR C 478 11.68 8.03 13.08
C TYR C 478 12.58 8.64 12.01
N GLU C 479 12.30 8.35 10.73
CA GLU C 479 13.07 8.92 9.64
C GLU C 479 12.85 10.42 9.49
N LEU C 480 11.79 10.96 10.09
CA LEU C 480 11.46 12.39 9.98
C LEU C 480 11.47 13.08 11.34
N SER C 481 12.26 12.57 12.28
CA SER C 481 12.30 13.11 13.64
C SER C 481 13.65 13.77 13.92
N ASP C 482 13.65 14.65 14.90
CA ASP C 482 14.86 15.35 15.32
C ASP C 482 15.66 14.46 16.28
N ALA C 483 16.72 15.02 16.87
CA ALA C 483 17.60 14.25 17.75
C ALA C 483 16.82 13.59 18.89
N ALA C 484 16.05 14.38 19.64
CA ALA C 484 15.36 13.87 20.81
C ALA C 484 14.34 12.81 20.44
N PHE C 485 13.40 13.14 19.54
CA PHE C 485 12.32 12.22 19.21
C PHE C 485 12.84 10.96 18.53
N ARG C 486 13.94 11.05 17.78
CA ARG C 486 14.57 9.84 17.26
C ARG C 486 15.13 8.99 18.38
N ASN C 487 15.79 9.62 19.36
CA ASN C 487 16.28 8.88 20.52
C ASN C 487 15.12 8.35 21.36
N PHE C 488 14.07 9.16 21.55
CA PHE C 488 12.91 8.70 22.28
C PHE C 488 12.24 7.52 21.57
N ILE C 489 12.22 7.56 20.22
CA ILE C 489 11.67 6.44 19.47
C ILE C 489 12.51 5.19 19.68
N GLU C 490 13.83 5.36 19.78
CA GLU C 490 14.71 4.22 19.98
C GLU C 490 14.44 3.55 21.33
N GLN C 491 14.33 4.35 22.39
CA GLN C 491 14.07 3.79 23.72
C GLN C 491 12.72 3.10 23.78
N LEU C 492 11.69 3.70 23.15
CA LEU C 492 10.34 3.14 23.22
C LEU C 492 10.25 1.80 22.48
N THR C 493 10.82 1.72 21.28
CA THR C 493 10.78 0.49 20.50
C THR C 493 11.89 -0.49 20.86
N GLY C 494 12.78 -0.12 21.77
CA GLY C 494 13.89 -0.98 22.13
C GLY C 494 14.91 -1.21 21.04
N GLY C 495 15.01 -0.28 20.07
CA GLY C 495 15.96 -0.40 18.99
C GLY C 495 15.57 -1.32 17.86
N SER C 496 14.58 -2.19 18.06
CA SER C 496 14.21 -3.19 17.07
C SER C 496 13.40 -2.53 15.95
N ARG C 497 13.88 -2.67 14.70
CA ARG C 497 13.11 -2.18 13.56
C ARG C 497 11.89 -3.05 13.29
N GLU C 498 11.93 -4.33 13.66
CA GLU C 498 10.75 -5.17 13.52
C GLU C 498 9.62 -4.68 14.44
N ILE C 499 9.97 -4.18 15.62
CA ILE C 499 8.97 -3.55 16.48
C ILE C 499 8.43 -2.29 15.82
N MET C 500 9.28 -1.55 15.12
CA MET C 500 8.84 -0.34 14.43
C MET C 500 7.85 -0.66 13.32
N ARG C 501 7.98 -1.81 12.68
CA ARG C 501 7.09 -2.19 11.58
C ARG C 501 5.83 -2.91 12.07
N SER C 502 6.00 -3.98 12.86
CA SER C 502 4.85 -4.81 13.23
C SER C 502 3.84 -4.05 14.07
N ARG C 503 4.28 -3.07 14.86
CA ARG C 503 3.41 -2.31 15.73
C ARG C 503 2.90 -1.02 15.09
N SER C 504 3.01 -0.89 13.77
CA SER C 504 2.49 0.27 13.07
C SER C 504 1.08 -0.02 12.56
N PRO C 505 0.07 0.78 12.91
CA PRO C 505 -1.30 0.47 12.49
C PRO C 505 -1.53 0.55 10.98
N ILE C 506 -0.74 1.34 10.26
CA ILE C 506 -0.97 1.52 8.83
C ILE C 506 -0.90 0.19 8.08
N ASN C 507 -0.15 -0.77 8.60
CA ASN C 507 0.00 -2.07 7.95
C ASN C 507 -1.13 -3.03 8.29
N HIS C 508 -2.21 -2.55 8.91
CA HIS C 508 -3.31 -3.43 9.30
C HIS C 508 -4.66 -2.77 9.07
N VAL C 509 -4.73 -1.84 8.12
CA VAL C 509 -5.96 -1.07 7.89
C VAL C 509 -7.12 -1.99 7.49
N ASP C 510 -6.82 -3.10 6.82
CA ASP C 510 -7.85 -4.01 6.35
C ASP C 510 -8.73 -4.52 7.51
N ARG C 511 -8.17 -4.59 8.72
CA ARG C 511 -8.89 -5.16 9.86
C ARG C 511 -9.92 -4.19 10.43
N ILE C 512 -9.83 -2.90 10.11
CA ILE C 512 -10.70 -1.91 10.73
C ILE C 512 -12.15 -2.16 10.31
N LYS C 513 -13.04 -2.22 11.29
CA LYS C 513 -14.46 -2.38 11.03
C LYS C 513 -15.32 -1.28 11.66
N GLU C 514 -14.70 -0.31 12.34
CA GLU C 514 -15.48 0.73 13.00
C GLU C 514 -15.24 2.09 12.37
N PRO C 515 -16.20 3.00 12.46
CA PRO C 515 -15.98 4.36 11.96
C PRO C 515 -14.86 5.06 12.72
N LEU C 516 -14.04 5.80 11.99
CA LEU C 516 -12.84 6.42 12.52
C LEU C 516 -12.85 7.91 12.20
N ALA C 517 -12.49 8.72 13.18
CA ALA C 517 -12.32 10.16 12.98
C ALA C 517 -10.86 10.50 13.21
N LEU C 518 -10.26 11.17 12.23
CA LEU C 518 -8.86 11.58 12.29
C LEU C 518 -8.79 13.09 12.52
N ILE C 519 -7.98 13.50 13.48
CA ILE C 519 -7.76 14.91 13.78
C ILE C 519 -6.25 15.13 13.83
N HIS C 520 -5.78 16.15 13.12
CA HIS C 520 -4.34 16.27 12.93
C HIS C 520 -3.89 17.68 12.64
N PRO C 521 -2.87 18.18 13.34
CA PRO C 521 -2.25 19.46 12.95
C PRO C 521 -1.62 19.35 11.58
N GLN C 522 -1.74 20.42 10.80
CA GLN C 522 -1.30 20.36 9.41
C GLN C 522 0.22 20.41 9.30
N ASN C 523 0.88 21.17 10.18
CA ASN C 523 2.33 21.37 10.11
C ASN C 523 2.97 21.17 11.47
N ALA C 524 2.59 20.09 12.16
CA ALA C 524 3.19 19.75 13.43
C ALA C 524 4.57 19.12 13.23
N SER C 525 5.51 19.47 14.11
CA SER C 525 6.85 18.93 14.02
C SER C 525 6.92 17.51 14.56
N ARG C 526 6.41 17.30 15.77
CA ARG C 526 6.41 15.97 16.40
C ARG C 526 5.66 14.96 15.54
N THR C 527 4.43 15.29 15.15
CA THR C 527 3.58 14.39 14.37
C THR C 527 3.44 14.88 12.94
N PRO C 528 4.18 14.31 11.98
CA PRO C 528 4.09 14.78 10.60
C PRO C 528 2.76 14.40 9.97
N LEU C 529 2.38 15.18 8.95
CA LEU C 529 1.13 14.94 8.25
C LEU C 529 1.26 13.92 7.14
N LYS C 530 2.43 13.83 6.51
CA LYS C 530 2.61 12.91 5.39
C LYS C 530 2.24 11.47 5.71
N PRO C 531 2.57 10.89 6.87
CA PRO C 531 2.06 9.54 7.16
C PRO C 531 0.56 9.49 7.29
N LEU C 532 -0.06 10.54 7.83
CA LEU C 532 -1.51 10.57 7.90
C LEU C 532 -2.14 10.56 6.51
N LEU C 533 -1.54 11.30 5.58
CA LEU C 533 -2.00 11.25 4.19
C LEU C 533 -1.93 9.83 3.64
N ARG C 534 -0.89 9.07 4.00
CA ARG C 534 -0.81 7.68 3.57
C ARG C 534 -1.93 6.85 4.18
N LEU C 535 -2.25 7.10 5.45
CA LEU C 535 -3.31 6.33 6.10
C LEU C 535 -4.65 6.53 5.42
N MET C 536 -4.97 7.77 5.04
CA MET C 536 -6.22 8.04 4.35
C MET C 536 -6.26 7.38 2.98
N GLY C 537 -5.11 7.33 2.29
CA GLY C 537 -5.05 6.57 1.05
C GLY C 537 -5.34 5.09 1.24
N GLU C 538 -4.78 4.49 2.30
CA GLU C 538 -5.10 3.09 2.61
C GLU C 538 -6.56 2.94 3.00
N LEU C 539 -7.06 3.81 3.86
CA LEU C 539 -8.46 3.73 4.26
C LEU C 539 -9.38 3.81 3.05
N LEU C 540 -9.06 4.68 2.09
CA LEU C 540 -9.85 4.78 0.88
C LEU C 540 -9.70 3.50 0.05
N ALA C 541 -8.46 3.05 -0.16
CA ALA C 541 -8.21 1.85 -0.95
C ALA C 541 -8.88 0.63 -0.33
N ARG C 542 -8.89 0.54 0.99
CA ARG C 542 -9.49 -0.60 1.68
C ARG C 542 -10.99 -0.44 1.90
N GLY C 543 -11.59 0.63 1.39
CA GLY C 543 -13.03 0.80 1.51
C GLY C 543 -13.53 1.04 2.91
N LYS C 544 -12.72 1.67 3.76
CA LYS C 544 -13.11 1.98 5.13
C LYS C 544 -13.68 3.40 5.20
N THR C 545 -14.73 3.56 6.00
CA THR C 545 -15.35 4.86 6.18
C THR C 545 -14.65 5.61 7.30
N PHE C 546 -14.32 6.88 7.03
CA PHE C 546 -13.61 7.70 8.00
C PHE C 546 -13.94 9.15 7.74
N GLU C 547 -13.62 10.01 8.70
CA GLU C 547 -13.60 11.44 8.48
C GLU C 547 -12.29 12.00 9.03
N ALA C 548 -11.82 13.08 8.40
CA ALA C 548 -10.54 13.67 8.74
C ALA C 548 -10.68 15.18 8.86
N HIS C 549 -9.96 15.76 9.81
CA HIS C 549 -9.97 17.21 10.03
C HIS C 549 -8.52 17.64 10.24
N ILE C 550 -7.98 18.39 9.28
CA ILE C 550 -6.59 18.84 9.32
C ILE C 550 -6.61 20.33 9.63
N ILE C 551 -6.10 20.71 10.80
CA ILE C 551 -6.13 22.09 11.27
C ILE C 551 -4.73 22.67 11.11
N PRO C 552 -4.57 23.78 10.41
CA PRO C 552 -3.24 24.35 10.20
C PRO C 552 -2.85 25.31 11.33
N ASP C 553 -1.57 25.67 11.34
CA ASP C 553 -0.99 26.65 12.26
C ASP C 553 -1.33 26.36 13.73
N ALA C 554 -1.79 25.16 14.03
CA ALA C 554 -2.15 24.80 15.39
C ALA C 554 -1.36 23.59 15.86
N ILE C 558 -1.25 23.71 21.92
CA ILE C 558 -2.27 24.73 21.66
C ILE C 558 -2.31 25.75 22.80
N ASN C 559 -2.28 27.03 22.45
CA ASN C 559 -2.28 28.11 23.44
C ASN C 559 -3.35 29.15 23.17
N THR C 560 -4.31 28.86 22.29
CA THR C 560 -5.42 29.77 22.05
C THR C 560 -6.74 29.00 22.12
N MET C 561 -7.82 29.76 22.26
CA MET C 561 -9.14 29.15 22.34
C MET C 561 -9.61 28.67 20.97
N GLU C 562 -9.31 29.43 19.91
CA GLU C 562 -9.80 29.08 18.57
C GLU C 562 -9.22 27.75 18.12
N ASP C 563 -7.90 27.58 18.23
CA ASP C 563 -7.27 26.32 17.83
C ASP C 563 -7.74 25.18 18.72
N ALA C 564 -7.86 25.42 20.03
CA ALA C 564 -8.32 24.38 20.94
C ALA C 564 -9.74 23.94 20.60
N VAL C 565 -10.59 24.87 20.18
CA VAL C 565 -11.92 24.51 19.73
C VAL C 565 -11.84 23.65 18.47
N LYS C 566 -10.96 24.00 17.53
CA LYS C 566 -10.92 23.31 16.25
C LYS C 566 -10.36 21.90 16.33
N ILE C 567 -9.57 21.60 17.37
CA ILE C 567 -9.05 20.23 17.50
C ILE C 567 -9.93 19.37 18.41
N LEU C 568 -10.77 19.99 19.25
CA LEU C 568 -11.62 19.23 20.17
C LEU C 568 -13.05 19.09 19.67
N LEU C 569 -13.61 20.15 19.09
CA LEU C 569 -15.00 20.09 18.64
C LEU C 569 -15.28 18.99 17.61
N PRO C 570 -14.42 18.75 16.61
CA PRO C 570 -14.70 17.61 15.70
C PRO C 570 -14.86 16.29 16.43
N ALA C 571 -14.08 16.07 17.50
CA ALA C 571 -14.16 14.81 18.23
C ALA C 571 -15.49 14.68 18.95
N VAL C 572 -15.95 15.74 19.61
CA VAL C 572 -17.20 15.65 20.35
C VAL C 572 -18.38 15.53 19.39
N PHE C 573 -18.34 16.28 18.27
CA PHE C 573 -19.38 16.14 17.26
C PHE C 573 -19.45 14.72 16.73
N PHE C 574 -18.30 14.17 16.35
CA PHE C 574 -18.24 12.82 15.80
C PHE C 574 -18.82 11.80 16.78
N LEU C 575 -18.42 11.87 18.05
CA LEU C 575 -18.90 10.90 19.03
C LEU C 575 -20.39 11.11 19.30
N ALA C 576 -20.84 12.36 19.36
CA ALA C 576 -22.27 12.63 19.52
C ALA C 576 -23.07 12.10 18.34
N THR C 577 -22.54 12.25 17.13
CA THR C 577 -23.21 11.71 15.95
C THR C 577 -23.26 10.19 16.00
N GLN C 578 -22.16 9.55 16.36
CA GLN C 578 -22.14 8.09 16.43
C GLN C 578 -23.10 7.55 17.48
N ARG C 579 -23.31 8.31 18.56
CA ARG C 579 -24.21 7.87 19.62
C ARG C 579 -25.64 7.70 19.10
N GLU C 580 -26.02 8.46 18.08
CA GLU C 580 -27.35 8.39 17.49
C GLU C 580 -27.45 7.35 16.38
N ARG C 581 -26.40 6.57 16.14
CA ARG C 581 -26.42 5.55 15.10
C ARG C 581 -26.57 4.16 15.68
N PRO D 6 -12.52 38.63 18.50
CA PRO D 6 -13.03 37.45 19.20
C PRO D 6 -14.12 36.70 18.43
N VAL D 7 -13.86 35.43 18.11
CA VAL D 7 -14.80 34.59 17.38
C VAL D 7 -15.75 33.90 18.35
N GLU D 8 -17.05 34.06 18.12
CA GLU D 8 -18.10 33.42 18.94
C GLU D 8 -18.62 32.21 18.17
N PHE D 9 -17.96 31.06 18.34
CA PHE D 9 -18.35 29.85 17.62
C PHE D 9 -19.78 29.43 17.92
N SER D 10 -20.17 29.45 19.19
CA SER D 10 -21.52 29.00 19.53
C SER D 10 -22.58 29.91 18.95
N ARG D 11 -22.27 31.21 18.80
CA ARG D 11 -23.23 32.12 18.18
C ARG D 11 -23.43 31.80 16.71
N ILE D 12 -22.35 31.43 16.01
CA ILE D 12 -22.48 31.03 14.61
C ILE D 12 -23.34 29.78 14.50
N VAL D 13 -23.10 28.80 15.37
CA VAL D 13 -23.84 27.54 15.29
C VAL D 13 -25.31 27.75 15.63
N ARG D 14 -25.59 28.57 16.64
CA ARG D 14 -26.98 28.90 16.95
C ARG D 14 -27.67 29.59 15.79
N ASP D 15 -26.99 30.54 15.14
CA ASP D 15 -27.59 31.21 13.98
C ASP D 15 -27.83 30.24 12.84
N VAL D 16 -26.85 29.38 12.55
CA VAL D 16 -27.01 28.41 11.48
C VAL D 16 -28.16 27.45 11.80
N GLU D 17 -28.26 27.02 13.06
CA GLU D 17 -29.38 26.17 13.46
C GLU D 17 -30.72 26.83 13.15
N ARG D 18 -30.85 28.12 13.44
CA ARG D 18 -32.12 28.80 13.22
C ARG D 18 -32.41 28.92 11.73
N LEU D 19 -31.40 29.27 10.94
CA LEU D 19 -31.57 29.39 9.50
C LEU D 19 -31.93 28.05 8.85
N ILE D 20 -31.44 26.94 9.41
CA ILE D 20 -31.75 25.63 8.87
C ILE D 20 -33.16 25.20 9.24
N ALA D 21 -33.60 25.55 10.45
CA ALA D 21 -34.86 25.05 10.96
C ALA D 21 -36.06 25.92 10.61
N VAL D 22 -35.84 27.12 10.05
CA VAL D 22 -36.97 28.01 9.81
C VAL D 22 -37.89 27.38 8.77
N GLU D 23 -39.18 27.34 9.08
CA GLU D 23 -40.14 26.73 8.18
C GLU D 23 -40.25 27.56 6.91
N LYS D 24 -40.11 26.89 5.76
CA LYS D 24 -40.22 27.51 4.46
C LYS D 24 -41.43 26.94 3.75
N TYR D 25 -42.12 27.78 2.98
CA TYR D 25 -43.45 27.43 2.46
C TYR D 25 -43.51 27.58 0.94
N SER D 26 -44.26 26.68 0.32
CA SER D 26 -44.64 26.82 -1.08
C SER D 26 -46.15 26.71 -1.20
N LEU D 27 -46.70 27.34 -2.24
CA LEU D 27 -48.14 27.41 -2.47
C LEU D 27 -48.55 26.35 -3.50
N GLN D 28 -49.52 25.52 -3.15
CA GLN D 28 -49.99 24.46 -4.04
C GLN D 28 -51.35 24.74 -4.67
N GLY D 29 -52.25 25.42 -3.97
CA GLY D 29 -53.52 25.76 -4.56
C GLY D 29 -54.56 25.98 -3.47
N VAL D 30 -55.83 25.99 -3.91
CA VAL D 30 -56.98 26.19 -3.04
C VAL D 30 -57.81 24.92 -3.07
N VAL D 31 -58.25 24.46 -1.90
CA VAL D 31 -58.96 23.20 -1.76
C VAL D 31 -60.20 23.42 -0.92
N ASP D 32 -61.14 22.47 -1.02
CA ASP D 32 -62.49 22.48 -0.43
C ASP D 32 -63.12 23.86 -0.57
N GLY D 33 -63.58 24.47 0.52
CA GLY D 33 -64.24 25.76 0.36
C GLY D 33 -63.29 26.86 -0.05
N ASP D 34 -62.52 27.41 0.89
CA ASP D 34 -61.53 28.43 0.57
C ASP D 34 -60.39 28.39 1.59
N LYS D 35 -59.62 27.31 1.51
CA LYS D 35 -58.45 27.12 2.35
C LYS D 35 -57.26 26.92 1.43
N LEU D 36 -56.15 27.61 1.73
CA LEU D 36 -54.93 27.43 0.94
C LEU D 36 -54.30 26.09 1.27
N LEU D 37 -53.78 25.43 0.24
CA LEU D 37 -52.98 24.22 0.40
C LEU D 37 -51.52 24.63 0.27
N VAL D 38 -50.78 24.52 1.36
CA VAL D 38 -49.38 24.93 1.40
C VAL D 38 -48.52 23.76 1.86
N VAL D 39 -47.27 23.74 1.39
CA VAL D 39 -46.29 22.75 1.79
C VAL D 39 -45.19 23.45 2.57
N GLY D 40 -44.92 22.94 3.78
CA GLY D 40 -43.87 23.51 4.61
C GLY D 40 -42.70 22.57 4.80
N PHE D 41 -41.49 23.02 4.47
CA PHE D 41 -40.31 22.19 4.62
C PHE D 41 -39.36 22.82 5.63
N SER D 42 -38.84 21.98 6.52
CA SER D 42 -37.96 22.42 7.60
C SER D 42 -37.12 21.23 8.03
N GLU D 43 -35.81 21.43 8.10
CA GLU D 43 -34.87 20.39 8.52
C GLU D 43 -35.02 19.13 7.68
N GLY D 44 -35.15 19.31 6.37
CA GLY D 44 -35.32 18.19 5.46
C GLY D 44 -36.58 17.39 5.66
N SER D 45 -37.61 17.98 6.28
CA SER D 45 -38.87 17.31 6.53
C SER D 45 -40.00 18.12 5.90
N VAL D 46 -40.84 17.46 5.11
CA VAL D 46 -41.86 18.11 4.30
C VAL D 46 -43.24 17.73 4.83
N ASN D 47 -44.09 18.74 5.04
CA ASN D 47 -45.45 18.55 5.52
C ASN D 47 -46.41 19.40 4.71
N ALA D 48 -47.68 18.99 4.67
CA ALA D 48 -48.74 19.69 3.96
C ALA D 48 -49.76 20.22 4.94
N TYR D 49 -50.23 21.45 4.72
CA TYR D 49 -51.10 22.14 5.66
C TYR D 49 -52.30 22.75 4.95
N LEU D 50 -53.34 23.02 5.74
CA LEU D 50 -54.46 23.87 5.35
C LEU D 50 -54.34 25.20 6.06
N TYR D 51 -54.42 26.29 5.31
CA TYR D 51 -54.37 27.63 5.87
C TYR D 51 -55.66 28.35 5.58
N ASP D 52 -56.40 28.70 6.64
CA ASP D 52 -57.63 29.47 6.47
C ASP D 52 -57.98 30.10 7.80
N GLY D 53 -57.75 31.41 7.91
CA GLY D 53 -58.11 32.13 9.10
C GLY D 53 -56.92 32.54 9.94
N GLU D 55 -54.66 29.65 11.86
CA GLU D 55 -53.90 28.46 12.24
C GLU D 55 -53.73 27.52 11.05
N THR D 56 -52.60 26.82 11.01
CA THR D 56 -52.34 25.84 9.96
C THR D 56 -52.68 24.45 10.48
N VAL D 57 -53.41 23.69 9.68
CA VAL D 57 -53.81 22.34 10.03
C VAL D 57 -53.01 21.37 9.18
N LYS D 58 -52.20 20.55 9.84
CA LYS D 58 -51.42 19.55 9.12
C LYS D 58 -52.34 18.48 8.57
N LEU D 59 -52.10 18.08 7.33
CA LEU D 59 -52.93 17.09 6.65
C LEU D 59 -52.36 15.68 6.73
N ASN D 60 -51.05 15.54 6.80
CA ASN D 60 -50.40 14.24 6.84
C ASN D 60 -50.03 13.87 8.28
N ARG D 61 -49.71 12.59 8.47
CA ARG D 61 -49.21 12.11 9.75
C ARG D 61 -47.70 12.01 9.78
N GLU D 62 -47.11 11.35 8.79
CA GLU D 62 -45.67 11.23 8.65
C GLU D 62 -45.18 12.17 7.57
N PRO D 63 -43.89 12.54 7.59
CA PRO D 63 -43.36 13.44 6.56
C PRO D 63 -43.60 12.88 5.16
N ILE D 64 -43.78 13.79 4.21
CA ILE D 64 -44.11 13.40 2.85
C ILE D 64 -43.00 13.84 1.91
N ASN D 65 -43.13 13.50 0.64
CA ASN D 65 -42.24 14.01 -0.39
C ASN D 65 -42.81 15.24 -1.08
N SER D 66 -44.09 15.22 -1.43
CA SER D 66 -44.76 16.33 -2.10
C SER D 66 -46.27 16.04 -2.09
N VAL D 67 -47.03 16.94 -2.72
CA VAL D 67 -48.45 16.73 -2.97
C VAL D 67 -48.71 16.98 -4.45
N LEU D 68 -49.80 16.41 -4.94
CA LEU D 68 -50.20 16.66 -6.31
C LEU D 68 -50.98 17.97 -6.41
N ASP D 69 -51.02 18.53 -7.61
CA ASP D 69 -51.65 19.83 -7.84
C ASP D 69 -53.16 19.67 -7.78
N PRO D 70 -53.84 20.23 -6.79
CA PRO D 70 -55.31 20.09 -6.73
C PRO D 70 -56.00 21.11 -7.62
N HIS D 71 -57.10 20.68 -8.22
CA HIS D 71 -57.98 21.66 -8.85
C HIS D 71 -58.66 22.51 -7.79
N TYR D 72 -59.20 23.64 -8.22
CA TYR D 72 -59.80 24.59 -7.29
CA TYR D 72 -59.81 24.59 -7.30
C TYR D 72 -61.00 23.98 -6.58
N GLY D 73 -60.96 23.99 -5.24
CA GLY D 73 -62.08 23.58 -4.44
C GLY D 73 -62.24 22.09 -4.19
N VAL D 74 -61.30 21.26 -4.64
CA VAL D 74 -61.43 19.82 -4.39
C VAL D 74 -61.29 19.54 -2.90
N GLY D 75 -62.03 18.55 -2.42
CA GLY D 75 -62.11 18.29 -0.99
C GLY D 75 -61.10 17.28 -0.49
N ARG D 76 -60.02 17.08 -1.23
CA ARG D 76 -59.01 16.11 -0.82
C ARG D 76 -57.64 16.56 -1.31
N VAL D 77 -56.61 15.93 -0.75
CA VAL D 77 -55.23 16.14 -1.13
C VAL D 77 -54.59 14.79 -1.37
N ILE D 78 -53.76 14.69 -2.40
CA ILE D 78 -53.06 13.46 -2.72
C ILE D 78 -51.61 13.64 -2.28
N LEU D 79 -51.19 12.85 -1.30
CA LEU D 79 -49.83 12.89 -0.79
C LEU D 79 -48.94 11.93 -1.58
N VAL D 80 -47.69 12.34 -1.80
CA VAL D 80 -46.66 11.48 -2.37
C VAL D 80 -45.60 11.26 -1.30
N ARG D 81 -45.30 9.99 -1.03
CA ARG D 81 -44.39 9.64 0.05
C ARG D 81 -43.46 8.53 -0.39
N ASP D 82 -42.18 8.63 -0.01
CA ASP D 82 -41.23 7.56 -0.30
C ASP D 82 -41.66 6.27 0.38
N VAL D 83 -41.62 5.17 -0.36
CA VAL D 83 -42.07 3.90 0.20
C VAL D 83 -41.10 3.39 1.26
N SER D 84 -39.82 3.73 1.15
CA SER D 84 -38.81 3.36 2.13
C SER D 84 -38.00 4.60 2.49
N LYS D 85 -36.96 4.40 3.31
CA LYS D 85 -36.08 5.48 3.70
C LYS D 85 -35.17 5.84 2.53
N GLY D 86 -35.39 7.04 1.96
CA GLY D 86 -34.60 7.47 0.82
C GLY D 86 -34.80 6.63 -0.42
N ALA D 87 -35.97 6.02 -0.57
CA ALA D 87 -36.26 5.19 -1.74
C ALA D 87 -36.79 6.05 -2.88
N GLU D 88 -36.29 5.80 -4.09
CA GLU D 88 -36.73 6.52 -5.27
C GLU D 88 -38.16 6.20 -5.65
N GLN D 89 -38.75 5.15 -5.10
CA GLN D 89 -40.12 4.74 -5.42
C GLN D 89 -41.07 5.30 -4.35
N HIS D 90 -42.21 5.82 -4.80
CA HIS D 90 -43.14 6.50 -3.93
C HIS D 90 -44.49 5.78 -3.90
N ALA D 91 -45.33 6.19 -2.95
CA ALA D 91 -46.70 5.73 -2.85
C ALA D 91 -47.62 6.93 -2.70
N LEU D 92 -48.88 6.75 -3.09
CA LEU D 92 -49.87 7.81 -3.05
C LEU D 92 -50.82 7.61 -1.88
N PHE D 93 -51.13 8.71 -1.19
CA PHE D 93 -52.04 8.72 -0.04
C PHE D 93 -53.05 9.84 -0.20
N LYS D 94 -54.31 9.54 0.10
CA LYS D 94 -55.38 10.53 0.02
C LYS D 94 -55.78 10.97 1.43
N VAL D 95 -56.03 12.27 1.59
CA VAL D 95 -56.52 12.84 2.83
C VAL D 95 -57.66 13.79 2.51
N ASN D 96 -58.82 13.57 3.14
CA ASN D 96 -59.93 14.50 3.01
C ASN D 96 -59.67 15.76 3.82
N THR D 97 -59.87 16.92 3.19
CA THR D 97 -59.64 18.18 3.88
C THR D 97 -60.53 18.35 5.10
N SER D 98 -61.66 17.62 5.14
CA SER D 98 -62.54 17.66 6.30
C SER D 98 -62.09 16.70 7.39
N ARG D 99 -61.23 15.74 7.08
CA ARG D 99 -60.70 14.79 8.06
C ARG D 99 -59.18 14.77 7.95
N PRO D 100 -58.51 15.84 8.38
CA PRO D 100 -57.05 15.86 8.30
C PRO D 100 -56.42 14.86 9.26
N GLY D 101 -55.25 14.37 8.87
CA GLY D 101 -54.55 13.37 9.65
C GLY D 101 -54.93 11.94 9.35
N GLU D 102 -55.98 11.73 8.56
CA GLU D 102 -56.44 10.39 8.21
C GLU D 102 -56.01 10.09 6.77
N GLU D 103 -55.07 9.17 6.62
CA GLU D 103 -54.48 8.86 5.33
C GLU D 103 -55.02 7.54 4.81
N GLN D 104 -55.55 7.57 3.59
CA GLN D 104 -56.00 6.36 2.90
C GLN D 104 -55.03 6.12 1.75
N ARG D 105 -54.24 5.05 1.86
CA ARG D 105 -53.27 4.74 0.82
C ARG D 105 -53.96 4.30 -0.46
N LEU D 106 -53.43 4.76 -1.60
CA LEU D 106 -53.97 4.38 -2.91
C LEU D 106 -53.21 3.15 -3.39
N GLU D 107 -53.69 1.99 -2.93
CA GLU D 107 -53.02 0.73 -3.26
C GLU D 107 -53.17 0.35 -4.74
N ALA D 108 -54.11 0.97 -5.44
CA ALA D 108 -54.28 0.68 -6.87
C ALA D 108 -53.08 1.14 -7.70
N VAL D 109 -52.25 2.02 -7.15
CA VAL D 109 -51.06 2.53 -7.82
C VAL D 109 -49.86 1.82 -7.21
N LYS D 110 -49.20 0.97 -7.99
CA LYS D 110 -48.03 0.27 -7.50
C LYS D 110 -46.92 1.27 -7.18
N PRO D 111 -46.04 0.94 -6.22
CA PRO D 111 -44.94 1.86 -5.89
C PRO D 111 -44.06 2.14 -7.11
N MET D 112 -43.79 3.42 -7.34
CA MET D 112 -42.97 3.86 -8.46
C MET D 112 -42.47 5.27 -8.17
N ARG D 113 -41.70 5.81 -9.12
CA ARG D 113 -41.16 7.16 -9.01
C ARG D 113 -42.20 8.12 -9.59
N ILE D 114 -42.93 8.79 -8.71
CA ILE D 114 -43.97 9.73 -9.13
C ILE D 114 -43.30 11.02 -9.61
N LEU D 115 -43.59 11.41 -10.85
CA LEU D 115 -42.93 12.56 -11.46
C LEU D 115 -43.76 13.84 -11.38
N SER D 116 -45.09 13.73 -11.43
CA SER D 116 -45.98 14.88 -11.41
C SER D 116 -47.39 14.34 -11.20
N GLY D 117 -48.35 15.25 -11.01
CA GLY D 117 -49.72 14.84 -10.87
C GLY D 117 -50.71 15.96 -10.63
N VAL D 118 -51.93 15.81 -11.14
CA VAL D 118 -53.02 16.75 -10.95
C VAL D 118 -54.25 15.98 -10.51
N ASP D 119 -54.97 16.51 -9.52
CA ASP D 119 -56.19 15.90 -9.01
C ASP D 119 -57.37 16.82 -9.29
N THR D 120 -58.33 16.33 -10.07
CA THR D 120 -59.53 17.08 -10.41
C THR D 120 -60.64 16.93 -9.37
N GLY D 121 -60.43 16.10 -8.34
CA GLY D 121 -61.47 15.74 -7.41
C GLY D 121 -62.24 14.49 -7.77
N GLU D 122 -62.20 14.09 -9.05
CA GLU D 122 -62.80 12.85 -9.52
C GLU D 122 -61.78 11.91 -10.13
N ALA D 123 -60.76 12.43 -10.81
CA ALA D 123 -59.71 11.63 -11.42
C ALA D 123 -58.35 12.18 -11.05
N VAL D 124 -57.42 11.29 -10.73
CA VAL D 124 -56.04 11.64 -10.45
C VAL D 124 -55.20 11.25 -11.66
N VAL D 125 -54.63 12.24 -12.34
CA VAL D 125 -53.77 12.02 -13.51
C VAL D 125 -52.35 12.39 -13.14
N PHE D 126 -51.41 11.48 -13.37
CA PHE D 126 -50.04 11.66 -12.93
C PHE D 126 -49.11 10.93 -13.89
N THR D 127 -47.83 11.32 -13.85
CA THR D 127 -46.78 10.62 -14.57
C THR D 127 -45.89 9.87 -13.60
N GLY D 128 -45.44 8.68 -14.01
CA GLY D 128 -44.60 7.86 -13.17
C GLY D 128 -43.63 7.04 -14.00
N ALA D 129 -42.46 6.76 -13.43
CA ALA D 129 -41.41 6.01 -14.10
C ALA D 129 -41.10 4.74 -13.34
N THR D 130 -40.95 3.64 -14.08
CA THR D 130 -40.55 2.36 -13.50
C THR D 130 -39.37 1.84 -14.33
N GLU D 131 -39.14 0.53 -14.24
CA GLU D 131 -38.15 -0.09 -15.12
C GLU D 131 -38.76 -0.46 -16.46
N ASP D 132 -40.07 -0.66 -16.51
CA ASP D 132 -40.73 -1.02 -17.76
C ASP D 132 -40.73 0.13 -18.75
N ARG D 133 -41.18 1.30 -18.31
CA ARG D 133 -41.31 2.47 -19.19
C ARG D 133 -41.57 3.69 -18.33
N VAL D 134 -41.93 4.79 -18.99
CA VAL D 134 -42.45 5.99 -18.35
C VAL D 134 -43.79 6.28 -18.99
N ALA D 135 -44.81 6.50 -18.17
CA ALA D 135 -46.17 6.56 -18.68
C ALA D 135 -46.96 7.67 -18.01
N LEU D 136 -48.08 8.01 -18.64
CA LEU D 136 -49.07 8.92 -18.09
C LEU D 136 -50.24 8.09 -17.59
N TYR D 137 -50.57 8.22 -16.32
CA TYR D 137 -51.60 7.39 -15.69
C TYR D 137 -52.82 8.22 -15.33
N ALA D 138 -53.95 7.54 -15.20
CA ALA D 138 -55.20 8.15 -14.75
C ALA D 138 -55.88 7.21 -13.78
N LEU D 139 -56.27 7.75 -12.62
CA LEU D 139 -56.92 6.98 -11.57
C LEU D 139 -58.30 7.56 -11.31
N ASP D 140 -59.33 6.75 -11.53
CA ASP D 140 -60.71 7.18 -11.33
C ASP D 140 -61.49 6.11 -10.58
N GLY D 141 -62.81 6.26 -10.52
CA GLY D 141 -63.64 5.26 -9.87
C GLY D 141 -63.44 3.87 -10.45
N GLY D 142 -63.15 3.77 -11.75
CA GLY D 142 -62.95 2.49 -12.39
C GLY D 142 -61.58 1.86 -12.20
N GLY D 143 -60.62 2.59 -11.64
CA GLY D 143 -59.31 2.03 -11.38
C GLY D 143 -58.17 2.77 -12.06
N LEU D 144 -57.01 2.12 -12.15
CA LEU D 144 -55.83 2.72 -12.76
C LEU D 144 -55.80 2.41 -14.25
N ARG D 145 -55.44 3.42 -15.04
CA ARG D 145 -55.30 3.26 -16.48
C ARG D 145 -54.04 3.98 -16.93
N GLU D 146 -53.35 3.39 -17.91
CA GLU D 146 -52.21 4.04 -18.56
C GLU D 146 -52.69 4.66 -19.86
N LEU D 147 -52.74 5.99 -19.89
CA LEU D 147 -53.26 6.70 -21.06
C LEU D 147 -52.26 6.75 -22.20
N ALA D 148 -50.96 6.82 -21.89
CA ALA D 148 -49.96 6.87 -22.93
C ALA D 148 -48.60 6.51 -22.31
N ARG D 149 -47.69 6.00 -23.15
CA ARG D 149 -46.32 5.66 -22.75
C ARG D 149 -45.40 6.78 -23.24
N LEU D 150 -44.60 7.32 -22.35
CA LEU D 150 -43.89 8.52 -22.73
C LEU D 150 -42.49 8.20 -23.23
N PRO D 151 -42.05 8.87 -24.30
CA PRO D 151 -40.69 8.64 -24.81
C PRO D 151 -39.61 9.19 -23.91
N GLY D 152 -39.96 9.74 -22.76
CA GLY D 152 -38.99 10.25 -21.82
C GLY D 152 -39.67 10.68 -20.55
N PHE D 153 -38.92 11.40 -19.72
CA PHE D 153 -39.51 11.99 -18.52
C PHE D 153 -40.56 13.03 -18.91
N GLY D 154 -41.76 12.89 -18.35
CA GLY D 154 -42.84 13.81 -18.65
C GLY D 154 -43.54 14.25 -17.38
N PHE D 155 -44.19 15.40 -17.48
CA PHE D 155 -44.80 16.04 -16.32
C PHE D 155 -46.17 16.58 -16.71
N VAL D 156 -47.19 16.25 -15.92
CA VAL D 156 -48.52 16.79 -16.16
C VAL D 156 -48.56 18.25 -15.76
N SER D 157 -49.06 19.10 -16.65
CA SER D 157 -49.20 20.52 -16.36
C SER D 157 -50.62 20.93 -15.99
N ASP D 158 -51.62 20.44 -16.73
CA ASP D 158 -52.97 20.95 -16.53
C ASP D 158 -53.97 19.99 -17.16
N ILE D 159 -55.19 20.01 -16.62
CA ILE D 159 -56.32 19.27 -17.16
C ILE D 159 -57.54 20.18 -17.18
N ARG D 160 -58.25 20.18 -18.31
CA ARG D 160 -59.52 20.89 -18.43
C ARG D 160 -60.44 19.97 -19.23
N GLY D 161 -61.49 19.48 -18.58
CA GLY D 161 -62.34 18.47 -19.22
C GLY D 161 -61.56 17.20 -19.43
N ASP D 162 -61.60 16.68 -20.66
CA ASP D 162 -60.87 15.48 -21.02
C ASP D 162 -59.47 15.78 -21.54
N LEU D 163 -59.12 17.04 -21.75
CA LEU D 163 -57.84 17.40 -22.34
C LEU D 163 -56.76 17.47 -21.26
N ILE D 164 -55.67 16.75 -21.50
CA ILE D 164 -54.51 16.74 -20.61
C ILE D 164 -53.34 17.37 -21.34
N ALA D 165 -52.66 18.32 -20.71
CA ALA D 165 -51.49 18.96 -21.28
C ALA D 165 -50.30 18.79 -20.34
N GLY D 166 -49.11 18.67 -20.92
CA GLY D 166 -47.92 18.46 -20.12
C GLY D 166 -46.66 18.80 -20.88
N LEU D 167 -45.53 18.63 -20.19
CA LEU D 167 -44.21 18.91 -20.73
C LEU D 167 -43.38 17.63 -20.73
N GLY D 168 -42.54 17.47 -21.75
CA GLY D 168 -41.77 16.25 -21.88
C GLY D 168 -40.32 16.42 -22.28
N PHE D 169 -39.43 15.67 -21.64
CA PHE D 169 -38.02 15.63 -22.00
CA PHE D 169 -38.02 15.63 -22.00
C PHE D 169 -37.81 14.49 -23.01
N PHE D 170 -38.36 14.70 -24.20
CA PHE D 170 -38.47 13.67 -25.22
C PHE D 170 -37.37 13.74 -26.28
N GLY D 171 -36.19 14.22 -25.90
CA GLY D 171 -35.06 14.23 -26.80
C GLY D 171 -34.91 15.54 -27.55
N GLY D 172 -33.66 15.89 -27.83
CA GLY D 172 -33.31 17.09 -28.57
C GLY D 172 -32.72 18.20 -27.73
N GLY D 173 -32.75 18.07 -26.40
CA GLY D 173 -32.28 19.11 -25.51
C GLY D 173 -33.32 20.14 -25.13
N ARG D 174 -34.40 20.26 -25.90
CA ARG D 174 -35.48 21.17 -25.61
C ARG D 174 -36.65 20.42 -24.98
N VAL D 175 -37.47 21.14 -24.22
CA VAL D 175 -38.64 20.57 -23.58
C VAL D 175 -39.82 20.65 -24.54
N SER D 176 -40.46 19.52 -24.77
CA SER D 176 -41.60 19.44 -25.68
C SER D 176 -42.91 19.61 -24.92
N LEU D 177 -43.93 20.02 -25.65
CA LEU D 177 -45.30 20.05 -25.15
C LEU D 177 -46.03 18.82 -25.64
N PHE D 178 -46.83 18.21 -24.77
CA PHE D 178 -47.62 17.05 -25.17
C PHE D 178 -49.04 17.19 -24.65
N THR D 179 -49.98 16.60 -25.40
CA THR D 179 -51.38 16.55 -25.01
C THR D 179 -51.85 15.11 -24.97
N SER D 180 -52.88 14.86 -24.17
CA SER D 180 -53.50 13.54 -24.08
C SER D 180 -54.97 13.73 -23.72
N ASN D 181 -55.74 12.66 -23.86
CA ASN D 181 -57.17 12.66 -23.56
C ASN D 181 -57.43 11.80 -22.33
N LEU D 182 -58.25 12.31 -21.42
CA LEU D 182 -58.54 11.58 -20.19
C LEU D 182 -59.32 10.30 -20.48
N SER D 183 -60.18 10.31 -21.50
CA SER D 183 -60.98 9.13 -21.83
C SER D 183 -60.24 8.18 -22.77
N SER D 184 -59.86 8.67 -23.95
CA SER D 184 -59.30 7.81 -24.99
C SER D 184 -57.79 7.61 -24.85
N GLY D 185 -57.12 8.37 -23.99
CA GLY D 185 -55.68 8.23 -23.90
C GLY D 185 -54.97 8.85 -25.09
N GLY D 186 -53.89 8.21 -25.51
CA GLY D 186 -53.11 8.68 -26.64
C GLY D 186 -52.12 9.77 -26.26
N LEU D 187 -51.22 10.05 -27.18
CA LEU D 187 -50.16 11.03 -26.95
C LEU D 187 -49.91 11.82 -28.24
N ARG D 188 -49.79 13.13 -28.09
CA ARG D 188 -49.44 14.02 -29.19
C ARG D 188 -48.33 14.94 -28.69
N VAL D 189 -47.22 15.01 -29.43
CA VAL D 189 -46.04 15.74 -29.01
C VAL D 189 -45.82 16.91 -29.95
N PHE D 190 -45.50 18.08 -29.38
CA PHE D 190 -45.27 19.30 -30.16
C PHE D 190 -43.89 19.85 -29.84
N ASP D 191 -42.96 19.73 -30.78
CA ASP D 191 -41.64 20.33 -30.64
C ASP D 191 -41.62 21.72 -31.27
N SER D 192 -41.15 22.70 -30.51
CA SER D 192 -40.98 24.06 -31.00
C SER D 192 -39.52 24.27 -31.40
N GLY D 193 -39.29 24.71 -32.62
CA GLY D 193 -37.94 24.99 -33.06
C GLY D 193 -37.38 26.23 -32.38
N GLU D 194 -36.10 26.14 -31.95
CA GLU D 194 -35.39 27.23 -31.31
C GLU D 194 -36.18 27.77 -30.11
N GLY D 195 -36.41 26.91 -29.13
CA GLY D 195 -37.17 27.25 -27.95
C GLY D 195 -37.45 26.00 -27.15
N SER D 196 -37.95 26.21 -25.95
CA SER D 196 -38.22 25.11 -25.02
C SER D 196 -39.41 25.49 -24.15
N PHE D 197 -40.47 24.68 -24.17
CA PHE D 197 -41.64 24.99 -23.36
C PHE D 197 -41.30 24.86 -21.88
N SER D 198 -41.85 25.79 -21.07
CA SER D 198 -41.55 25.85 -19.65
C SER D 198 -42.77 25.71 -18.74
N SER D 199 -43.96 26.01 -19.24
CA SER D 199 -45.17 25.88 -18.45
C SER D 199 -46.35 25.78 -19.41
N ALA D 200 -47.48 25.31 -18.88
CA ALA D 200 -48.62 25.05 -19.75
C ALA D 200 -49.91 25.08 -18.94
N SER D 201 -50.95 25.66 -19.54
CA SER D 201 -52.29 25.66 -18.96
C SER D 201 -53.29 25.65 -20.11
N ILE D 202 -54.39 24.94 -19.93
CA ILE D 202 -55.39 24.77 -20.99
C ILE D 202 -56.39 25.91 -20.91
N SER D 203 -56.60 26.59 -22.04
CA SER D 203 -57.50 27.73 -22.10
C SER D 203 -58.95 27.27 -22.02
N PRO D 204 -59.87 28.18 -21.65
CA PRO D 204 -61.30 27.83 -21.69
C PRO D 204 -61.75 27.31 -23.04
N GLY D 205 -61.16 27.81 -24.13
CA GLY D 205 -61.44 27.33 -25.46
C GLY D 205 -60.72 26.06 -25.85
N MET D 206 -60.14 25.35 -24.87
CA MET D 206 -59.48 24.06 -25.09
C MET D 206 -58.26 24.17 -26.00
N LYS D 207 -57.64 25.35 -26.02
CA LYS D 207 -56.29 25.50 -26.57
C LYS D 207 -55.29 25.53 -25.43
N VAL D 208 -54.01 25.32 -25.77
CA VAL D 208 -52.95 25.23 -24.78
C VAL D 208 -52.15 26.53 -24.79
N THR D 209 -52.24 27.28 -23.71
CA THR D 209 -51.35 28.41 -23.45
C THR D 209 -50.07 27.90 -22.80
N ALA D 210 -48.92 28.32 -23.33
CA ALA D 210 -47.65 27.80 -22.86
C ALA D 210 -46.61 28.89 -22.86
N GLY D 211 -45.62 28.72 -21.98
CA GLY D 211 -44.46 29.59 -21.96
C GLY D 211 -43.37 28.99 -22.83
N LEU D 212 -42.85 29.79 -23.75
CA LEU D 212 -41.83 29.35 -24.69
C LEU D 212 -40.54 30.10 -24.42
N GLU D 213 -39.59 29.44 -23.75
CA GLU D 213 -38.31 30.05 -23.47
C GLU D 213 -37.35 29.83 -24.62
N THR D 214 -36.65 30.89 -25.01
CA THR D 214 -35.81 30.86 -26.20
C THR D 214 -34.38 31.27 -25.86
N ALA D 215 -33.58 31.55 -26.90
CA ALA D 215 -32.24 32.08 -26.70
C ALA D 215 -32.28 33.40 -25.94
N ARG D 216 -33.13 34.33 -26.38
CA ARG D 216 -33.13 35.70 -25.86
C ARG D 216 -34.26 35.97 -24.88
N GLU D 217 -35.50 35.93 -25.34
CA GLU D 217 -36.65 36.39 -24.57
C GLU D 217 -37.73 35.32 -24.52
N ALA D 218 -38.35 35.16 -23.35
CA ALA D 218 -39.42 34.20 -23.21
C ALA D 218 -40.68 34.72 -23.89
N ARG D 219 -41.47 33.79 -24.44
CA ARG D 219 -42.65 34.12 -25.21
C ARG D 219 -43.87 33.41 -24.64
N LEU D 220 -45.01 34.09 -24.71
CA LEU D 220 -46.29 33.52 -24.33
C LEU D 220 -47.03 33.13 -25.62
N VAL D 221 -47.19 31.83 -25.84
CA VAL D 221 -47.72 31.31 -27.10
C VAL D 221 -48.99 30.51 -26.83
N THR D 222 -49.79 30.37 -27.88
CA THR D 222 -50.97 29.50 -27.88
C THR D 222 -50.71 28.34 -28.84
N VAL D 223 -50.91 27.13 -28.35
CA VAL D 223 -50.74 25.92 -29.15
C VAL D 223 -52.11 25.34 -29.43
N ASP D 224 -52.46 25.22 -30.70
CA ASP D 224 -53.70 24.54 -31.07
C ASP D 224 -53.42 23.04 -31.08
N PRO D 225 -53.99 22.28 -30.15
CA PRO D 225 -53.71 20.84 -30.10
C PRO D 225 -54.27 20.05 -31.28
N ARG D 226 -55.02 20.69 -32.17
CA ARG D 226 -55.64 19.99 -33.30
C ARG D 226 -54.72 19.90 -34.51
N ASP D 227 -53.85 20.90 -34.73
CA ASP D 227 -52.90 20.87 -35.83
C ASP D 227 -51.49 21.26 -35.41
N GLY D 228 -51.26 21.45 -34.12
CA GLY D 228 -49.93 21.81 -33.65
C GLY D 228 -49.46 23.19 -34.02
N SER D 229 -50.37 24.11 -34.37
CA SER D 229 -50.00 25.46 -34.71
C SER D 229 -49.67 26.25 -33.44
N VAL D 230 -48.55 26.96 -33.47
CA VAL D 230 -48.07 27.76 -32.34
C VAL D 230 -48.07 29.21 -32.77
N GLU D 231 -48.83 30.05 -32.07
CA GLU D 231 -48.89 31.47 -32.38
C GLU D 231 -48.84 32.28 -31.10
N ASP D 232 -48.32 33.50 -31.21
CA ASP D 232 -48.15 34.36 -30.04
C ASP D 232 -49.50 34.71 -29.43
N LEU D 233 -49.54 34.70 -28.10
CA LEU D 233 -50.74 35.07 -27.35
C LEU D 233 -50.61 36.52 -26.95
N GLU D 234 -51.32 37.40 -27.65
CA GLU D 234 -51.36 38.81 -27.29
C GLU D 234 -52.33 39.00 -26.14
N LEU D 235 -51.93 39.78 -25.16
CA LEU D 235 -52.73 40.01 -23.97
C LEU D 235 -53.34 41.41 -23.99
N PRO D 236 -54.45 41.61 -23.27
CA PRO D 236 -55.06 42.96 -23.22
C PRO D 236 -54.10 44.03 -22.71
N SER D 237 -53.52 43.81 -21.53
CA SER D 237 -52.53 44.72 -20.99
C SER D 237 -51.14 44.36 -21.51
N LYS D 238 -50.35 45.39 -21.81
CA LYS D 238 -49.04 45.20 -22.41
C LYS D 238 -47.91 45.21 -21.38
N ASP D 239 -48.23 45.18 -20.08
CA ASP D 239 -47.17 45.16 -19.07
C ASP D 239 -46.28 43.94 -19.24
N PHE D 240 -46.86 42.78 -19.56
CA PHE D 240 -46.08 41.56 -19.67
C PHE D 240 -45.11 41.64 -20.84
N SER D 241 -45.58 42.07 -22.01
CA SER D 241 -44.69 42.17 -23.16
C SER D 241 -43.60 43.22 -22.93
N SER D 242 -43.96 44.34 -22.30
CA SER D 242 -42.98 45.38 -22.02
C SER D 242 -41.99 44.94 -20.94
N TYR D 243 -42.34 43.91 -20.17
CA TYR D 243 -41.45 43.42 -19.12
C TYR D 243 -40.23 42.70 -19.70
N ARG D 244 -40.37 42.15 -20.92
CA ARG D 244 -39.30 41.44 -21.63
C ARG D 244 -38.74 40.29 -20.80
N PRO D 245 -39.55 39.30 -20.45
CA PRO D 245 -39.02 38.21 -19.61
C PRO D 245 -38.09 37.30 -20.37
N THR D 246 -37.12 36.76 -19.65
CA THR D 246 -36.24 35.73 -20.18
C THR D 246 -36.66 34.33 -19.76
N ALA D 247 -37.58 34.21 -18.82
CA ALA D 247 -38.13 32.93 -18.42
C ALA D 247 -39.57 33.13 -17.98
N ILE D 248 -40.36 32.07 -18.12
CA ILE D 248 -41.74 32.06 -17.65
C ILE D 248 -41.84 30.93 -16.62
N THR D 249 -41.92 31.30 -15.35
CA THR D 249 -41.86 30.34 -14.26
C THR D 249 -43.13 29.48 -14.21
N TRP D 250 -44.29 30.11 -14.33
CA TRP D 250 -45.55 29.42 -14.12
C TRP D 250 -46.67 30.25 -14.73
N LEU D 251 -47.68 29.57 -15.24
CA LEU D 251 -48.89 30.24 -15.71
C LEU D 251 -50.06 29.31 -15.49
N GLY D 252 -51.22 29.90 -15.22
CA GLY D 252 -52.43 29.12 -15.02
C GLY D 252 -53.64 30.02 -15.10
N TYR D 253 -54.75 29.43 -15.52
CA TYR D 253 -56.01 30.17 -15.59
C TYR D 253 -56.71 30.13 -14.24
N LEU D 254 -57.10 31.30 -13.76
CA LEU D 254 -57.86 31.42 -12.54
C LEU D 254 -59.27 30.88 -12.78
N PRO D 255 -60.04 30.62 -11.72
CA PRO D 255 -61.41 30.12 -11.92
C PRO D 255 -62.31 31.08 -12.70
N ASP D 256 -61.99 32.36 -12.76
CA ASP D 256 -62.81 33.33 -13.49
C ASP D 256 -62.35 33.50 -14.94
N GLY D 257 -61.43 32.67 -15.41
CA GLY D 257 -60.99 32.71 -16.79
C GLY D 257 -59.80 33.58 -17.09
N ARG D 258 -59.37 34.42 -16.14
CA ARG D 258 -58.21 35.26 -16.35
C ARG D 258 -56.93 34.42 -16.32
N LEU D 259 -55.92 34.88 -17.05
CA LEU D 259 -54.65 34.17 -17.19
C LEU D 259 -53.63 34.80 -16.26
N ALA D 260 -53.20 34.04 -15.25
CA ALA D 260 -52.13 34.48 -14.34
C ALA D 260 -50.80 33.98 -14.86
N VAL D 261 -49.80 34.86 -14.92
CA VAL D 261 -48.48 34.54 -15.44
C VAL D 261 -47.44 35.03 -14.44
N VAL D 262 -46.51 34.16 -14.09
CA VAL D 262 -45.32 34.53 -13.34
C VAL D 262 -44.13 34.37 -14.26
N ALA D 263 -43.50 35.48 -14.61
CA ALA D 263 -42.33 35.50 -15.47
C ALA D 263 -41.20 36.18 -14.71
N ARG D 264 -39.96 35.91 -15.10
CA ARG D 264 -38.81 36.45 -14.39
CA ARG D 264 -38.81 36.44 -14.39
C ARG D 264 -37.80 37.03 -15.36
N ARG D 265 -36.88 37.79 -14.81
CA ARG D 265 -35.87 38.50 -15.57
C ARG D 265 -34.82 39.03 -14.60
N GLU D 266 -33.53 38.84 -14.93
CA GLU D 266 -32.44 39.36 -14.11
C GLU D 266 -32.52 38.86 -12.66
N GLY D 267 -32.92 37.60 -12.48
CA GLY D 267 -32.94 37.01 -11.17
C GLY D 267 -34.14 37.36 -10.31
N ARG D 268 -35.09 38.14 -10.83
CA ARG D 268 -36.31 38.46 -10.10
C ARG D 268 -37.52 38.26 -11.00
N SER D 269 -38.66 38.00 -10.39
CA SER D 269 -39.88 37.67 -11.12
C SER D 269 -40.94 38.76 -10.94
N ALA D 270 -42.00 38.66 -11.73
CA ALA D 270 -43.13 39.58 -11.66
C ALA D 270 -44.42 38.81 -11.93
N VAL D 271 -45.52 39.30 -11.38
CA VAL D 271 -46.83 38.67 -11.48
C VAL D 271 -47.70 39.48 -12.43
N PHE D 272 -48.37 38.79 -13.35
CA PHE D 272 -49.25 39.43 -14.33
C PHE D 272 -50.60 38.73 -14.37
N ILE D 273 -51.67 39.52 -14.44
CA ILE D 273 -53.03 39.03 -14.57
C ILE D 273 -53.58 39.58 -15.89
N ASP D 274 -53.82 38.69 -16.85
CA ASP D 274 -54.22 39.08 -18.21
C ASP D 274 -53.28 40.15 -18.76
N GLY D 275 -51.99 39.97 -18.51
CA GLY D 275 -50.97 40.88 -19.00
C GLY D 275 -50.70 42.07 -18.10
N GLU D 276 -51.59 42.38 -17.17
CA GLU D 276 -51.40 43.52 -16.28
C GLU D 276 -50.58 43.11 -15.07
N ARG D 277 -49.52 43.88 -14.79
CA ARG D 277 -48.62 43.54 -13.70
C ARG D 277 -49.24 43.88 -12.36
N VAL D 278 -49.04 42.99 -11.38
CA VAL D 278 -49.52 43.17 -10.02
C VAL D 278 -48.33 43.45 -9.12
N GLU D 279 -48.48 44.43 -8.23
CA GLU D 279 -47.42 44.76 -7.30
C GLU D 279 -47.06 43.55 -6.44
N ALA D 280 -45.77 43.26 -6.33
CA ALA D 280 -45.28 42.10 -5.61
C ALA D 280 -43.98 42.43 -4.90
N PRO D 281 -43.74 41.83 -3.74
CA PRO D 281 -42.46 42.06 -3.06
C PRO D 281 -41.29 41.56 -3.89
N GLN D 282 -40.19 42.30 -3.84
CA GLN D 282 -39.02 41.99 -4.67
C GLN D 282 -38.48 40.61 -4.37
N GLY D 283 -38.16 39.88 -5.42
CA GLY D 283 -37.66 38.53 -5.28
C GLY D 283 -38.24 37.60 -6.32
N ASN D 284 -38.59 36.38 -5.91
CA ASN D 284 -39.11 35.39 -6.82
C ASN D 284 -40.39 34.78 -6.24
N HIS D 285 -41.30 34.43 -7.13
CA HIS D 285 -42.65 34.05 -6.74
C HIS D 285 -43.02 32.70 -7.36
N GLY D 286 -43.88 31.98 -6.67
CA GLY D 286 -44.41 30.72 -7.14
C GLY D 286 -45.71 30.89 -7.89
N ARG D 287 -46.57 29.89 -7.78
CA ARG D 287 -47.85 29.96 -8.46
C ARG D 287 -48.72 31.04 -7.81
N VAL D 288 -49.70 31.52 -8.57
CA VAL D 288 -50.63 32.54 -8.09
C VAL D 288 -52.02 31.91 -8.02
N VAL D 289 -52.72 32.16 -6.91
CA VAL D 289 -54.08 31.69 -6.72
C VAL D 289 -54.95 32.87 -6.32
N LEU D 290 -56.23 32.75 -6.59
CA LEU D 290 -57.23 33.70 -6.13
C LEU D 290 -57.91 33.07 -4.90
N TRP D 291 -57.70 33.69 -3.74
CA TRP D 291 -58.18 33.17 -2.46
C TRP D 291 -59.00 34.26 -1.78
N ARG D 292 -60.30 34.02 -1.64
CA ARG D 292 -61.22 34.98 -1.04
C ARG D 292 -61.12 36.34 -1.72
N GLY D 293 -61.13 36.32 -3.05
CA GLY D 293 -61.10 37.54 -3.85
C GLY D 293 -59.80 38.30 -3.83
N LYS D 294 -58.75 37.75 -3.23
CA LYS D 294 -57.44 38.38 -3.19
C LYS D 294 -56.40 37.46 -3.84
N LEU D 295 -55.38 38.07 -4.42
CA LEU D 295 -54.28 37.31 -5.01
C LEU D 295 -53.29 36.86 -3.94
N VAL D 296 -52.82 35.62 -4.06
CA VAL D 296 -51.90 35.02 -3.12
C VAL D 296 -50.82 34.28 -3.89
N THR D 297 -49.57 34.39 -3.44
CA THR D 297 -48.45 33.70 -4.07
C THR D 297 -47.43 33.38 -2.98
N SER D 298 -46.40 32.62 -3.37
CA SER D 298 -45.25 32.40 -2.50
C SER D 298 -44.16 33.40 -2.85
N HIS D 299 -43.37 33.77 -1.85
CA HIS D 299 -42.32 34.77 -2.05
C HIS D 299 -41.04 34.33 -1.38
N THR D 300 -39.93 34.52 -2.10
CA THR D 300 -38.60 34.27 -1.56
C THR D 300 -37.65 35.34 -2.09
N SER D 301 -36.59 35.58 -1.32
CA SER D 301 -35.52 36.49 -1.72
C SER D 301 -34.30 36.14 -0.91
N LEU D 302 -33.17 36.77 -1.24
CA LEU D 302 -31.93 36.53 -0.52
C LEU D 302 -32.04 36.88 0.96
N SER D 303 -33.00 37.73 1.35
CA SER D 303 -33.20 38.11 2.74
C SER D 303 -34.44 37.48 3.35
N THR D 304 -35.23 36.72 2.59
CA THR D 304 -36.51 36.21 3.05
C THR D 304 -36.63 34.74 2.73
N PRO D 305 -36.78 33.86 3.72
CA PRO D 305 -37.08 32.47 3.43
C PRO D 305 -38.43 32.35 2.75
N PRO D 306 -38.63 31.31 1.93
CA PRO D 306 -39.91 31.17 1.21
C PRO D 306 -41.12 31.28 2.13
N ARG D 307 -42.10 32.06 1.68
CA ARG D 307 -43.25 32.41 2.50
C ARG D 307 -44.45 32.69 1.60
N ILE D 308 -45.63 32.64 2.19
CA ILE D 308 -46.88 32.90 1.49
C ILE D 308 -47.28 34.34 1.77
N VAL D 309 -47.49 35.12 0.71
CA VAL D 309 -47.81 36.55 0.85
C VAL D 309 -49.08 36.85 0.08
N SER D 310 -49.77 37.90 0.51
CA SER D 310 -50.91 38.42 -0.21
C SER D 310 -50.47 39.53 -1.17
N LEU D 311 -51.01 39.52 -2.39
CA LEU D 311 -50.75 40.59 -3.33
C LEU D 311 -51.94 41.53 -3.41
N PRO D 312 -51.72 42.83 -3.66
CA PRO D 312 -50.43 43.51 -3.93
C PRO D 312 -49.72 44.05 -2.67
N SER D 313 -50.26 43.85 -1.47
CA SER D 313 -49.65 44.44 -0.29
C SER D 313 -48.30 43.83 0.03
N GLY D 314 -48.10 42.55 -0.29
CA GLY D 314 -46.92 41.84 0.16
C GLY D 314 -46.99 41.35 1.59
N GLU D 315 -48.13 41.50 2.24
CA GLU D 315 -48.26 41.10 3.64
C GLU D 315 -48.08 39.59 3.77
N PRO D 316 -47.22 39.11 4.68
CA PRO D 316 -47.07 37.67 4.84
C PRO D 316 -48.32 37.07 5.50
N LEU D 317 -48.85 36.04 4.85
CA LEU D 317 -49.90 35.24 5.47
C LEU D 317 -49.33 34.09 6.28
N LEU D 318 -48.16 33.59 5.89
CA LEU D 318 -47.58 32.41 6.53
C LEU D 318 -46.08 32.46 6.28
N GLU D 319 -45.29 32.65 7.34
CA GLU D 319 -43.85 32.69 7.21
C GLU D 319 -43.21 32.13 8.47
N GLY D 320 -42.04 31.52 8.29
CA GLY D 320 -41.30 30.99 9.43
C GLY D 320 -40.67 32.09 10.27
N GLY D 321 -40.57 31.81 11.56
CA GLY D 321 -40.04 32.80 12.48
C GLY D 321 -38.51 32.79 12.53
N LEU D 322 -37.94 34.00 12.49
CA LEU D 322 -36.53 34.25 12.70
C LEU D 322 -36.40 35.33 13.77
N PRO D 323 -35.46 35.20 14.70
CA PRO D 323 -35.30 36.23 15.74
C PRO D 323 -34.93 37.57 15.12
N GLU D 324 -35.27 38.65 15.85
CA GLU D 324 -35.04 40.00 15.36
C GLU D 324 -33.56 40.24 15.06
N ASP D 325 -32.67 39.73 15.91
CA ASP D 325 -31.24 39.87 15.69
C ASP D 325 -30.84 39.21 14.38
N LEU D 326 -31.06 37.90 14.27
CA LEU D 326 -30.73 37.17 13.05
C LEU D 326 -31.41 37.81 11.83
N ARG D 327 -32.65 38.27 12.01
CA ARG D 327 -33.34 38.98 10.93
C ARG D 327 -32.56 40.23 10.51
N ARG D 328 -32.12 41.03 11.49
CA ARG D 328 -31.39 42.26 11.18
C ARG D 328 -30.01 41.99 10.58
N SER D 329 -29.44 40.80 10.81
CA SER D 329 -28.12 40.50 10.27
C SER D 329 -28.16 40.34 8.74
N ILE D 330 -29.26 39.81 8.21
CA ILE D 330 -29.42 39.60 6.79
C ILE D 330 -30.21 40.79 6.26
N ALA D 331 -29.51 41.76 5.66
CA ALA D 331 -30.08 43.08 5.41
C ALA D 331 -29.98 43.44 3.93
N GLY D 332 -31.02 43.10 3.16
CA GLY D 332 -31.21 43.67 1.84
C GLY D 332 -30.32 43.12 0.74
N SER D 333 -30.90 42.90 -0.42
CA SER D 333 -30.16 42.44 -1.59
C SER D 333 -30.37 43.41 -2.75
N ARG D 334 -29.36 43.50 -3.61
CA ARG D 334 -29.44 44.35 -4.78
C ARG D 334 -28.68 43.70 -5.92
N LEU D 335 -29.05 44.09 -7.14
CA LEU D 335 -28.38 43.62 -8.35
C LEU D 335 -27.45 44.72 -8.87
N VAL D 336 -26.21 44.35 -9.15
CA VAL D 336 -25.25 45.26 -9.74
C VAL D 336 -24.67 44.62 -10.99
N TRP D 337 -24.26 45.47 -11.94
CA TRP D 337 -23.69 45.04 -13.21
C TRP D 337 -22.20 45.35 -13.18
N VAL D 338 -21.40 44.33 -12.95
CA VAL D 338 -19.95 44.47 -12.74
C VAL D 338 -19.24 44.38 -14.08
N GLU D 339 -18.38 45.37 -14.34
CA GLU D 339 -17.60 45.40 -15.59
C GLU D 339 -16.50 44.34 -15.56
N SER D 340 -16.53 43.42 -16.53
CA SER D 340 -15.58 42.33 -16.58
C SER D 340 -14.41 42.68 -17.49
N PHE D 341 -13.54 41.70 -17.75
CA PHE D 341 -12.25 41.94 -18.39
C PHE D 341 -12.36 42.19 -19.89
N ASP D 342 -13.44 41.76 -20.53
CA ASP D 342 -13.55 41.84 -21.98
C ASP D 342 -14.57 42.88 -22.45
N GLY D 343 -15.10 43.70 -21.55
CA GLY D 343 -16.12 44.67 -21.87
C GLY D 343 -17.52 44.29 -21.47
N SER D 344 -17.79 42.99 -21.30
CA SER D 344 -19.09 42.54 -20.83
C SER D 344 -19.28 42.85 -19.36
N ARG D 345 -20.53 43.14 -18.99
CA ARG D 345 -20.89 43.38 -17.60
C ARG D 345 -21.50 42.13 -16.98
N VAL D 346 -21.12 41.84 -15.74
CA VAL D 346 -21.50 40.62 -15.05
C VAL D 346 -22.64 40.95 -14.08
N PRO D 347 -23.84 40.39 -14.26
CA PRO D 347 -24.93 40.66 -13.32
C PRO D 347 -24.68 39.94 -12.00
N THR D 348 -24.55 40.71 -10.93
CA THR D 348 -24.04 40.21 -9.66
C THR D 348 -24.99 40.60 -8.53
N TYR D 349 -25.42 39.61 -7.76
CA TYR D 349 -26.26 39.90 -6.59
C TYR D 349 -25.41 40.11 -5.36
N VAL D 350 -25.80 41.08 -4.55
CA VAL D 350 -25.06 41.47 -3.36
C VAL D 350 -26.00 41.40 -2.18
N LEU D 351 -25.64 40.62 -1.17
CA LEU D 351 -26.36 40.53 0.09
C LEU D 351 -25.50 41.18 1.16
N GLU D 352 -25.96 42.30 1.70
CA GLU D 352 -25.19 43.01 2.71
C GLU D 352 -25.52 42.46 4.09
N SER D 353 -24.50 42.46 4.95
CA SER D 353 -24.63 41.97 6.31
C SER D 353 -24.89 43.14 7.26
N GLY D 354 -25.84 42.98 8.16
CA GLY D 354 -26.06 43.96 9.20
C GLY D 354 -25.13 43.84 10.37
N ARG D 355 -24.29 42.82 10.38
CA ARG D 355 -23.28 42.62 11.41
C ARG D 355 -21.87 42.89 10.91
N ALA D 356 -21.76 43.50 9.73
CA ALA D 356 -20.47 43.88 9.18
C ALA D 356 -20.46 45.37 8.87
N PRO D 357 -19.33 46.04 9.05
CA PRO D 357 -19.23 47.45 8.68
C PRO D 357 -19.11 47.59 7.16
N THR D 358 -19.15 48.85 6.72
CA THR D 358 -18.97 49.18 5.31
C THR D 358 -17.84 50.21 5.19
N PRO D 359 -16.67 49.82 4.69
CA PRO D 359 -16.30 48.50 4.15
C PRO D 359 -16.15 47.43 5.23
N GLY D 360 -16.41 46.18 4.87
CA GLY D 360 -16.26 45.08 5.80
C GLY D 360 -15.83 43.81 5.08
N PRO D 361 -15.59 42.75 5.85
CA PRO D 361 -15.22 41.47 5.24
C PRO D 361 -16.29 41.00 4.26
N THR D 362 -15.84 40.52 3.12
CA THR D 362 -16.74 40.21 2.01
C THR D 362 -16.32 38.90 1.37
N VAL D 363 -17.28 38.01 1.16
CA VAL D 363 -17.05 36.70 0.56
C VAL D 363 -17.67 36.69 -0.82
N VAL D 364 -16.86 36.41 -1.84
CA VAL D 364 -17.38 36.17 -3.18
C VAL D 364 -17.81 34.71 -3.24
N LEU D 365 -19.12 34.47 -3.22
CA LEU D 365 -19.68 33.13 -3.15
C LEU D 365 -19.93 32.67 -4.58
N VAL D 366 -19.05 31.81 -5.09
CA VAL D 366 -19.11 31.37 -6.49
C VAL D 366 -20.10 30.23 -6.60
N HIS D 367 -21.09 30.36 -7.48
CA HIS D 367 -22.06 29.30 -7.62
C HIS D 367 -21.49 28.17 -8.48
N GLY D 368 -22.08 26.98 -8.34
CA GLY D 368 -21.65 25.82 -9.07
C GLY D 368 -22.47 25.61 -10.33
N GLY D 369 -22.23 24.48 -10.98
CA GLY D 369 -22.96 24.11 -12.17
C GLY D 369 -22.05 23.65 -13.28
N PRO D 370 -21.54 24.61 -14.09
CA PRO D 370 -21.72 26.06 -14.00
C PRO D 370 -23.02 26.58 -14.59
N PHE D 371 -23.84 25.74 -15.23
CA PHE D 371 -25.08 26.20 -15.85
C PHE D 371 -26.15 26.35 -14.76
N ALA D 372 -25.95 27.37 -13.93
CA ALA D 372 -26.85 27.70 -12.84
C ALA D 372 -26.86 29.21 -12.70
N GLU D 373 -27.60 29.71 -11.71
CA GLU D 373 -27.85 31.15 -11.61
C GLU D 373 -27.88 31.58 -10.15
N ASP D 374 -27.25 32.72 -9.87
CA ASP D 374 -27.41 33.42 -8.59
C ASP D 374 -28.56 34.40 -8.77
N SER D 375 -29.72 34.06 -8.21
CA SER D 375 -30.91 34.90 -8.30
C SER D 375 -31.26 35.44 -6.93
N ASP D 376 -32.29 36.29 -6.89
CA ASP D 376 -32.76 36.86 -5.63
C ASP D 376 -33.69 35.85 -4.96
N SER D 377 -33.08 34.77 -4.47
CA SER D 377 -33.79 33.69 -3.80
C SER D 377 -33.05 33.34 -2.52
N TRP D 378 -33.77 32.70 -1.60
CA TRP D 378 -33.20 32.35 -0.30
C TRP D 378 -32.06 31.35 -0.45
N ASP D 379 -30.92 31.67 0.15
CA ASP D 379 -29.71 30.85 0.09
C ASP D 379 -29.17 30.72 1.51
N THR D 380 -29.21 29.49 2.04
CA THR D 380 -28.76 29.26 3.41
C THR D 380 -27.28 29.63 3.59
N PHE D 381 -26.45 29.32 2.60
CA PHE D 381 -25.03 29.68 2.68
C PHE D 381 -24.86 31.18 2.82
N ALA D 382 -25.42 31.95 1.88
CA ALA D 382 -25.30 33.40 1.91
C ALA D 382 -25.88 33.99 3.19
N ALA D 383 -27.03 33.45 3.63
CA ALA D 383 -27.62 33.94 4.88
C ALA D 383 -26.73 33.62 6.07
N SER D 384 -26.14 32.42 6.11
CA SER D 384 -25.22 32.08 7.19
C SER D 384 -24.01 32.99 7.19
N LEU D 385 -23.44 33.24 6.00
CA LEU D 385 -22.30 34.15 5.91
C LEU D 385 -22.66 35.54 6.41
N ALA D 386 -23.83 36.04 6.03
CA ALA D 386 -24.26 37.36 6.49
C ALA D 386 -24.47 37.37 8.00
N ALA D 387 -25.05 36.30 8.55
CA ALA D 387 -25.24 36.20 9.99
C ALA D 387 -23.92 36.18 10.75
N ALA D 388 -22.84 35.77 10.11
CA ALA D 388 -21.52 35.72 10.73
C ALA D 388 -20.70 36.98 10.48
N GLY D 389 -21.28 38.00 9.87
CA GLY D 389 -20.59 39.25 9.68
C GLY D 389 -19.85 39.40 8.37
N PHE D 390 -20.33 38.77 7.30
CA PHE D 390 -19.72 38.86 5.98
C PHE D 390 -20.73 39.38 4.98
N HIS D 391 -20.34 40.37 4.19
CA HIS D 391 -21.09 40.70 2.99
C HIS D 391 -20.89 39.59 1.96
N VAL D 392 -21.94 39.30 1.20
CA VAL D 392 -21.92 38.20 0.25
C VAL D 392 -22.09 38.77 -1.16
N VAL D 393 -21.19 38.38 -2.06
CA VAL D 393 -21.18 38.83 -3.44
C VAL D 393 -21.33 37.61 -4.33
N MET D 394 -22.40 37.56 -5.12
CA MET D 394 -22.75 36.39 -5.92
C MET D 394 -22.79 36.74 -7.40
N PRO D 395 -21.70 36.53 -8.14
CA PRO D 395 -21.66 36.94 -9.54
C PRO D 395 -22.11 35.86 -10.51
N ASN D 396 -22.93 36.26 -11.48
CA ASN D 396 -23.38 35.36 -12.55
C ASN D 396 -22.34 35.41 -13.66
N TYR D 397 -21.22 34.75 -13.42
CA TYR D 397 -20.14 34.66 -14.39
C TYR D 397 -20.64 33.99 -15.67
N ARG D 398 -19.94 34.27 -16.76
CA ARG D 398 -20.32 33.71 -18.06
C ARG D 398 -20.37 32.19 -17.98
N GLY D 399 -21.42 31.61 -18.54
CA GLY D 399 -21.81 30.24 -18.31
C GLY D 399 -23.01 30.11 -17.41
N SER D 400 -23.34 31.17 -16.67
CA SER D 400 -24.54 31.17 -15.86
C SER D 400 -25.79 31.07 -16.72
N THR D 401 -26.85 30.53 -16.14
CA THR D 401 -28.16 30.55 -16.76
C THR D 401 -28.93 31.80 -16.30
N GLY D 402 -30.03 32.07 -16.99
CA GLY D 402 -30.91 33.16 -16.61
C GLY D 402 -30.64 34.49 -17.29
N TYR D 403 -29.67 34.56 -18.20
CA TYR D 403 -29.35 35.82 -18.87
C TYR D 403 -29.10 35.61 -20.35
N GLY D 404 -29.76 34.63 -20.94
CA GLY D 404 -29.66 34.41 -22.36
C GLY D 404 -28.72 33.27 -22.70
N GLU D 405 -29.02 32.59 -23.82
CA GLU D 405 -28.22 31.44 -24.23
C GLU D 405 -26.80 31.85 -24.62
N GLU D 406 -26.64 33.06 -25.18
CA GLU D 406 -25.31 33.52 -25.57
C GLU D 406 -24.38 33.64 -24.36
N TRP D 407 -24.88 34.24 -23.27
CA TRP D 407 -24.05 34.40 -22.07
C TRP D 407 -23.69 33.05 -21.47
N ARG D 408 -24.61 32.08 -21.53
CA ARG D 408 -24.33 30.75 -21.00
C ARG D 408 -23.26 30.04 -21.81
N LEU D 409 -23.28 30.18 -23.13
CA LEU D 409 -22.36 29.47 -24.01
C LEU D 409 -20.97 30.07 -24.04
N LYS D 410 -20.77 31.27 -23.47
CA LYS D 410 -19.45 31.91 -23.52
C LYS D 410 -18.40 31.13 -22.74
N ILE D 411 -18.82 30.29 -21.79
CA ILE D 411 -17.86 29.49 -21.03
C ILE D 411 -17.33 28.30 -21.83
N ILE D 412 -18.05 27.89 -22.88
CA ILE D 412 -17.66 26.71 -23.64
C ILE D 412 -16.27 26.91 -24.24
N GLY D 413 -15.37 25.98 -23.95
CA GLY D 413 -14.00 26.09 -24.43
C GLY D 413 -13.11 26.99 -23.63
N ASP D 414 -13.58 27.53 -22.50
CA ASP D 414 -12.81 28.45 -21.69
C ASP D 414 -13.05 28.21 -20.20
N PRO D 415 -12.75 27.00 -19.70
CA PRO D 415 -12.82 26.78 -18.25
C PRO D 415 -11.65 27.46 -17.57
N CYS D 416 -11.88 27.99 -16.37
CA CYS D 416 -10.88 28.79 -15.66
C CYS D 416 -10.25 29.83 -16.59
N GLY D 417 -11.11 30.58 -17.28
CA GLY D 417 -10.68 31.63 -18.17
C GLY D 417 -11.55 32.87 -18.10
N GLY D 418 -12.52 32.96 -19.00
CA GLY D 418 -13.42 34.10 -19.02
C GLY D 418 -14.23 34.21 -17.74
N GLU D 419 -14.78 33.09 -17.27
CA GLU D 419 -15.61 33.14 -16.07
C GLU D 419 -14.79 33.47 -14.83
N LEU D 420 -13.52 33.05 -14.80
CA LEU D 420 -12.64 33.46 -13.70
C LEU D 420 -12.46 34.97 -13.67
N GLU D 421 -12.33 35.59 -14.85
CA GLU D 421 -12.25 37.03 -14.91
C GLU D 421 -13.50 37.68 -14.36
N ASP D 422 -14.67 37.11 -14.69
CA ASP D 422 -15.93 37.62 -14.15
C ASP D 422 -15.93 37.58 -12.63
N VAL D 423 -15.47 36.47 -12.05
CA VAL D 423 -15.37 36.37 -10.59
C VAL D 423 -14.40 37.42 -10.06
N SER D 424 -13.25 37.56 -10.71
CA SER D 424 -12.26 38.55 -10.26
C SER D 424 -12.80 39.96 -10.39
N ALA D 425 -13.51 40.25 -11.48
CA ALA D 425 -14.11 41.58 -11.65
C ALA D 425 -15.11 41.88 -10.55
N ALA D 426 -15.89 40.87 -10.14
CA ALA D 426 -16.82 41.07 -9.03
C ALA D 426 -16.08 41.31 -7.73
N ALA D 427 -14.98 40.59 -7.51
CA ALA D 427 -14.16 40.82 -6.32
C ALA D 427 -13.54 42.21 -6.35
N ARG D 428 -12.98 42.61 -7.49
CA ARG D 428 -12.39 43.95 -7.61
C ARG D 428 -13.46 45.03 -7.46
N TRP D 429 -14.68 44.78 -7.93
CA TRP D 429 -15.75 45.76 -7.76
C TRP D 429 -16.10 45.96 -6.29
N ALA D 430 -16.16 44.88 -5.51
CA ALA D 430 -16.55 44.98 -4.11
C ALA D 430 -15.62 45.90 -3.34
N ARG D 431 -14.33 45.88 -3.67
CA ARG D 431 -13.39 46.80 -3.03
C ARG D 431 -13.53 48.21 -3.59
N GLU D 432 -13.59 48.34 -4.91
CA GLU D 432 -13.61 49.65 -5.55
C GLU D 432 -14.85 50.45 -5.16
N SER D 433 -15.97 49.78 -4.89
CA SER D 433 -17.20 50.46 -4.52
C SER D 433 -17.27 50.79 -3.04
N GLY D 434 -16.29 50.37 -2.25
CA GLY D 434 -16.27 50.67 -0.83
C GLY D 434 -17.04 49.71 0.04
N LEU D 435 -17.38 48.52 -0.47
CA LEU D 435 -18.11 47.53 0.30
C LEU D 435 -17.19 46.56 1.02
N ALA D 436 -16.10 46.17 0.38
CA ALA D 436 -15.21 45.13 0.87
C ALA D 436 -13.95 45.73 1.47
N SER D 437 -13.69 45.43 2.74
CA SER D 437 -12.41 45.74 3.36
C SER D 437 -11.40 44.62 3.12
N GLU D 438 -11.84 43.36 3.17
CA GLU D 438 -11.01 42.22 2.81
C GLU D 438 -11.86 41.27 1.98
N LEU D 439 -11.20 40.49 1.13
CA LEU D 439 -11.87 39.67 0.14
C LEU D 439 -11.61 38.18 0.41
N TYR D 440 -12.68 37.40 0.41
CA TYR D 440 -12.60 35.94 0.47
C TYR D 440 -13.36 35.34 -0.69
N ILE D 441 -12.96 34.15 -1.11
CA ILE D 441 -13.64 33.41 -2.16
C ILE D 441 -14.07 32.06 -1.61
N MET D 442 -15.25 31.61 -2.01
CA MET D 442 -15.86 30.40 -1.49
C MET D 442 -16.82 29.84 -2.52
N GLY D 443 -16.77 28.53 -2.73
CA GLY D 443 -17.63 27.89 -3.69
C GLY D 443 -17.62 26.38 -3.54
N TYR D 444 -18.63 25.75 -4.11
CA TYR D 444 -18.80 24.30 -4.02
C TYR D 444 -19.02 23.72 -5.40
N SER D 445 -18.58 22.47 -5.58
CA SER D 445 -18.63 21.75 -6.85
C SER D 445 -17.87 22.58 -7.88
N TYR D 446 -18.50 23.06 -8.96
CA TYR D 446 -17.78 23.92 -9.89
C TYR D 446 -17.30 25.19 -9.22
N GLY D 447 -18.06 25.69 -8.23
CA GLY D 447 -17.59 26.83 -7.47
C GLY D 447 -16.33 26.53 -6.68
N GLY D 448 -16.19 25.31 -6.18
CA GLY D 448 -14.96 24.92 -5.51
C GLY D 448 -13.78 24.86 -6.47
N TYR D 449 -14.03 24.34 -7.68
CA TYR D 449 -13.01 24.38 -8.72
C TYR D 449 -12.58 25.81 -9.02
N MET D 450 -13.54 26.74 -9.06
CA MET D 450 -13.23 28.15 -9.28
C MET D 450 -12.34 28.71 -8.18
N THR D 451 -12.62 28.34 -6.92
CA THR D 451 -11.80 28.82 -5.81
C THR D 451 -10.34 28.42 -6.01
N LEU D 452 -10.10 27.13 -6.32
CA LEU D 452 -8.76 26.68 -6.62
C LEU D 452 -8.19 27.41 -7.84
N CYS D 453 -9.03 27.58 -8.87
CA CYS D 453 -8.61 28.31 -10.05
C CYS D 453 -8.25 29.76 -9.71
N ALA D 454 -8.96 30.36 -8.76
CA ALA D 454 -8.68 31.74 -8.39
C ALA D 454 -7.38 31.86 -7.59
N LEU D 455 -7.19 30.98 -6.60
CA LEU D 455 -5.99 31.07 -5.76
C LEU D 455 -4.72 30.73 -6.53
N THR D 456 -4.81 29.97 -7.61
CA THR D 456 -3.63 29.66 -8.43
C THR D 456 -3.39 30.73 -9.51
N MET D 457 -4.44 31.10 -10.25
CA MET D 457 -4.28 32.01 -11.37
C MET D 457 -4.37 33.48 -10.97
N LYS D 458 -4.89 33.79 -9.78
CA LYS D 458 -5.00 35.17 -9.31
C LYS D 458 -4.58 35.27 -7.84
N PRO D 459 -3.34 34.90 -7.52
CA PRO D 459 -2.89 35.03 -6.13
C PRO D 459 -2.75 36.49 -5.72
N GLY D 460 -3.06 36.76 -4.45
CA GLY D 460 -3.09 38.11 -3.93
C GLY D 460 -4.45 38.79 -3.99
N LEU D 461 -5.34 38.33 -4.88
CA LEU D 461 -6.67 38.91 -4.97
C LEU D 461 -7.45 38.70 -3.67
N PHE D 462 -7.55 37.45 -3.23
CA PHE D 462 -8.32 37.11 -2.04
C PHE D 462 -7.39 36.83 -0.85
N LYS D 463 -7.96 37.00 0.35
CA LYS D 463 -7.20 36.77 1.58
C LYS D 463 -7.16 35.29 1.95
N ALA D 464 -8.20 34.54 1.60
CA ALA D 464 -8.27 33.11 1.87
C ALA D 464 -9.37 32.52 1.01
N GLY D 465 -9.34 31.21 0.86
CA GLY D 465 -10.29 30.52 0.01
C GLY D 465 -10.84 29.27 0.66
N VAL D 466 -12.12 29.01 0.37
CA VAL D 466 -12.81 27.79 0.77
C VAL D 466 -13.28 27.10 -0.51
N ALA D 467 -12.84 25.86 -0.70
CA ALA D 467 -13.19 25.09 -1.89
C ALA D 467 -13.88 23.81 -1.46
N GLY D 468 -15.13 23.64 -1.88
CA GLY D 468 -15.90 22.48 -1.48
C GLY D 468 -16.25 21.56 -2.63
N ALA D 469 -16.06 20.25 -2.43
CA ALA D 469 -16.39 19.24 -3.43
C ALA D 469 -15.84 19.62 -4.81
N SER D 470 -14.59 20.07 -4.83
CA SER D 470 -14.03 20.70 -6.01
C SER D 470 -13.52 19.65 -7.00
N VAL D 471 -13.24 20.12 -8.22
CA VAL D 471 -12.57 19.33 -9.26
C VAL D 471 -11.14 19.84 -9.36
N VAL D 472 -10.17 18.93 -9.27
CA VAL D 472 -8.77 19.31 -9.13
C VAL D 472 -8.03 19.16 -10.46
N ASP D 473 -8.48 18.24 -11.31
CA ASP D 473 -7.77 17.94 -12.55
C ASP D 473 -8.79 17.49 -13.59
N TRP D 474 -8.98 18.29 -14.65
CA TRP D 474 -9.93 17.94 -15.70
C TRP D 474 -9.44 16.74 -16.51
N GLU D 475 -8.14 16.71 -16.82
CA GLU D 475 -7.57 15.57 -17.55
C GLU D 475 -7.84 14.26 -16.81
N GLU D 476 -7.50 14.22 -15.52
CA GLU D 476 -7.78 13.02 -14.72
C GLU D 476 -9.29 12.78 -14.62
N MET D 477 -10.07 13.85 -14.40
CA MET D 477 -11.51 13.68 -14.23
C MET D 477 -12.17 13.17 -15.51
N TYR D 478 -11.73 13.69 -16.66
CA TYR D 478 -12.32 13.25 -17.94
C TYR D 478 -12.16 11.76 -18.12
N GLU D 479 -10.96 11.23 -17.91
CA GLU D 479 -10.74 9.79 -18.04
C GLU D 479 -11.39 9.03 -16.89
N LEU D 480 -11.46 9.62 -15.71
CA LEU D 480 -12.07 8.96 -14.55
C LEU D 480 -13.59 8.91 -14.62
N SER D 481 -14.22 9.83 -15.35
CA SER D 481 -15.68 9.95 -15.33
C SER D 481 -16.33 9.13 -16.45
N ALA D 483 -20.25 8.65 -18.47
CA ALA D 483 -20.69 9.09 -19.79
C ALA D 483 -21.18 10.53 -19.74
N ALA D 484 -22.12 10.80 -18.83
CA ALA D 484 -22.67 12.14 -18.69
C ALA D 484 -21.59 13.16 -18.37
N PHE D 485 -20.83 12.92 -17.30
CA PHE D 485 -19.80 13.87 -16.87
C PHE D 485 -18.71 14.02 -17.94
N ARG D 486 -18.26 12.91 -18.52
CA ARG D 486 -17.23 12.98 -19.55
C ARG D 486 -17.69 13.81 -20.74
N ASN D 487 -18.95 13.64 -21.17
CA ASN D 487 -19.50 14.45 -22.25
C ASN D 487 -19.44 15.94 -21.91
N PHE D 488 -19.84 16.30 -20.69
CA PHE D 488 -19.78 17.71 -20.29
C PHE D 488 -18.35 18.23 -20.22
N ILE D 489 -17.42 17.42 -19.70
CA ILE D 489 -16.03 17.85 -19.61
C ILE D 489 -15.45 18.10 -20.99
N GLU D 490 -15.82 17.27 -21.96
CA GLU D 490 -15.40 17.48 -23.34
C GLU D 490 -15.91 18.82 -23.88
N GLN D 491 -17.23 19.04 -23.82
CA GLN D 491 -17.78 20.30 -24.31
C GLN D 491 -17.27 21.51 -23.52
N LEU D 492 -16.99 21.34 -22.23
CA LEU D 492 -16.50 22.47 -21.43
C LEU D 492 -15.08 22.83 -21.82
N THR D 493 -14.22 21.83 -21.98
CA THR D 493 -12.82 22.05 -22.34
C THR D 493 -12.62 22.08 -23.84
N GLY D 494 -13.69 21.94 -24.63
CA GLY D 494 -13.61 21.99 -26.08
C GLY D 494 -13.01 20.77 -26.73
N GLY D 495 -12.40 19.87 -25.96
CA GLY D 495 -11.68 18.73 -26.50
C GLY D 495 -10.19 18.88 -26.52
N SER D 496 -9.66 20.00 -26.00
CA SER D 496 -8.22 20.25 -25.98
C SER D 496 -7.65 19.67 -24.69
N ARG D 497 -6.82 18.63 -24.82
CA ARG D 497 -6.15 18.09 -23.65
C ARG D 497 -5.23 19.12 -23.01
N GLU D 498 -4.69 20.03 -23.82
CA GLU D 498 -3.91 21.13 -23.27
C GLU D 498 -4.78 22.01 -22.37
N ILE D 499 -5.99 22.33 -22.82
CA ILE D 499 -6.91 23.11 -21.99
C ILE D 499 -7.28 22.32 -20.74
N MET D 500 -7.51 21.01 -20.88
CA MET D 500 -7.83 20.20 -19.71
C MET D 500 -6.72 20.28 -18.67
N ARG D 501 -5.47 20.25 -19.10
CA ARG D 501 -4.35 20.29 -18.17
C ARG D 501 -4.01 21.70 -17.72
N SER D 502 -4.16 22.69 -18.61
CA SER D 502 -3.75 24.05 -18.27
C SER D 502 -4.72 24.70 -17.28
N ARG D 503 -6.00 24.38 -17.36
CA ARG D 503 -6.99 24.92 -16.44
C ARG D 503 -7.09 24.12 -15.14
N SER D 504 -6.53 22.92 -15.09
CA SER D 504 -6.56 22.11 -13.88
C SER D 504 -5.68 22.73 -12.80
N PRO D 505 -6.23 23.08 -11.62
CA PRO D 505 -5.42 23.76 -10.60
C PRO D 505 -4.37 22.89 -9.94
N ILE D 506 -4.41 21.57 -10.14
CA ILE D 506 -3.40 20.69 -9.54
C ILE D 506 -2.02 20.96 -10.12
N ASN D 507 -1.96 21.54 -11.33
CA ASN D 507 -0.72 21.76 -12.03
C ASN D 507 -0.11 23.13 -11.75
N HIS D 508 -0.76 23.97 -10.93
CA HIS D 508 -0.27 25.30 -10.63
C HIS D 508 -0.21 25.56 -9.13
N VAL D 509 -0.04 24.49 -8.33
CA VAL D 509 -0.03 24.63 -6.88
C VAL D 509 1.12 25.51 -6.40
N ASP D 510 2.19 25.61 -7.18
CA ASP D 510 3.34 26.42 -6.78
C ASP D 510 2.97 27.88 -6.56
N ARG D 511 1.90 28.34 -7.22
CA ARG D 511 1.53 29.75 -7.20
C ARG D 511 0.65 30.15 -6.03
N ILE D 512 0.04 29.19 -5.33
CA ILE D 512 -0.85 29.52 -4.22
C ILE D 512 -0.09 30.24 -3.12
N LYS D 513 -0.69 31.31 -2.60
CA LYS D 513 -0.05 32.12 -1.57
C LYS D 513 -0.94 32.43 -0.37
N GLU D 514 -2.23 32.14 -0.43
CA GLU D 514 -3.13 32.44 0.66
C GLU D 514 -3.73 31.17 1.26
N PRO D 515 -4.17 31.21 2.52
CA PRO D 515 -4.71 30.01 3.15
C PRO D 515 -5.90 29.44 2.39
N LEU D 516 -5.99 28.11 2.38
CA LEU D 516 -7.00 27.37 1.63
C LEU D 516 -7.66 26.36 2.54
N ALA D 517 -9.00 26.35 2.56
CA ALA D 517 -9.77 25.38 3.32
C ALA D 517 -10.48 24.46 2.35
N LEU D 518 -10.23 23.16 2.48
CA LEU D 518 -10.81 22.14 1.62
C LEU D 518 -11.91 21.42 2.38
N ILE D 519 -13.10 21.35 1.80
CA ILE D 519 -14.21 20.59 2.36
C ILE D 519 -14.64 19.58 1.29
N HIS D 520 -14.56 18.30 1.62
CA HIS D 520 -14.74 17.30 0.58
C HIS D 520 -15.46 16.05 1.09
N PRO D 521 -16.38 15.51 0.31
CA PRO D 521 -17.01 14.23 0.68
C PRO D 521 -16.01 13.09 0.61
N GLN D 522 -16.22 12.09 1.46
CA GLN D 522 -15.31 10.96 1.57
C GLN D 522 -15.65 9.82 0.61
N ASN D 523 -16.91 9.73 0.16
CA ASN D 523 -17.36 8.62 -0.66
C ASN D 523 -18.35 9.10 -1.73
N ALA D 524 -17.92 10.05 -2.54
CA ALA D 524 -18.75 10.61 -3.61
C ALA D 524 -18.20 10.18 -4.96
N SER D 525 -19.06 9.60 -5.79
CA SER D 525 -18.63 9.10 -7.09
C SER D 525 -18.40 10.23 -8.09
N ARG D 526 -19.19 11.30 -8.02
CA ARG D 526 -19.03 12.40 -8.95
C ARG D 526 -17.85 13.30 -8.60
N THR D 527 -17.43 13.32 -7.34
CA THR D 527 -16.26 14.07 -6.89
C THR D 527 -15.40 13.13 -6.05
N PRO D 528 -14.58 12.30 -6.70
CA PRO D 528 -13.80 11.30 -5.96
C PRO D 528 -12.80 11.95 -5.01
N LEU D 529 -12.43 11.19 -3.98
CA LEU D 529 -11.52 11.69 -2.96
C LEU D 529 -10.06 11.53 -3.35
N LYS D 530 -9.72 10.48 -4.11
CA LYS D 530 -8.34 10.24 -4.51
C LYS D 530 -7.66 11.46 -5.14
N PRO D 531 -8.26 12.18 -6.09
CA PRO D 531 -7.59 13.38 -6.60
C PRO D 531 -7.36 14.46 -5.55
N LEU D 532 -8.28 14.59 -4.59
CA LEU D 532 -8.08 15.61 -3.55
C LEU D 532 -6.93 15.22 -2.63
N LEU D 533 -6.77 13.92 -2.34
CA LEU D 533 -5.60 13.49 -1.58
C LEU D 533 -4.31 13.85 -2.31
N ARG D 534 -4.31 13.76 -3.65
CA ARG D 534 -3.15 14.18 -4.42
C ARG D 534 -2.91 15.67 -4.27
N LEU D 535 -3.98 16.48 -4.28
CA LEU D 535 -3.82 17.91 -4.09
C LEU D 535 -3.28 18.24 -2.70
N MET D 536 -3.79 17.57 -1.67
CA MET D 536 -3.27 17.80 -0.32
C MET D 536 -1.81 17.39 -0.22
N GLY D 537 -1.43 16.29 -0.86
CA GLY D 537 -0.03 15.91 -0.90
C GLY D 537 0.82 16.94 -1.62
N GLU D 538 0.31 17.50 -2.71
CA GLU D 538 1.05 18.52 -3.44
C GLU D 538 1.15 19.82 -2.63
N LEU D 539 0.07 20.17 -1.91
CA LEU D 539 0.13 21.33 -1.03
C LEU D 539 1.16 21.15 0.07
N LEU D 540 1.21 19.96 0.67
CA LEU D 540 2.13 19.71 1.77
C LEU D 540 3.58 19.73 1.31
N ALA D 541 3.87 19.13 0.16
CA ALA D 541 5.25 19.10 -0.33
C ALA D 541 5.78 20.48 -0.64
N ARG D 542 4.91 21.45 -0.91
CA ARG D 542 5.32 22.81 -1.25
C ARG D 542 5.13 23.79 -0.10
N GLY D 543 4.83 23.29 1.09
CA GLY D 543 4.70 24.16 2.25
C GLY D 543 3.51 25.09 2.22
N LYS D 544 2.43 24.69 1.55
CA LYS D 544 1.25 25.54 1.43
C LYS D 544 0.36 25.34 2.66
N THR D 545 -0.02 26.44 3.29
CA THR D 545 -0.94 26.39 4.42
C THR D 545 -2.32 25.95 3.94
N PHE D 546 -2.89 24.95 4.62
CA PHE D 546 -4.23 24.52 4.22
C PHE D 546 -4.93 23.82 5.38
N GLU D 547 -6.25 23.91 5.36
CA GLU D 547 -7.14 23.21 6.27
C GLU D 547 -7.99 22.25 5.45
N ALA D 548 -8.30 21.09 6.01
CA ALA D 548 -9.00 20.05 5.26
C ALA D 548 -10.05 19.38 6.13
N HIS D 549 -11.21 19.13 5.54
CA HIS D 549 -12.32 18.46 6.23
C HIS D 549 -12.94 17.46 5.28
N ILE D 550 -12.76 16.17 5.58
CA ILE D 550 -13.22 15.08 4.73
C ILE D 550 -14.33 14.36 5.48
N ILE D 551 -15.54 14.41 4.96
CA ILE D 551 -16.70 13.86 5.67
C ILE D 551 -17.45 12.88 4.78
N PRO D 552 -17.79 11.70 5.26
CA PRO D 552 -18.60 10.77 4.45
C PRO D 552 -20.02 11.26 4.31
N ASP D 553 -20.62 10.95 3.16
CA ASP D 553 -22.02 11.24 2.87
C ASP D 553 -22.31 12.74 2.93
N ALA D 554 -21.49 13.50 2.21
CA ALA D 554 -21.65 14.95 2.14
C ALA D 554 -22.50 15.36 0.93
N ALA D 557 -25.90 20.29 -0.70
CA ALA D 557 -27.27 20.05 -0.28
C ALA D 557 -27.42 20.17 1.24
N ILE D 558 -27.78 21.35 1.71
CA ILE D 558 -27.92 21.62 3.14
C ILE D 558 -29.42 21.57 3.46
N ASN D 559 -29.89 20.40 3.88
CA ASN D 559 -31.26 20.24 4.35
C ASN D 559 -31.36 20.20 5.87
N THR D 560 -30.45 19.49 6.52
CA THR D 560 -30.49 19.28 7.97
C THR D 560 -29.34 20.02 8.63
N MET D 561 -29.45 20.16 9.95
CA MET D 561 -28.34 20.70 10.74
C MET D 561 -27.09 19.82 10.60
N GLU D 562 -27.28 18.50 10.51
CA GLU D 562 -26.14 17.62 10.29
C GLU D 562 -25.41 17.96 8.99
N ASP D 563 -26.16 18.28 7.93
CA ASP D 563 -25.52 18.71 6.69
C ASP D 563 -24.75 20.00 6.89
N ALA D 564 -25.33 20.95 7.61
CA ALA D 564 -24.64 22.22 7.86
C ALA D 564 -23.38 22.00 8.68
N VAL D 565 -23.43 21.11 9.67
CA VAL D 565 -22.24 20.81 10.46
C VAL D 565 -21.15 20.23 9.58
N LYS D 566 -21.52 19.36 8.65
CA LYS D 566 -20.51 18.70 7.82
C LYS D 566 -19.90 19.66 6.82
N ILE D 567 -20.73 20.45 6.15
CA ILE D 567 -20.34 21.16 4.94
C ILE D 567 -20.23 22.66 5.14
N LEU D 568 -21.03 23.26 6.03
CA LEU D 568 -21.11 24.71 6.15
C LEU D 568 -20.31 25.25 7.31
N LEU D 569 -20.50 24.69 8.52
CA LEU D 569 -19.78 25.18 9.68
C LEU D 569 -18.26 25.23 9.50
N PRO D 570 -17.60 24.23 8.90
CA PRO D 570 -16.15 24.36 8.70
C PRO D 570 -15.76 25.56 7.86
N ALA D 571 -16.55 25.89 6.84
CA ALA D 571 -16.24 27.04 5.99
C ALA D 571 -16.38 28.34 6.77
N VAL D 572 -17.48 28.51 7.49
CA VAL D 572 -17.72 29.74 8.23
C VAL D 572 -16.71 29.89 9.37
N PHE D 573 -16.43 28.80 10.09
CA PHE D 573 -15.42 28.85 11.14
C PHE D 573 -14.07 29.27 10.58
N PHE D 574 -13.68 28.69 9.45
CA PHE D 574 -12.42 29.04 8.82
C PHE D 574 -12.38 30.52 8.45
N LEU D 575 -13.43 31.01 7.78
CA LEU D 575 -13.47 32.42 7.41
C LEU D 575 -13.49 33.32 8.63
N ALA D 576 -14.12 32.88 9.72
CA ALA D 576 -14.16 33.69 10.93
C ALA D 576 -12.78 33.82 11.56
N THR D 577 -12.01 32.73 11.60
CA THR D 577 -10.66 32.83 12.15
C THR D 577 -9.70 33.48 11.17
N GLN D 578 -9.96 33.38 9.87
CA GLN D 578 -9.14 34.07 8.89
C GLN D 578 -9.29 35.58 9.03
N ARG D 579 -10.43 36.04 9.53
CA ARG D 579 -10.68 37.45 9.80
C ARG D 579 -10.02 37.94 11.08
N GLU D 580 -9.36 37.05 11.83
CA GLU D 580 -8.74 37.39 13.11
C GLU D 580 -9.72 38.08 14.06
#